data_9CB2
#
_entry.id   9CB2
#
_entity_poly.entity_id   1
_entity_poly.type   'polypeptide(L)'
_entity_poly.pdbx_seq_one_letter_code
;MDVQAFLTSQLEYYFSIENLSKDMFLRKHMDDEGYVPLAFLASFNRIKSFSTDLNLLHAAAKASDIIDVAEDLQSPMSIK
VRRKETWSPWILPSESRLKFEMAKYLEHHHHHH
;
_entity_poly.pdbx_strand_id   A
#
# COMPACT_ATOMS: atom_id res chain seq x y z
N MET A 1 14.97 -14.27 1.81
CA MET A 1 15.20 -13.41 0.65
C MET A 1 15.89 -12.11 1.07
N ASP A 2 16.06 -11.21 0.11
CA ASP A 2 16.60 -9.89 0.40
C ASP A 2 15.56 -8.98 1.01
N VAL A 3 15.99 -7.89 1.62
CA VAL A 3 15.09 -6.93 2.25
C VAL A 3 14.10 -6.37 1.24
N GLN A 4 14.61 -6.00 0.07
CA GLN A 4 13.77 -5.47 -1.00
C GLN A 4 12.72 -6.49 -1.43
N ALA A 5 13.15 -7.74 -1.61
CA ALA A 5 12.26 -8.81 -2.04
C ALA A 5 11.12 -9.02 -1.05
N PHE A 6 11.46 -9.00 0.24
CA PHE A 6 10.46 -9.19 1.29
C PHE A 6 9.46 -8.04 1.30
N LEU A 7 9.97 -6.82 1.24
CA LEU A 7 9.13 -5.63 1.30
C LEU A 7 8.17 -5.58 0.11
N THR A 8 8.67 -5.95 -1.06
CA THR A 8 7.86 -5.99 -2.26
C THR A 8 6.78 -7.05 -2.16
N SER A 9 7.15 -8.23 -1.66
CA SER A 9 6.22 -9.33 -1.52
C SER A 9 5.09 -8.97 -0.55
N GLN A 10 5.45 -8.30 0.55
CA GLN A 10 4.47 -7.90 1.54
C GLN A 10 3.51 -6.86 0.98
N LEU A 11 4.05 -5.92 0.22
CA LEU A 11 3.23 -4.87 -0.39
C LEU A 11 2.22 -5.48 -1.36
N GLU A 12 2.67 -6.42 -2.17
CA GLU A 12 1.77 -7.15 -3.07
C GLU A 12 0.72 -7.91 -2.29
N TYR A 13 1.12 -8.51 -1.17
CA TYR A 13 0.21 -9.29 -0.34
C TYR A 13 -0.85 -8.39 0.30
N TYR A 14 -0.43 -7.19 0.70
CA TYR A 14 -1.29 -6.31 1.48
C TYR A 14 -2.56 -5.95 0.69
N PHE A 15 -2.41 -5.85 -0.62
CA PHE A 15 -3.52 -5.45 -1.48
C PHE A 15 -4.19 -6.67 -2.12
N SER A 16 -3.83 -7.86 -1.64
CA SER A 16 -4.39 -9.09 -2.15
C SER A 16 -5.82 -9.29 -1.64
N ILE A 17 -6.60 -10.08 -2.37
CA ILE A 17 -7.97 -10.37 -1.99
C ILE A 17 -8.04 -11.01 -0.61
N GLU A 18 -7.09 -11.92 -0.34
CA GLU A 18 -7.07 -12.63 0.93
C GLU A 18 -6.84 -11.66 2.09
N ASN A 19 -5.90 -10.75 1.91
CA ASN A 19 -5.57 -9.79 2.95
C ASN A 19 -6.70 -8.77 3.14
N LEU A 20 -7.22 -8.28 2.02
CA LEU A 20 -8.22 -7.21 2.05
C LEU A 20 -9.50 -7.71 2.72
N SER A 21 -9.86 -8.96 2.48
CA SER A 21 -11.04 -9.55 3.07
C SER A 21 -10.94 -9.59 4.59
N LYS A 22 -9.71 -9.63 5.09
CA LYS A 22 -9.47 -9.73 6.52
C LYS A 22 -9.09 -8.37 7.11
N ASP A 23 -8.57 -7.49 6.27
CA ASP A 23 -8.04 -6.21 6.72
C ASP A 23 -8.91 -5.06 6.24
N MET A 24 -9.88 -4.68 7.06
CA MET A 24 -10.82 -3.61 6.72
C MET A 24 -10.12 -2.25 6.74
N PHE A 25 -9.06 -2.15 7.53
CA PHE A 25 -8.39 -0.88 7.76
C PHE A 25 -7.85 -0.31 6.45
N LEU A 26 -7.27 -1.18 5.63
CA LEU A 26 -6.73 -0.79 4.34
C LEU A 26 -7.81 -0.20 3.44
N ARG A 27 -8.97 -0.86 3.43
CA ARG A 27 -10.08 -0.42 2.60
C ARG A 27 -10.59 0.94 3.06
N LYS A 28 -10.68 1.13 4.37
CA LYS A 28 -11.22 2.36 4.93
C LYS A 28 -10.34 3.55 4.59
N HIS A 29 -9.05 3.29 4.40
CA HIS A 29 -8.07 4.36 4.17
C HIS A 29 -7.86 4.58 2.68
N MET A 30 -8.72 3.98 1.86
CA MET A 30 -8.69 4.20 0.42
C MET A 30 -9.38 5.50 0.05
N ASP A 31 -8.85 6.18 -0.97
CA ASP A 31 -9.52 7.34 -1.54
C ASP A 31 -10.39 6.94 -2.73
N ASP A 32 -10.87 7.94 -3.46
CA ASP A 32 -11.82 7.71 -4.54
C ASP A 32 -11.18 6.90 -5.67
N GLU A 33 -9.85 6.91 -5.71
CA GLU A 33 -9.13 6.22 -6.77
C GLU A 33 -8.53 4.91 -6.26
N GLY A 34 -8.88 4.56 -5.02
CA GLY A 34 -8.43 3.29 -4.47
C GLY A 34 -6.95 3.31 -4.12
N TYR A 35 -6.43 4.49 -3.82
CA TYR A 35 -5.03 4.64 -3.43
C TYR A 35 -4.88 4.62 -1.92
N VAL A 36 -3.80 4.02 -1.45
CA VAL A 36 -3.46 4.05 -0.03
C VAL A 36 -2.09 4.65 0.21
N PRO A 37 -2.02 5.63 1.12
CA PRO A 37 -0.78 6.37 1.41
C PRO A 37 0.35 5.45 1.85
N LEU A 38 1.53 5.66 1.30
CA LEU A 38 2.71 4.89 1.69
C LEU A 38 2.94 4.96 3.19
N ALA A 39 2.69 6.13 3.77
CA ALA A 39 2.95 6.35 5.18
C ALA A 39 2.12 5.41 6.05
N PHE A 40 0.95 5.02 5.55
CA PHE A 40 0.07 4.12 6.27
C PHE A 40 0.58 2.68 6.19
N LEU A 41 1.10 2.30 5.04
CA LEU A 41 1.68 0.97 4.86
C LEU A 41 2.92 0.79 5.71
N ALA A 42 3.66 1.88 5.91
CA ALA A 42 4.89 1.84 6.69
C ALA A 42 4.61 1.51 8.14
N SER A 43 3.35 1.68 8.55
CA SER A 43 2.96 1.50 9.94
C SER A 43 2.76 0.02 10.26
N PHE A 44 2.91 -0.83 9.26
CA PHE A 44 2.80 -2.26 9.45
C PHE A 44 4.06 -2.82 10.10
N ASN A 45 3.87 -3.54 11.20
CA ASN A 45 5.00 -4.01 12.00
C ASN A 45 5.94 -4.89 11.18
N ARG A 46 5.37 -5.62 10.23
CA ARG A 46 6.16 -6.45 9.32
C ARG A 46 7.13 -5.60 8.52
N ILE A 47 6.69 -4.40 8.13
CA ILE A 47 7.52 -3.50 7.35
C ILE A 47 8.55 -2.80 8.24
N LYS A 48 8.12 -2.36 9.42
CA LYS A 48 8.98 -1.61 10.31
C LYS A 48 10.15 -2.47 10.80
N SER A 49 9.90 -3.76 10.95
CA SER A 49 10.93 -4.68 11.42
C SER A 49 12.10 -4.73 10.46
N PHE A 50 11.81 -4.59 9.18
CA PHE A 50 12.84 -4.63 8.14
C PHE A 50 13.41 -3.24 7.88
N SER A 51 12.53 -2.25 7.82
CA SER A 51 12.92 -0.88 7.54
C SER A 51 11.77 0.10 7.79
N THR A 52 12.10 1.28 8.30
CA THR A 52 11.12 2.34 8.46
C THR A 52 11.29 3.42 7.40
N ASP A 53 12.19 3.17 6.45
CA ASP A 53 12.53 4.16 5.44
C ASP A 53 11.54 4.13 4.28
N LEU A 54 10.78 5.21 4.14
CA LEU A 54 9.76 5.29 3.10
C LEU A 54 10.39 5.15 1.71
N ASN A 55 11.64 5.60 1.58
CA ASN A 55 12.33 5.57 0.31
C ASN A 55 12.56 4.13 -0.15
N LEU A 56 12.95 3.27 0.79
CA LEU A 56 13.17 1.87 0.49
C LEU A 56 11.85 1.16 0.20
N LEU A 57 10.84 1.49 0.99
CA LEU A 57 9.50 0.93 0.79
C LEU A 57 8.93 1.35 -0.57
N HIS A 58 9.15 2.61 -0.92
CA HIS A 58 8.73 3.12 -2.23
C HIS A 58 9.43 2.36 -3.36
N ALA A 59 10.73 2.16 -3.21
CA ALA A 59 11.50 1.40 -4.18
C ALA A 59 10.97 -0.02 -4.31
N ALA A 60 10.57 -0.60 -3.19
CA ALA A 60 10.00 -1.95 -3.17
C ALA A 60 8.67 -1.98 -3.93
N ALA A 61 7.87 -0.94 -3.78
CA ALA A 61 6.60 -0.83 -4.48
C ALA A 61 6.82 -0.73 -5.99
N LYS A 62 7.84 0.01 -6.39
CA LYS A 62 8.13 0.20 -7.80
C LYS A 62 8.61 -1.09 -8.45
N ALA A 63 9.11 -2.01 -7.62
CA ALA A 63 9.70 -3.24 -8.12
C ALA A 63 8.61 -4.25 -8.50
N SER A 64 7.37 -3.91 -8.18
CA SER A 64 6.24 -4.77 -8.51
C SER A 64 5.60 -4.33 -9.83
N ASP A 65 5.21 -5.30 -10.65
CA ASP A 65 4.64 -5.02 -11.96
C ASP A 65 3.12 -4.89 -11.86
N ILE A 66 2.58 -5.13 -10.68
CA ILE A 66 1.13 -5.11 -10.47
C ILE A 66 0.73 -3.97 -9.53
N ILE A 67 1.70 -3.14 -9.18
CA ILE A 67 1.44 -2.00 -8.31
C ILE A 67 1.70 -0.68 -9.04
N ASP A 68 0.82 0.29 -8.86
CA ASP A 68 0.99 1.61 -9.44
C ASP A 68 1.19 2.66 -8.34
N VAL A 69 2.19 3.51 -8.52
CA VAL A 69 2.56 4.48 -7.50
C VAL A 69 2.32 5.91 -7.99
N ALA A 70 1.61 6.70 -7.18
CA ALA A 70 1.39 8.10 -7.48
C ALA A 70 2.23 9.00 -6.56
N GLU A 71 3.04 9.86 -7.17
CA GLU A 71 3.99 10.66 -6.40
C GLU A 71 3.44 12.07 -6.17
N ASP A 72 3.75 12.63 -5.00
CA ASP A 72 3.43 14.02 -4.71
C ASP A 72 4.69 14.81 -4.35
N LEU A 73 5.07 15.73 -5.23
CA LEU A 73 6.34 16.44 -5.10
C LEU A 73 6.37 17.27 -3.82
N GLN A 74 5.19 17.53 -3.27
CA GLN A 74 5.06 18.46 -2.14
C GLN A 74 5.49 17.78 -0.84
N SER A 75 5.45 16.44 -0.83
CA SER A 75 5.82 15.68 0.35
C SER A 75 6.00 14.21 0.02
N PRO A 76 7.09 13.61 0.54
CA PRO A 76 7.35 12.18 0.39
C PRO A 76 6.32 11.32 1.12
N MET A 77 5.65 11.93 2.10
CA MET A 77 4.66 11.21 2.90
C MET A 77 3.30 11.19 2.20
N SER A 78 3.20 11.94 1.10
CA SER A 78 1.94 12.04 0.36
C SER A 78 1.95 11.10 -0.85
N ILE A 79 2.96 10.24 -0.91
CA ILE A 79 3.06 9.24 -1.97
C ILE A 79 2.13 8.07 -1.70
N LYS A 80 1.27 7.76 -2.67
CA LYS A 80 0.27 6.71 -2.52
C LYS A 80 0.50 5.59 -3.51
N VAL A 81 0.05 4.39 -3.16
CA VAL A 81 0.15 3.24 -4.06
C VAL A 81 -1.16 2.48 -4.13
N ARG A 82 -1.34 1.72 -5.21
CA ARG A 82 -2.47 0.80 -5.31
C ARG A 82 -2.10 -0.42 -6.17
N ARG A 83 -2.75 -1.54 -5.91
CA ARG A 83 -2.67 -2.69 -6.79
C ARG A 83 -3.69 -2.59 -7.93
N LYS A 84 -3.29 -3.03 -9.12
CA LYS A 84 -4.19 -3.04 -10.27
C LYS A 84 -5.45 -3.86 -9.98
N GLU A 85 -6.60 -3.30 -10.32
CA GLU A 85 -7.87 -3.99 -10.11
C GLU A 85 -8.03 -5.16 -11.10
N THR A 86 -8.70 -6.21 -10.64
CA THR A 86 -8.95 -7.37 -11.49
C THR A 86 -10.44 -7.58 -11.69
N TRP A 87 -11.16 -7.78 -10.59
CA TRP A 87 -12.58 -8.12 -10.65
C TRP A 87 -13.44 -6.95 -10.24
N SER A 88 -13.08 -6.29 -9.15
CA SER A 88 -13.88 -5.21 -8.59
C SER A 88 -13.05 -4.35 -7.63
N PRO A 89 -13.44 -3.08 -7.49
CA PRO A 89 -12.86 -2.18 -6.51
C PRO A 89 -13.21 -2.56 -5.07
N TRP A 90 -12.33 -2.23 -4.14
CA TRP A 90 -12.58 -2.50 -2.72
C TRP A 90 -12.78 -1.20 -1.95
N ILE A 91 -13.19 -0.16 -2.66
CA ILE A 91 -13.36 1.16 -2.05
C ILE A 91 -14.65 1.22 -1.23
N LEU A 92 -14.55 1.72 0.00
CA LEU A 92 -15.71 1.84 0.88
C LEU A 92 -16.33 3.23 0.79
N PRO A 93 -17.62 3.33 1.12
CA PRO A 93 -18.34 4.60 1.14
C PRO A 93 -17.64 5.65 2.01
N SER A 94 -17.75 6.91 1.61
CA SER A 94 -17.05 7.99 2.30
C SER A 94 -17.31 7.94 3.79
N GLU A 95 -18.55 7.60 4.17
CA GLU A 95 -18.96 7.62 5.56
C GLU A 95 -18.25 6.53 6.36
N SER A 96 -17.77 5.51 5.65
CA SER A 96 -17.13 4.37 6.30
C SER A 96 -15.63 4.57 6.39
N ARG A 97 -15.13 5.61 5.72
CA ARG A 97 -13.69 5.82 5.61
C ARG A 97 -13.13 6.44 6.88
N LEU A 98 -11.82 6.31 7.07
CA LEU A 98 -11.15 6.92 8.21
C LEU A 98 -10.12 7.94 7.75
N MET A 1 18.62 -12.99 0.60
CA MET A 1 17.34 -12.31 0.41
C MET A 1 17.51 -10.80 0.53
N ASP A 2 17.18 -10.09 -0.54
CA ASP A 2 17.29 -8.64 -0.57
C ASP A 2 16.12 -8.00 0.18
N VAL A 3 16.40 -6.89 0.87
CA VAL A 3 15.37 -6.17 1.60
C VAL A 3 14.24 -5.72 0.67
N GLN A 4 14.62 -5.28 -0.54
CA GLN A 4 13.64 -4.85 -1.52
C GLN A 4 12.71 -5.99 -1.90
N ALA A 5 13.28 -7.15 -2.15
CA ALA A 5 12.51 -8.32 -2.57
C ALA A 5 11.50 -8.71 -1.49
N PHE A 6 11.93 -8.70 -0.24
CA PHE A 6 11.08 -9.08 0.88
C PHE A 6 9.94 -8.08 1.04
N LEU A 7 10.27 -6.80 1.01
CA LEU A 7 9.27 -5.74 1.19
C LEU A 7 8.24 -5.78 0.06
N THR A 8 8.71 -6.05 -1.15
CA THR A 8 7.83 -6.13 -2.31
C THR A 8 6.86 -7.30 -2.17
N SER A 9 7.37 -8.44 -1.74
CA SER A 9 6.55 -9.63 -1.56
C SER A 9 5.48 -9.39 -0.50
N GLN A 10 5.86 -8.71 0.58
CA GLN A 10 4.94 -8.41 1.67
C GLN A 10 3.85 -7.45 1.20
N LEU A 11 4.24 -6.44 0.45
CA LEU A 11 3.29 -5.44 -0.04
C LEU A 11 2.28 -6.07 -0.99
N GLU A 12 2.76 -6.92 -1.89
CA GLU A 12 1.88 -7.62 -2.82
C GLU A 12 0.90 -8.52 -2.07
N TYR A 13 1.39 -9.17 -1.02
CA TYR A 13 0.55 -10.02 -0.18
C TYR A 13 -0.50 -9.19 0.57
N TYR A 14 -0.07 -8.03 1.07
CA TYR A 14 -0.93 -7.18 1.87
C TYR A 14 -2.10 -6.65 1.04
N PHE A 15 -1.85 -6.43 -0.25
CA PHE A 15 -2.86 -5.86 -1.14
C PHE A 15 -3.60 -6.96 -1.89
N SER A 16 -3.41 -8.21 -1.44
CA SER A 16 -4.11 -9.34 -2.04
C SER A 16 -5.60 -9.28 -1.74
N ILE A 17 -6.41 -9.86 -2.62
CA ILE A 17 -7.85 -9.82 -2.47
C ILE A 17 -8.29 -10.47 -1.16
N GLU A 18 -7.67 -11.59 -0.82
CA GLU A 18 -8.00 -12.31 0.40
C GLU A 18 -7.70 -11.48 1.63
N ASN A 19 -6.53 -10.85 1.64
CA ASN A 19 -6.10 -10.03 2.77
C ASN A 19 -6.97 -8.79 2.91
N LEU A 20 -7.28 -8.16 1.78
CA LEU A 20 -8.06 -6.92 1.78
C LEU A 20 -9.48 -7.19 2.30
N SER A 21 -10.03 -8.33 1.94
CA SER A 21 -11.37 -8.71 2.38
C SER A 21 -11.42 -8.88 3.89
N LYS A 22 -10.27 -9.18 4.47
CA LYS A 22 -10.19 -9.42 5.91
C LYS A 22 -9.64 -8.20 6.64
N ASP A 23 -8.90 -7.37 5.91
CA ASP A 23 -8.20 -6.24 6.50
C ASP A 23 -8.95 -4.93 6.24
N MET A 24 -9.86 -4.59 7.15
CA MET A 24 -10.67 -3.39 6.99
C MET A 24 -9.83 -2.12 7.11
N PHE A 25 -8.75 -2.22 7.86
CA PHE A 25 -7.91 -1.06 8.14
C PHE A 25 -7.34 -0.47 6.85
N LEU A 26 -6.90 -1.34 5.95
CA LEU A 26 -6.43 -0.92 4.64
C LEU A 26 -7.56 -0.24 3.85
N ARG A 27 -8.73 -0.86 3.86
CA ARG A 27 -9.86 -0.38 3.08
C ARG A 27 -10.33 0.98 3.60
N LYS A 28 -10.41 1.11 4.91
CA LYS A 28 -10.97 2.30 5.53
C LYS A 28 -10.15 3.53 5.20
N HIS A 29 -8.85 3.34 5.01
CA HIS A 29 -7.93 4.45 4.82
C HIS A 29 -7.72 4.72 3.33
N MET A 30 -8.55 4.12 2.49
CA MET A 30 -8.52 4.36 1.06
C MET A 30 -9.24 5.66 0.72
N ASP A 31 -8.80 6.33 -0.35
CA ASP A 31 -9.51 7.47 -0.88
C ASP A 31 -10.53 7.05 -1.93
N ASP A 32 -11.08 8.03 -2.64
CA ASP A 32 -12.17 7.77 -3.59
C ASP A 32 -11.69 6.93 -4.76
N GLU A 33 -10.37 6.92 -4.96
CA GLU A 33 -9.78 6.20 -6.09
C GLU A 33 -9.20 4.87 -5.64
N GLY A 34 -9.41 4.53 -4.37
CA GLY A 34 -8.94 3.26 -3.85
C GLY A 34 -7.44 3.23 -3.66
N TYR A 35 -6.86 4.40 -3.44
CA TYR A 35 -5.42 4.51 -3.22
C TYR A 35 -5.08 4.48 -1.73
N VAL A 36 -3.94 3.89 -1.39
CA VAL A 36 -3.47 3.87 -0.01
C VAL A 36 -2.12 4.57 0.12
N PRO A 37 -2.07 5.58 1.00
CA PRO A 37 -0.85 6.36 1.23
C PRO A 37 0.32 5.50 1.69
N LEU A 38 1.49 5.76 1.11
CA LEU A 38 2.71 5.06 1.53
C LEU A 38 2.92 5.20 3.03
N ALA A 39 2.63 6.38 3.57
CA ALA A 39 2.89 6.67 4.97
C ALA A 39 2.11 5.71 5.88
N PHE A 40 0.97 5.24 5.38
CA PHE A 40 0.14 4.31 6.15
C PHE A 40 0.75 2.91 6.14
N LEU A 41 1.31 2.52 5.01
CA LEU A 41 2.00 1.24 4.89
C LEU A 41 3.26 1.22 5.76
N ALA A 42 3.97 2.35 5.79
CA ALA A 42 5.20 2.46 6.57
C ALA A 42 4.90 2.40 8.07
N SER A 43 3.64 2.63 8.43
CA SER A 43 3.23 2.66 9.83
C SER A 43 2.95 1.25 10.34
N PHE A 44 3.08 0.27 9.46
CA PHE A 44 2.87 -1.13 9.82
C PHE A 44 4.04 -1.68 10.61
N ASN A 45 3.76 -2.15 11.82
CA ASN A 45 4.81 -2.62 12.72
C ASN A 45 5.58 -3.78 12.10
N ARG A 46 4.87 -4.57 11.30
CA ARG A 46 5.49 -5.72 10.64
C ARG A 46 6.59 -5.27 9.68
N ILE A 47 6.35 -4.18 8.96
CA ILE A 47 7.32 -3.64 8.03
C ILE A 47 8.44 -2.91 8.76
N LYS A 48 8.07 -2.17 9.80
CA LYS A 48 9.04 -1.39 10.56
C LYS A 48 10.04 -2.30 11.28
N SER A 49 9.56 -3.46 11.70
CA SER A 49 10.40 -4.43 12.39
C SER A 49 11.50 -4.96 11.48
N PHE A 50 11.20 -5.00 10.18
CA PHE A 50 12.16 -5.51 9.20
C PHE A 50 13.01 -4.37 8.63
N SER A 51 12.36 -3.24 8.36
CA SER A 51 13.04 -2.09 7.79
C SER A 51 12.22 -0.82 7.99
N THR A 52 12.89 0.25 8.45
CA THR A 52 12.24 1.53 8.64
C THR A 52 12.59 2.50 7.53
N ASP A 53 13.23 1.99 6.48
CA ASP A 53 13.72 2.82 5.40
C ASP A 53 12.61 3.10 4.38
N LEU A 54 12.05 4.30 4.45
CA LEU A 54 10.93 4.66 3.59
C LEU A 54 11.30 4.56 2.12
N ASN A 55 12.54 4.92 1.80
CA ASN A 55 13.00 4.94 0.42
C ASN A 55 12.99 3.55 -0.19
N LEU A 56 13.44 2.56 0.59
CA LEU A 56 13.44 1.17 0.15
C LEU A 56 12.02 0.64 0.03
N LEU A 57 11.15 1.05 0.95
CA LEU A 57 9.75 0.66 0.90
C LEU A 57 9.07 1.21 -0.34
N HIS A 58 9.38 2.47 -0.66
CA HIS A 58 8.85 3.10 -1.86
C HIS A 58 9.33 2.37 -3.12
N ALA A 59 10.63 2.07 -3.16
CA ALA A 59 11.21 1.31 -4.27
C ALA A 59 10.57 -0.07 -4.36
N ALA A 60 10.29 -0.68 -3.21
CA ALA A 60 9.71 -2.01 -3.17
C ALA A 60 8.31 -2.01 -3.78
N ALA A 61 7.54 -0.96 -3.50
CA ALA A 61 6.21 -0.81 -4.09
C ALA A 61 6.30 -0.62 -5.59
N LYS A 62 7.29 0.14 -6.04
CA LYS A 62 7.46 0.43 -7.45
C LYS A 62 7.98 -0.80 -8.20
N ALA A 63 8.60 -1.71 -7.45
CA ALA A 63 9.24 -2.87 -8.06
C ALA A 63 8.22 -3.95 -8.42
N SER A 64 6.98 -3.74 -7.98
CA SER A 64 5.90 -4.69 -8.26
C SER A 64 5.25 -4.38 -9.62
N ASP A 65 4.90 -5.42 -10.34
CA ASP A 65 4.32 -5.28 -11.67
C ASP A 65 2.80 -5.19 -11.59
N ILE A 66 2.26 -5.35 -10.39
CA ILE A 66 0.81 -5.34 -10.18
C ILE A 66 0.39 -4.18 -9.30
N ILE A 67 1.34 -3.29 -9.00
CA ILE A 67 1.05 -2.11 -8.20
C ILE A 67 1.37 -0.83 -8.98
N ASP A 68 0.47 0.14 -8.90
CA ASP A 68 0.72 1.45 -9.52
C ASP A 68 0.98 2.51 -8.45
N VAL A 69 2.05 3.27 -8.63
CA VAL A 69 2.50 4.22 -7.63
C VAL A 69 2.36 5.66 -8.12
N ALA A 70 1.70 6.48 -7.31
CA ALA A 70 1.56 7.90 -7.63
C ALA A 70 2.47 8.76 -6.75
N GLU A 71 3.31 9.57 -7.38
CA GLU A 71 4.31 10.34 -6.65
C GLU A 71 3.93 11.82 -6.61
N ASP A 72 4.26 12.48 -5.51
CA ASP A 72 4.08 13.93 -5.41
C ASP A 72 5.37 14.61 -4.96
N LEU A 73 5.97 15.37 -5.88
CA LEU A 73 7.29 15.96 -5.64
C LEU A 73 7.25 16.92 -4.46
N GLN A 74 6.06 17.39 -4.11
CA GLN A 74 5.92 18.43 -3.12
C GLN A 74 6.01 17.86 -1.71
N SER A 75 5.78 16.56 -1.59
CA SER A 75 5.82 15.89 -0.29
C SER A 75 5.85 14.38 -0.45
N PRO A 76 6.77 13.72 0.28
CA PRO A 76 6.85 12.25 0.31
C PRO A 76 5.63 11.62 0.97
N MET A 77 4.92 12.40 1.77
CA MET A 77 3.78 11.89 2.54
C MET A 77 2.54 11.78 1.66
N SER A 78 2.62 12.35 0.46
CA SER A 78 1.49 12.35 -0.46
C SER A 78 1.64 11.24 -1.50
N ILE A 79 2.62 10.37 -1.30
CA ILE A 79 2.85 9.24 -2.20
C ILE A 79 1.87 8.11 -1.91
N LYS A 80 1.12 7.71 -2.93
CA LYS A 80 0.09 6.69 -2.75
C LYS A 80 0.32 5.52 -3.72
N VAL A 81 -0.21 4.35 -3.36
CA VAL A 81 -0.13 3.18 -4.23
C VAL A 81 -1.50 2.52 -4.37
N ARG A 82 -1.67 1.77 -5.46
CA ARG A 82 -2.88 0.98 -5.66
C ARG A 82 -2.58 -0.29 -6.45
N ARG A 83 -3.28 -1.37 -6.11
CA ARG A 83 -3.17 -2.61 -6.87
C ARG A 83 -4.06 -2.56 -8.11
N LYS A 84 -3.59 -3.17 -9.20
CA LYS A 84 -4.36 -3.26 -10.42
C LYS A 84 -5.76 -3.82 -10.14
N GLU A 85 -6.77 -3.18 -10.71
CA GLU A 85 -8.15 -3.61 -10.53
C GLU A 85 -8.47 -4.82 -11.40
N THR A 86 -8.01 -5.99 -10.97
CA THR A 86 -8.11 -7.20 -11.77
C THR A 86 -9.57 -7.63 -11.93
N TRP A 87 -10.36 -7.42 -10.88
CA TRP A 87 -11.76 -7.80 -10.89
C TRP A 87 -12.66 -6.58 -10.66
N SER A 88 -12.28 -5.75 -9.70
CA SER A 88 -13.12 -4.63 -9.28
C SER A 88 -12.32 -3.64 -8.45
N PRO A 89 -12.75 -2.36 -8.47
CA PRO A 89 -12.20 -1.33 -7.59
C PRO A 89 -12.53 -1.57 -6.12
N TRP A 90 -11.62 -1.16 -5.25
CA TRP A 90 -11.84 -1.28 -3.80
C TRP A 90 -12.28 0.06 -3.22
N ILE A 91 -13.50 0.47 -3.56
CA ILE A 91 -14.04 1.73 -3.07
C ILE A 91 -15.22 1.50 -2.13
N LEU A 92 -15.13 2.08 -0.94
CA LEU A 92 -16.18 1.92 0.07
C LEU A 92 -16.86 3.25 0.37
N PRO A 93 -18.12 3.18 0.83
CA PRO A 93 -18.87 4.37 1.23
C PRO A 93 -18.16 5.20 2.28
N SER A 94 -18.32 6.51 2.21
CA SER A 94 -17.68 7.41 3.16
C SER A 94 -17.99 7.02 4.59
N GLU A 95 -19.23 6.59 4.83
CA GLU A 95 -19.68 6.28 6.19
C GLU A 95 -18.98 5.02 6.71
N SER A 96 -18.45 4.23 5.80
CA SER A 96 -17.79 2.97 6.17
C SER A 96 -16.32 3.21 6.50
N ARG A 97 -15.85 4.43 6.26
CA ARG A 97 -14.45 4.76 6.48
C ARG A 97 -14.24 5.29 7.91
N LEU A 98 -15.33 5.38 8.66
CA LEU A 98 -15.27 5.92 10.02
C LEU A 98 -14.95 4.83 11.03
N MET A 1 15.70 -13.48 1.24
CA MET A 1 15.86 -12.67 0.04
C MET A 1 16.49 -11.32 0.38
N ASP A 2 16.50 -10.41 -0.59
CA ASP A 2 16.99 -9.06 -0.37
C ASP A 2 15.94 -8.22 0.34
N VAL A 3 16.35 -7.08 0.89
CA VAL A 3 15.44 -6.19 1.59
C VAL A 3 14.32 -5.70 0.68
N GLN A 4 14.69 -5.31 -0.54
CA GLN A 4 13.71 -4.86 -1.52
C GLN A 4 12.73 -5.98 -1.87
N ALA A 5 13.26 -7.17 -2.09
CA ALA A 5 12.43 -8.31 -2.48
C ALA A 5 11.40 -8.64 -1.42
N PHE A 6 11.84 -8.62 -0.16
CA PHE A 6 10.95 -8.94 0.96
C PHE A 6 9.85 -7.89 1.10
N LEU A 7 10.24 -6.62 1.05
CA LEU A 7 9.28 -5.53 1.20
C LEU A 7 8.26 -5.54 0.06
N THR A 8 8.74 -5.82 -1.15
CA THR A 8 7.87 -5.89 -2.31
C THR A 8 6.87 -7.05 -2.18
N SER A 9 7.36 -8.19 -1.74
CA SER A 9 6.51 -9.37 -1.58
C SER A 9 5.41 -9.11 -0.55
N GLN A 10 5.78 -8.43 0.54
CA GLN A 10 4.83 -8.12 1.60
C GLN A 10 3.76 -7.16 1.11
N LEU A 11 4.18 -6.14 0.35
CA LEU A 11 3.25 -5.15 -0.17
C LEU A 11 2.26 -5.79 -1.15
N GLU A 12 2.78 -6.63 -2.04
CA GLU A 12 1.93 -7.33 -3.00
C GLU A 12 0.92 -8.23 -2.28
N TYR A 13 1.38 -8.88 -1.21
CA TYR A 13 0.51 -9.74 -0.42
C TYR A 13 -0.58 -8.93 0.28
N TYR A 14 -0.21 -7.75 0.77
CA TYR A 14 -1.14 -6.91 1.51
C TYR A 14 -2.29 -6.45 0.62
N PHE A 15 -1.98 -6.26 -0.67
CA PHE A 15 -2.97 -5.80 -1.63
C PHE A 15 -3.57 -6.97 -2.40
N SER A 16 -3.36 -8.17 -1.89
CA SER A 16 -3.93 -9.38 -2.49
C SER A 16 -5.40 -9.50 -2.15
N ILE A 17 -6.13 -10.24 -2.98
CA ILE A 17 -7.56 -10.46 -2.76
C ILE A 17 -7.81 -11.15 -1.41
N GLU A 18 -6.94 -12.12 -1.08
CA GLU A 18 -7.11 -12.91 0.14
C GLU A 18 -6.97 -12.02 1.37
N ASN A 19 -5.98 -11.13 1.35
CA ASN A 19 -5.73 -10.23 2.47
C ASN A 19 -6.83 -9.18 2.57
N LEU A 20 -7.21 -8.61 1.44
CA LEU A 20 -8.16 -7.50 1.41
C LEU A 20 -9.54 -7.95 1.90
N SER A 21 -9.89 -9.19 1.60
CA SER A 21 -11.18 -9.74 2.01
C SER A 21 -11.32 -9.76 3.52
N LYS A 22 -10.18 -9.82 4.21
CA LYS A 22 -10.17 -9.89 5.67
C LYS A 22 -9.70 -8.58 6.27
N ASP A 23 -8.88 -7.85 5.53
CA ASP A 23 -8.18 -6.68 6.07
C ASP A 23 -9.00 -5.42 5.85
N MET A 24 -10.01 -5.21 6.68
CA MET A 24 -10.88 -4.04 6.57
C MET A 24 -10.11 -2.76 6.85
N PHE A 25 -9.12 -2.85 7.73
CA PHE A 25 -8.39 -1.67 8.18
C PHE A 25 -7.72 -0.97 7.00
N LEU A 26 -7.09 -1.75 6.13
CA LEU A 26 -6.46 -1.20 4.94
C LEU A 26 -7.49 -0.57 4.01
N ARG A 27 -8.59 -1.28 3.80
CA ARG A 27 -9.60 -0.84 2.84
C ARG A 27 -10.24 0.47 3.29
N LYS A 28 -10.43 0.63 4.59
CA LYS A 28 -11.14 1.78 5.12
C LYS A 28 -10.41 3.07 4.79
N HIS A 29 -9.09 2.99 4.63
CA HIS A 29 -8.26 4.17 4.46
C HIS A 29 -7.95 4.41 2.99
N MET A 30 -8.72 3.76 2.11
CA MET A 30 -8.65 4.05 0.68
C MET A 30 -9.40 5.32 0.34
N ASP A 31 -8.88 6.06 -0.64
CA ASP A 31 -9.56 7.26 -1.13
C ASP A 31 -10.47 6.91 -2.31
N ASP A 32 -11.06 7.93 -2.93
CA ASP A 32 -12.08 7.74 -3.94
C ASP A 32 -11.49 7.09 -5.20
N GLU A 33 -10.17 7.19 -5.33
CA GLU A 33 -9.49 6.66 -6.51
C GLU A 33 -8.84 5.32 -6.21
N GLY A 34 -9.07 4.81 -4.99
CA GLY A 34 -8.52 3.53 -4.60
C GLY A 34 -7.04 3.57 -4.35
N TYR A 35 -6.53 4.76 -4.02
CA TYR A 35 -5.11 4.93 -3.72
C TYR A 35 -4.86 4.84 -2.22
N VAL A 36 -3.69 4.32 -1.86
CA VAL A 36 -3.30 4.25 -0.45
C VAL A 36 -1.95 4.92 -0.23
N PRO A 37 -1.93 5.93 0.66
CA PRO A 37 -0.72 6.70 0.97
C PRO A 37 0.42 5.82 1.47
N LEU A 38 1.62 6.09 0.99
CA LEU A 38 2.82 5.40 1.50
C LEU A 38 2.93 5.55 3.01
N ALA A 39 2.61 6.75 3.51
CA ALA A 39 2.75 7.04 4.94
C ALA A 39 1.85 6.12 5.77
N PHE A 40 0.73 5.71 5.18
CA PHE A 40 -0.19 4.82 5.86
C PHE A 40 0.35 3.39 5.90
N LEU A 41 0.95 2.96 4.80
CA LEU A 41 1.55 1.63 4.73
C LEU A 41 2.73 1.52 5.69
N ALA A 42 3.46 2.60 5.86
CA ALA A 42 4.62 2.63 6.74
C ALA A 42 4.20 2.43 8.19
N SER A 43 2.92 2.64 8.47
CA SER A 43 2.40 2.54 9.83
C SER A 43 2.16 1.10 10.22
N PHE A 44 2.35 0.19 9.27
CA PHE A 44 2.14 -1.23 9.51
C PHE A 44 3.29 -1.82 10.32
N ASN A 45 2.97 -2.38 11.47
CA ASN A 45 3.99 -2.89 12.39
C ASN A 45 4.82 -3.97 11.72
N ARG A 46 4.20 -4.73 10.84
CA ARG A 46 4.89 -5.80 10.12
C ARG A 46 6.02 -5.24 9.27
N ILE A 47 5.78 -4.10 8.64
CA ILE A 47 6.78 -3.45 7.81
C ILE A 47 7.83 -2.75 8.66
N LYS A 48 7.38 -2.09 9.72
CA LYS A 48 8.28 -1.32 10.59
C LYS A 48 9.29 -2.24 11.27
N SER A 49 8.87 -3.46 11.56
CA SER A 49 9.74 -4.43 12.21
C SER A 49 10.92 -4.80 11.29
N PHE A 50 10.70 -4.68 9.99
CA PHE A 50 11.72 -5.04 9.01
C PHE A 50 12.48 -3.80 8.54
N SER A 51 11.75 -2.72 8.31
CA SER A 51 12.35 -1.48 7.83
C SER A 51 11.40 -0.30 8.04
N THR A 52 11.93 0.80 8.56
CA THR A 52 11.13 2.00 8.77
C THR A 52 11.45 3.07 7.74
N ASP A 53 12.29 2.71 6.76
CA ASP A 53 12.77 3.67 5.77
C ASP A 53 11.79 3.80 4.61
N LEU A 54 11.19 4.97 4.49
CA LEU A 54 10.21 5.21 3.42
C LEU A 54 10.84 5.00 2.04
N ASN A 55 12.13 5.29 1.94
CA ASN A 55 12.83 5.20 0.66
C ASN A 55 12.90 3.75 0.19
N LEU A 56 13.18 2.84 1.12
CA LEU A 56 13.25 1.42 0.79
C LEU A 56 11.86 0.87 0.50
N LEU A 57 10.88 1.30 1.28
CA LEU A 57 9.49 0.88 1.06
C LEU A 57 8.97 1.39 -0.28
N HIS A 58 9.31 2.63 -0.61
CA HIS A 58 8.91 3.23 -1.88
C HIS A 58 9.52 2.46 -3.05
N ALA A 59 10.82 2.18 -2.96
CA ALA A 59 11.51 1.43 -3.99
C ALA A 59 10.90 0.05 -4.16
N ALA A 60 10.52 -0.58 -3.06
CA ALA A 60 9.88 -1.89 -3.09
C ALA A 60 8.53 -1.83 -3.79
N ALA A 61 7.78 -0.76 -3.53
CA ALA A 61 6.47 -0.58 -4.14
C ALA A 61 6.58 -0.44 -5.65
N LYS A 62 7.61 0.27 -6.10
CA LYS A 62 7.82 0.49 -7.53
C LYS A 62 8.22 -0.79 -8.22
N ALA A 63 8.77 -1.73 -7.46
CA ALA A 63 9.30 -2.97 -8.02
C ALA A 63 8.20 -4.01 -8.18
N SER A 64 7.00 -3.67 -7.73
CA SER A 64 5.87 -4.59 -7.81
C SER A 64 5.33 -4.65 -9.23
N ASP A 65 4.75 -5.80 -9.59
CA ASP A 65 4.18 -6.00 -10.91
C ASP A 65 2.70 -5.67 -10.91
N ILE A 66 2.09 -5.66 -9.72
CA ILE A 66 0.65 -5.56 -9.60
C ILE A 66 0.24 -4.30 -8.84
N ILE A 67 1.25 -3.53 -8.43
CA ILE A 67 1.00 -2.24 -7.78
C ILE A 67 1.55 -1.10 -8.62
N ASP A 68 0.76 -0.03 -8.73
CA ASP A 68 1.21 1.17 -9.44
C ASP A 68 1.46 2.31 -8.45
N VAL A 69 2.52 3.07 -8.70
CA VAL A 69 2.97 4.09 -7.75
C VAL A 69 2.84 5.49 -8.34
N ALA A 70 2.20 6.38 -7.60
CA ALA A 70 2.13 7.78 -8.00
C ALA A 70 2.96 8.66 -7.06
N GLU A 71 3.88 9.43 -7.64
CA GLU A 71 4.84 10.20 -6.85
C GLU A 71 4.36 11.64 -6.71
N ASP A 72 4.66 12.24 -5.56
CA ASP A 72 4.39 13.65 -5.34
C ASP A 72 5.67 14.39 -4.91
N LEU A 73 6.20 15.22 -5.79
CA LEU A 73 7.51 15.82 -5.59
C LEU A 73 7.50 16.72 -4.35
N GLN A 74 6.31 17.12 -3.92
CA GLN A 74 6.18 18.12 -2.87
C GLN A 74 6.43 17.51 -1.50
N SER A 75 6.27 16.18 -1.41
CA SER A 75 6.47 15.48 -0.15
C SER A 75 6.53 13.97 -0.38
N PRO A 76 7.49 13.32 0.28
CA PRO A 76 7.62 11.86 0.26
C PRO A 76 6.45 11.16 0.93
N MET A 77 5.75 11.89 1.79
CA MET A 77 4.61 11.33 2.52
C MET A 77 3.34 11.41 1.70
N SER A 78 3.41 12.11 0.57
CA SER A 78 2.25 12.28 -0.30
C SER A 78 2.29 11.27 -1.45
N ILE A 79 3.23 10.34 -1.39
CA ILE A 79 3.34 9.29 -2.38
C ILE A 79 2.30 8.20 -2.15
N LYS A 80 1.51 7.91 -3.17
CA LYS A 80 0.40 6.96 -3.05
C LYS A 80 0.59 5.79 -3.99
N VAL A 81 -0.02 4.65 -3.64
CA VAL A 81 0.01 3.47 -4.51
C VAL A 81 -1.40 2.92 -4.72
N ARG A 82 -1.57 2.16 -5.79
CA ARG A 82 -2.84 1.52 -6.09
C ARG A 82 -2.64 0.14 -6.70
N ARG A 83 -3.47 -0.81 -6.32
CA ARG A 83 -3.47 -2.13 -6.95
C ARG A 83 -4.21 -2.10 -8.28
N LYS A 84 -3.78 -2.95 -9.20
CA LYS A 84 -4.44 -3.08 -10.50
C LYS A 84 -5.94 -3.28 -10.31
N GLU A 85 -6.74 -2.45 -10.99
CA GLU A 85 -8.19 -2.50 -10.85
C GLU A 85 -8.79 -3.51 -11.84
N THR A 86 -9.92 -4.10 -11.46
CA THR A 86 -10.64 -5.00 -12.35
C THR A 86 -12.07 -4.53 -12.57
N TRP A 87 -13.03 -5.25 -11.99
CA TRP A 87 -14.43 -4.85 -12.06
C TRP A 87 -15.02 -4.73 -10.66
N SER A 88 -14.24 -5.08 -9.65
CA SER A 88 -14.72 -5.11 -8.28
C SER A 88 -13.81 -4.30 -7.37
N PRO A 89 -14.24 -3.06 -7.05
CA PRO A 89 -13.46 -2.16 -6.20
C PRO A 89 -13.46 -2.57 -4.74
N TRP A 90 -12.42 -2.20 -4.02
CA TRP A 90 -12.30 -2.54 -2.61
C TRP A 90 -12.43 -1.28 -1.74
N ILE A 91 -12.98 -0.22 -2.32
CA ILE A 91 -13.12 1.05 -1.62
C ILE A 91 -14.33 1.03 -0.71
N LEU A 92 -14.13 1.40 0.55
CA LEU A 92 -15.22 1.47 1.52
C LEU A 92 -15.67 2.90 1.73
N PRO A 93 -16.95 3.08 2.08
CA PRO A 93 -17.52 4.40 2.38
C PRO A 93 -16.75 5.13 3.47
N SER A 94 -16.64 6.45 3.34
CA SER A 94 -15.95 7.27 4.33
C SER A 94 -16.53 7.04 5.73
N GLU A 95 -17.84 6.79 5.78
CA GLU A 95 -18.53 6.64 7.05
C GLU A 95 -18.08 5.37 7.77
N SER A 96 -17.45 4.47 7.04
CA SER A 96 -17.02 3.19 7.59
C SER A 96 -15.75 3.38 8.43
N ARG A 97 -15.15 4.56 8.35
CA ARG A 97 -13.95 4.87 9.11
C ARG A 97 -14.30 5.20 10.56
N LEU A 98 -15.58 5.38 10.83
CA LEU A 98 -16.03 5.79 12.15
C LEU A 98 -16.22 4.57 13.07
N MET A 1 18.09 -12.34 4.61
CA MET A 1 16.96 -11.99 3.76
C MET A 1 17.13 -10.60 3.15
N ASP A 2 16.95 -10.50 1.84
CA ASP A 2 17.08 -9.23 1.14
C ASP A 2 15.93 -8.30 1.49
N VAL A 3 16.26 -7.09 1.94
CA VAL A 3 15.26 -6.15 2.41
C VAL A 3 14.27 -5.78 1.31
N GLN A 4 14.81 -5.48 0.13
CA GLN A 4 13.98 -5.06 -1.00
C GLN A 4 13.01 -6.17 -1.39
N ALA A 5 13.52 -7.39 -1.50
CA ALA A 5 12.70 -8.53 -1.87
C ALA A 5 11.57 -8.77 -0.86
N PHE A 6 11.92 -8.67 0.42
CA PHE A 6 10.96 -8.91 1.49
C PHE A 6 9.85 -7.86 1.48
N LEU A 7 10.25 -6.59 1.37
CA LEU A 7 9.29 -5.50 1.39
C LEU A 7 8.35 -5.57 0.19
N THR A 8 8.89 -5.94 -0.96
CA THR A 8 8.09 -6.09 -2.18
C THR A 8 7.09 -7.22 -2.04
N SER A 9 7.54 -8.35 -1.51
CA SER A 9 6.68 -9.52 -1.33
C SER A 9 5.54 -9.20 -0.36
N GLN A 10 5.87 -8.49 0.71
CA GLN A 10 4.87 -8.15 1.73
C GLN A 10 3.82 -7.20 1.17
N LEU A 11 4.28 -6.22 0.38
CA LEU A 11 3.38 -5.25 -0.22
C LEU A 11 2.40 -5.93 -1.18
N GLU A 12 2.93 -6.81 -2.01
CA GLU A 12 2.10 -7.58 -2.94
C GLU A 12 1.08 -8.43 -2.18
N TYR A 13 1.52 -9.01 -1.07
CA TYR A 13 0.63 -9.83 -0.24
C TYR A 13 -0.45 -8.98 0.41
N TYR A 14 -0.07 -7.78 0.85
CA TYR A 14 -0.99 -6.90 1.55
C TYR A 14 -2.12 -6.46 0.64
N PHE A 15 -1.81 -6.30 -0.64
CA PHE A 15 -2.80 -5.84 -1.62
C PHE A 15 -3.43 -7.01 -2.36
N SER A 16 -3.24 -8.21 -1.83
CA SER A 16 -3.88 -9.40 -2.39
C SER A 16 -5.38 -9.38 -2.16
N ILE A 17 -6.12 -10.02 -3.06
CA ILE A 17 -7.57 -10.04 -2.97
C ILE A 17 -8.04 -10.65 -1.65
N GLU A 18 -7.38 -11.73 -1.24
CA GLU A 18 -7.74 -12.43 -0.02
C GLU A 18 -7.52 -11.54 1.21
N ASN A 19 -6.38 -10.85 1.23
CA ASN A 19 -6.04 -9.99 2.36
C ASN A 19 -6.97 -8.78 2.42
N LEU A 20 -7.27 -8.20 1.27
CA LEU A 20 -8.09 -7.00 1.19
C LEU A 20 -9.50 -7.29 1.68
N SER A 21 -10.00 -8.49 1.37
CA SER A 21 -11.34 -8.89 1.79
C SER A 21 -11.41 -9.02 3.31
N LYS A 22 -10.26 -9.24 3.94
CA LYS A 22 -10.20 -9.46 5.38
C LYS A 22 -9.71 -8.22 6.10
N ASP A 23 -8.97 -7.38 5.39
CA ASP A 23 -8.30 -6.24 6.02
C ASP A 23 -9.09 -4.95 5.81
N MET A 24 -9.99 -4.66 6.74
CA MET A 24 -10.84 -3.48 6.64
C MET A 24 -10.02 -2.20 6.79
N PHE A 25 -8.92 -2.30 7.52
CA PHE A 25 -8.10 -1.12 7.82
C PHE A 25 -7.57 -0.49 6.53
N LEU A 26 -7.14 -1.33 5.60
CA LEU A 26 -6.69 -0.86 4.30
C LEU A 26 -7.82 -0.17 3.55
N ARG A 27 -8.99 -0.78 3.57
CA ARG A 27 -10.14 -0.28 2.82
C ARG A 27 -10.59 1.08 3.37
N LYS A 28 -10.61 1.20 4.69
CA LYS A 28 -11.13 2.40 5.34
C LYS A 28 -10.29 3.61 4.99
N HIS A 29 -9.00 3.38 4.73
CA HIS A 29 -8.05 4.48 4.53
C HIS A 29 -7.83 4.74 3.04
N MET A 30 -8.71 4.18 2.21
CA MET A 30 -8.68 4.44 0.78
C MET A 30 -9.39 5.76 0.46
N ASP A 31 -8.91 6.44 -0.56
CA ASP A 31 -9.60 7.63 -1.07
C ASP A 31 -10.57 7.26 -2.19
N ASP A 32 -11.13 8.27 -2.84
CA ASP A 32 -12.19 8.06 -3.82
C ASP A 32 -11.66 7.31 -5.04
N GLU A 33 -10.33 7.33 -5.21
CA GLU A 33 -9.71 6.68 -6.35
C GLU A 33 -9.13 5.33 -5.97
N GLY A 34 -9.37 4.92 -4.73
CA GLY A 34 -8.92 3.61 -4.27
C GLY A 34 -7.43 3.56 -4.04
N TYR A 35 -6.82 4.70 -3.74
CA TYR A 35 -5.40 4.77 -3.49
C TYR A 35 -5.10 4.63 -1.99
N VAL A 36 -3.97 4.02 -1.68
CA VAL A 36 -3.53 3.90 -0.29
C VAL A 36 -2.18 4.59 -0.08
N PRO A 37 -2.13 5.52 0.89
CA PRO A 37 -0.92 6.28 1.19
C PRO A 37 0.24 5.38 1.59
N LEU A 38 1.43 5.68 1.06
CA LEU A 38 2.64 4.97 1.44
C LEU A 38 2.84 5.01 2.95
N ALA A 39 2.59 6.17 3.54
CA ALA A 39 2.86 6.38 4.96
C ALA A 39 2.04 5.42 5.83
N PHE A 40 0.87 5.04 5.33
CA PHE A 40 -0.01 4.14 6.05
C PHE A 40 0.50 2.70 5.98
N LEU A 41 1.06 2.34 4.82
CA LEU A 41 1.62 1.01 4.63
C LEU A 41 2.81 0.78 5.55
N ALA A 42 3.56 1.85 5.82
CA ALA A 42 4.74 1.76 6.66
C ALA A 42 4.38 1.37 8.09
N SER A 43 3.10 1.46 8.41
CA SER A 43 2.65 1.23 9.78
C SER A 43 2.63 -0.26 10.10
N PHE A 44 2.86 -1.07 9.08
CA PHE A 44 2.91 -2.53 9.27
C PHE A 44 4.17 -2.93 10.01
N ASN A 45 4.00 -3.65 11.11
CA ASN A 45 5.13 -3.98 11.99
C ASN A 45 6.18 -4.79 11.25
N ARG A 46 5.72 -5.62 10.32
CA ARG A 46 6.63 -6.44 9.53
C ARG A 46 7.58 -5.58 8.70
N ILE A 47 7.05 -4.48 8.16
CA ILE A 47 7.85 -3.54 7.38
C ILE A 47 8.78 -2.75 8.29
N LYS A 48 8.27 -2.32 9.44
CA LYS A 48 9.03 -1.49 10.36
C LYS A 48 10.22 -2.25 10.92
N SER A 49 10.06 -3.57 11.09
CA SER A 49 11.12 -4.42 11.62
C SER A 49 12.31 -4.44 10.68
N PHE A 50 12.04 -4.38 9.38
CA PHE A 50 13.09 -4.38 8.37
C PHE A 50 13.62 -2.97 8.13
N SER A 51 12.71 -2.01 8.04
CA SER A 51 13.09 -0.63 7.77
C SER A 51 11.89 0.31 7.98
N THR A 52 12.16 1.50 8.49
CA THR A 52 11.14 2.54 8.59
C THR A 52 11.34 3.61 7.51
N ASP A 53 12.25 3.34 6.58
CA ASP A 53 12.61 4.32 5.56
C ASP A 53 11.61 4.25 4.40
N LEU A 54 10.86 5.34 4.22
CA LEU A 54 9.84 5.39 3.17
C LEU A 54 10.47 5.19 1.80
N ASN A 55 11.73 5.60 1.66
CA ASN A 55 12.42 5.52 0.38
C ASN A 55 12.60 4.07 -0.06
N LEU A 56 12.96 3.22 0.89
CA LEU A 56 13.13 1.80 0.60
C LEU A 56 11.79 1.13 0.33
N LEU A 57 10.78 1.51 1.10
CA LEU A 57 9.43 1.01 0.90
C LEU A 57 8.88 1.47 -0.45
N HIS A 58 9.16 2.73 -0.79
CA HIS A 58 8.73 3.28 -2.08
C HIS A 58 9.34 2.50 -3.23
N ALA A 59 10.64 2.23 -3.14
CA ALA A 59 11.34 1.45 -4.15
C ALA A 59 10.73 0.05 -4.27
N ALA A 60 10.36 -0.53 -3.12
CA ALA A 60 9.75 -1.85 -3.10
C ALA A 60 8.39 -1.84 -3.81
N ALA A 61 7.63 -0.78 -3.60
CA ALA A 61 6.33 -0.63 -4.24
C ALA A 61 6.48 -0.53 -5.76
N LYS A 62 7.50 0.20 -6.20
CA LYS A 62 7.75 0.37 -7.62
C LYS A 62 8.26 -0.92 -8.24
N ALA A 63 8.83 -1.79 -7.42
CA ALA A 63 9.47 -3.01 -7.90
C ALA A 63 8.42 -4.09 -8.18
N SER A 64 7.18 -3.82 -7.79
CA SER A 64 6.09 -4.76 -8.02
C SER A 64 5.44 -4.53 -9.38
N ASP A 65 5.05 -5.63 -10.03
CA ASP A 65 4.52 -5.55 -11.39
C ASP A 65 3.00 -5.46 -11.37
N ILE A 66 2.42 -5.49 -10.17
CA ILE A 66 0.97 -5.44 -10.02
C ILE A 66 0.53 -4.19 -9.27
N ILE A 67 1.49 -3.32 -8.99
CA ILE A 67 1.20 -2.08 -8.26
C ILE A 67 1.51 -0.85 -9.11
N ASP A 68 0.61 0.13 -9.06
CA ASP A 68 0.85 1.41 -9.70
C ASP A 68 1.12 2.49 -8.65
N VAL A 69 2.20 3.25 -8.84
CA VAL A 69 2.66 4.19 -7.83
C VAL A 69 2.52 5.62 -8.31
N ALA A 70 1.88 6.46 -7.50
CA ALA A 70 1.76 7.88 -7.79
C ALA A 70 2.63 8.70 -6.85
N GLU A 71 3.52 9.51 -7.43
CA GLU A 71 4.51 10.24 -6.64
C GLU A 71 4.05 11.69 -6.41
N ASP A 72 4.41 12.22 -5.24
CA ASP A 72 4.17 13.63 -4.95
C ASP A 72 5.45 14.31 -4.47
N LEU A 73 6.01 15.18 -5.31
CA LEU A 73 7.33 15.75 -5.06
C LEU A 73 7.33 16.59 -3.78
N GLN A 74 6.13 16.98 -3.35
CA GLN A 74 6.00 17.93 -2.24
C GLN A 74 6.23 17.24 -0.90
N SER A 75 6.05 15.93 -0.88
CA SER A 75 6.23 15.15 0.34
C SER A 75 6.28 13.66 0.04
N PRO A 76 7.23 12.96 0.68
CA PRO A 76 7.34 11.50 0.58
C PRO A 76 6.15 10.79 1.22
N MET A 77 5.46 11.49 2.11
CA MET A 77 4.31 10.91 2.81
C MET A 77 3.04 11.03 1.97
N SER A 78 3.13 11.77 0.87
CA SER A 78 1.99 11.97 0.00
C SER A 78 2.02 11.00 -1.19
N ILE A 79 2.97 10.08 -1.15
CA ILE A 79 3.08 9.05 -2.18
C ILE A 79 2.04 7.95 -1.96
N LYS A 80 1.24 7.68 -3.00
CA LYS A 80 0.16 6.71 -2.90
C LYS A 80 0.34 5.59 -3.90
N VAL A 81 -0.25 4.43 -3.61
CA VAL A 81 -0.21 3.29 -4.51
C VAL A 81 -1.59 2.71 -4.75
N ARG A 82 -1.75 1.99 -5.86
CA ARG A 82 -3.00 1.32 -6.16
C ARG A 82 -2.75 0.06 -6.99
N ARG A 83 -3.66 -0.90 -6.90
CA ARG A 83 -3.63 -2.08 -7.76
C ARG A 83 -3.84 -1.70 -9.21
N LYS A 84 -3.17 -2.40 -10.12
CA LYS A 84 -3.41 -2.25 -11.54
C LYS A 84 -4.84 -2.69 -11.90
N GLU A 85 -5.33 -3.72 -11.21
CA GLU A 85 -6.65 -4.24 -11.47
C GLU A 85 -7.22 -4.92 -10.23
N THR A 86 -8.55 -5.02 -10.17
CA THR A 86 -9.21 -5.73 -9.08
C THR A 86 -10.42 -6.50 -9.58
N TRP A 87 -10.83 -7.52 -8.83
CA TRP A 87 -12.02 -8.29 -9.16
C TRP A 87 -13.27 -7.62 -8.59
N SER A 88 -13.06 -6.67 -7.68
CA SER A 88 -14.17 -6.00 -7.00
C SER A 88 -13.73 -4.67 -6.43
N PRO A 89 -14.68 -3.73 -6.31
CA PRO A 89 -14.46 -2.44 -5.65
C PRO A 89 -14.16 -2.60 -4.16
N TRP A 90 -13.25 -1.78 -3.65
CA TRP A 90 -12.84 -1.87 -2.26
C TRP A 90 -13.21 -0.61 -1.49
N ILE A 91 -13.86 0.33 -2.18
CA ILE A 91 -14.26 1.58 -1.58
C ILE A 91 -15.61 1.44 -0.87
N LEU A 92 -15.65 1.81 0.41
CA LEU A 92 -16.86 1.69 1.20
C LEU A 92 -17.36 3.06 1.64
N PRO A 93 -18.67 3.16 1.90
CA PRO A 93 -19.29 4.41 2.37
C PRO A 93 -18.66 4.92 3.65
N SER A 94 -18.56 6.24 3.78
CA SER A 94 -17.96 6.87 4.94
C SER A 94 -18.62 6.35 6.22
N GLU A 95 -19.94 6.16 6.18
CA GLU A 95 -20.69 5.79 7.37
C GLU A 95 -20.32 4.37 7.82
N SER A 96 -19.74 3.60 6.91
CA SER A 96 -19.34 2.23 7.22
C SER A 96 -17.93 2.18 7.79
N ARG A 97 -17.23 3.31 7.71
CA ARG A 97 -15.84 3.39 8.16
C ARG A 97 -15.78 3.79 9.63
N LEU A 98 -16.73 4.63 10.05
CA LEU A 98 -16.75 5.13 11.43
C LEU A 98 -15.44 5.81 11.79
N MET A 1 17.94 -12.46 4.30
CA MET A 1 17.06 -12.34 3.14
C MET A 1 17.41 -11.10 2.32
N ASP A 2 16.89 -11.05 1.09
CA ASP A 2 17.06 -9.87 0.25
C ASP A 2 16.02 -8.81 0.59
N VAL A 3 16.49 -7.64 1.03
CA VAL A 3 15.59 -6.61 1.54
C VAL A 3 14.60 -6.17 0.48
N GLN A 4 15.09 -5.96 -0.74
CA GLN A 4 14.26 -5.48 -1.84
C GLN A 4 13.16 -6.50 -2.15
N ALA A 5 13.55 -7.76 -2.29
CA ALA A 5 12.60 -8.81 -2.60
C ALA A 5 11.55 -8.96 -1.51
N PHE A 6 12.01 -8.91 -0.25
CA PHE A 6 11.12 -9.14 0.89
C PHE A 6 10.06 -8.05 0.99
N LEU A 7 10.49 -6.80 0.89
CA LEU A 7 9.58 -5.67 1.03
C LEU A 7 8.53 -5.66 -0.08
N THR A 8 8.97 -5.99 -1.30
CA THR A 8 8.06 -6.08 -2.43
C THR A 8 7.06 -7.21 -2.24
N SER A 9 7.53 -8.36 -1.78
CA SER A 9 6.69 -9.52 -1.58
C SER A 9 5.62 -9.24 -0.53
N GLN A 10 6.01 -8.54 0.54
CA GLN A 10 5.09 -8.21 1.62
C GLN A 10 4.01 -7.25 1.13
N LEU A 11 4.42 -6.26 0.35
CA LEU A 11 3.48 -5.26 -0.17
C LEU A 11 2.46 -5.91 -1.09
N GLU A 12 2.92 -6.79 -1.98
CA GLU A 12 2.04 -7.51 -2.88
C GLU A 12 1.04 -8.37 -2.12
N TYR A 13 1.52 -9.00 -1.06
CA TYR A 13 0.68 -9.87 -0.24
C TYR A 13 -0.37 -9.04 0.51
N TYR A 14 0.04 -7.89 1.01
CA TYR A 14 -0.83 -7.06 1.84
C TYR A 14 -2.01 -6.53 1.02
N PHE A 15 -1.77 -6.30 -0.27
CA PHE A 15 -2.80 -5.76 -1.14
C PHE A 15 -3.53 -6.87 -1.90
N SER A 16 -3.30 -8.10 -1.47
CA SER A 16 -3.94 -9.25 -2.09
C SER A 16 -5.44 -9.26 -1.80
N ILE A 17 -6.21 -9.86 -2.70
CA ILE A 17 -7.66 -9.91 -2.56
C ILE A 17 -8.06 -10.59 -1.26
N GLU A 18 -7.36 -11.68 -0.92
CA GLU A 18 -7.66 -12.44 0.29
C GLU A 18 -7.42 -11.59 1.53
N ASN A 19 -6.29 -10.87 1.54
CA ASN A 19 -5.93 -10.04 2.68
C ASN A 19 -6.87 -8.85 2.81
N LEU A 20 -7.20 -8.23 1.68
CA LEU A 20 -8.03 -7.04 1.68
C LEU A 20 -9.44 -7.36 2.17
N SER A 21 -9.93 -8.54 1.82
CA SER A 21 -11.25 -8.98 2.25
C SER A 21 -11.31 -9.11 3.77
N LYS A 22 -10.15 -9.30 4.39
CA LYS A 22 -10.07 -9.48 5.83
C LYS A 22 -9.59 -8.21 6.52
N ASP A 23 -8.91 -7.36 5.76
CA ASP A 23 -8.29 -6.17 6.32
C ASP A 23 -9.11 -4.93 6.02
N MET A 24 -10.04 -4.59 6.92
CA MET A 24 -10.96 -3.49 6.69
C MET A 24 -10.22 -2.16 6.69
N PHE A 25 -9.13 -2.09 7.44
CA PHE A 25 -8.40 -0.84 7.62
C PHE A 25 -7.86 -0.33 6.29
N LEU A 26 -7.32 -1.24 5.48
CA LEU A 26 -6.85 -0.89 4.15
C LEU A 26 -7.99 -0.39 3.27
N ARG A 27 -9.14 -1.07 3.34
CA ARG A 27 -10.29 -0.72 2.53
C ARG A 27 -10.79 0.68 2.88
N LYS A 28 -10.81 0.99 4.18
CA LYS A 28 -11.26 2.29 4.65
C LYS A 28 -10.33 3.40 4.17
N HIS A 29 -9.04 3.08 4.06
CA HIS A 29 -8.05 4.07 3.68
C HIS A 29 -8.13 4.38 2.19
N MET A 30 -8.63 3.42 1.41
CA MET A 30 -8.79 3.59 -0.02
C MET A 30 -9.52 4.89 -0.33
N ASP A 31 -8.89 5.73 -1.16
CA ASP A 31 -9.51 7.00 -1.56
C ASP A 31 -10.36 6.82 -2.81
N ASP A 32 -10.80 7.93 -3.38
CA ASP A 32 -11.74 7.89 -4.50
C ASP A 32 -11.10 7.25 -5.72
N GLU A 33 -9.76 7.21 -5.74
CA GLU A 33 -9.02 6.64 -6.86
C GLU A 33 -8.52 5.24 -6.52
N GLY A 34 -8.86 4.77 -5.32
CA GLY A 34 -8.45 3.44 -4.90
C GLY A 34 -6.98 3.38 -4.54
N TYR A 35 -6.45 4.47 -4.00
CA TYR A 35 -5.05 4.53 -3.61
C TYR A 35 -4.91 4.52 -2.08
N VAL A 36 -3.80 3.96 -1.61
CA VAL A 36 -3.50 4.00 -0.19
C VAL A 36 -2.15 4.65 0.08
N PRO A 37 -2.12 5.63 0.99
CA PRO A 37 -0.92 6.39 1.31
C PRO A 37 0.22 5.50 1.80
N LEU A 38 1.43 5.76 1.30
CA LEU A 38 2.61 5.06 1.76
C LEU A 38 2.75 5.14 3.27
N ALA A 39 2.40 6.30 3.83
CA ALA A 39 2.63 6.57 5.25
C ALA A 39 1.92 5.55 6.12
N PHE A 40 0.80 5.03 5.62
CA PHE A 40 0.01 4.05 6.36
C PHE A 40 0.66 2.67 6.30
N LEU A 41 1.24 2.34 5.14
CA LEU A 41 1.90 1.06 4.96
C LEU A 41 3.11 0.92 5.89
N ALA A 42 3.79 2.04 6.13
CA ALA A 42 4.95 2.06 7.02
C ALA A 42 4.53 1.79 8.46
N SER A 43 3.24 1.96 8.74
CA SER A 43 2.74 1.85 10.10
C SER A 43 2.54 0.39 10.48
N PHE A 44 2.74 -0.51 9.52
CA PHE A 44 2.63 -1.94 9.76
C PHE A 44 3.86 -2.46 10.51
N ASN A 45 3.63 -3.00 11.71
CA ASN A 45 4.72 -3.39 12.58
C ASN A 45 5.60 -4.46 11.91
N ARG A 46 4.97 -5.28 11.08
CA ARG A 46 5.69 -6.33 10.36
C ARG A 46 6.73 -5.72 9.41
N ILE A 47 6.35 -4.64 8.75
CA ILE A 47 7.27 -3.93 7.86
C ILE A 47 8.24 -3.06 8.65
N LYS A 48 7.74 -2.42 9.70
CA LYS A 48 8.54 -1.48 10.47
C LYS A 48 9.69 -2.20 11.17
N SER A 49 9.44 -3.44 11.59
CA SER A 49 10.45 -4.24 12.28
C SER A 49 11.57 -4.62 11.31
N PHE A 50 11.23 -4.75 10.04
CA PHE A 50 12.20 -5.16 9.03
C PHE A 50 12.93 -3.95 8.45
N SER A 51 12.18 -2.87 8.22
CA SER A 51 12.76 -1.65 7.67
C SER A 51 11.87 -0.45 7.97
N THR A 52 12.48 0.64 8.42
CA THR A 52 11.75 1.85 8.73
C THR A 52 11.94 2.91 7.66
N ASP A 53 12.65 2.55 6.59
CA ASP A 53 13.03 3.50 5.57
C ASP A 53 11.96 3.59 4.49
N LEU A 54 11.29 4.74 4.43
CA LEU A 54 10.22 4.95 3.45
C LEU A 54 10.76 4.81 2.03
N ASN A 55 12.03 5.16 1.84
CA ASN A 55 12.64 5.13 0.52
C ASN A 55 12.71 3.70 -0.01
N LEU A 56 13.09 2.76 0.86
CA LEU A 56 13.16 1.36 0.50
C LEU A 56 11.77 0.78 0.26
N LEU A 57 10.82 1.17 1.10
CA LEU A 57 9.44 0.73 0.95
C LEU A 57 8.83 1.25 -0.34
N HIS A 58 9.11 2.51 -0.65
CA HIS A 58 8.65 3.12 -1.89
C HIS A 58 9.22 2.40 -3.10
N ALA A 59 10.53 2.14 -3.06
CA ALA A 59 11.19 1.39 -4.13
C ALA A 59 10.59 0.00 -4.28
N ALA A 60 10.24 -0.61 -3.15
CA ALA A 60 9.66 -1.95 -3.16
C ALA A 60 8.31 -1.95 -3.87
N ALA A 61 7.51 -0.91 -3.65
CA ALA A 61 6.23 -0.76 -4.32
C ALA A 61 6.42 -0.58 -5.83
N LYS A 62 7.43 0.20 -6.20
CA LYS A 62 7.69 0.49 -7.60
C LYS A 62 8.25 -0.74 -8.32
N ALA A 63 8.83 -1.65 -7.56
CA ALA A 63 9.52 -2.80 -8.12
C ALA A 63 8.53 -3.86 -8.57
N SER A 64 7.27 -3.68 -8.20
CA SER A 64 6.22 -4.64 -8.56
C SER A 64 5.55 -4.24 -9.87
N ASP A 65 5.21 -5.23 -10.68
CA ASP A 65 4.58 -4.99 -11.97
C ASP A 65 3.06 -4.89 -11.84
N ILE A 66 2.57 -5.19 -10.64
CA ILE A 66 1.13 -5.20 -10.39
C ILE A 66 0.73 -4.10 -9.42
N ILE A 67 1.68 -3.22 -9.11
CA ILE A 67 1.40 -2.08 -8.26
C ILE A 67 1.64 -0.76 -8.99
N ASP A 68 0.73 0.19 -8.80
CA ASP A 68 0.86 1.50 -9.43
C ASP A 68 1.09 2.58 -8.38
N VAL A 69 2.15 3.37 -8.56
CA VAL A 69 2.55 4.35 -7.55
C VAL A 69 2.37 5.77 -8.07
N ALA A 70 1.68 6.59 -7.29
CA ALA A 70 1.49 8.00 -7.63
C ALA A 70 2.30 8.89 -6.70
N GLU A 71 3.14 9.75 -7.27
CA GLU A 71 4.04 10.58 -6.49
C GLU A 71 3.49 12.01 -6.39
N ASP A 72 3.71 12.64 -5.24
CA ASP A 72 3.36 14.05 -5.05
C ASP A 72 4.61 14.89 -4.81
N LEU A 73 4.94 15.73 -5.77
CA LEU A 73 6.18 16.51 -5.73
C LEU A 73 6.18 17.45 -4.54
N GLN A 74 5.00 17.73 -4.01
CA GLN A 74 4.85 18.73 -2.95
C GLN A 74 5.20 18.14 -1.59
N SER A 75 5.18 16.82 -1.49
CA SER A 75 5.48 16.14 -0.24
C SER A 75 5.72 14.65 -0.48
N PRO A 76 6.81 14.13 0.10
CA PRO A 76 7.13 12.69 0.05
C PRO A 76 6.13 11.86 0.84
N MET A 77 5.42 12.49 1.76
CA MET A 77 4.49 11.79 2.64
C MET A 77 3.14 11.61 1.96
N SER A 78 2.98 12.24 0.80
CA SER A 78 1.71 12.19 0.07
C SER A 78 1.78 11.19 -1.07
N ILE A 79 2.80 10.34 -1.05
CA ILE A 79 2.96 9.30 -2.07
C ILE A 79 2.04 8.12 -1.79
N LYS A 80 1.21 7.77 -2.78
CA LYS A 80 0.22 6.72 -2.60
C LYS A 80 0.44 5.59 -3.60
N VAL A 81 -0.03 4.40 -3.25
CA VAL A 81 0.06 3.25 -4.14
C VAL A 81 -1.26 2.53 -4.26
N ARG A 82 -1.43 1.76 -5.33
CA ARG A 82 -2.60 0.89 -5.49
C ARG A 82 -2.22 -0.39 -6.22
N ARG A 83 -3.01 -1.44 -6.00
CA ARG A 83 -2.87 -2.68 -6.76
C ARG A 83 -3.66 -2.61 -8.06
N LYS A 84 -3.06 -3.10 -9.14
CA LYS A 84 -3.70 -3.07 -10.45
C LYS A 84 -4.74 -4.18 -10.57
N GLU A 85 -4.42 -5.35 -10.03
CA GLU A 85 -5.24 -6.54 -10.23
C GLU A 85 -6.23 -6.71 -9.09
N THR A 86 -7.51 -6.76 -9.43
CA THR A 86 -8.55 -7.01 -8.45
C THR A 86 -9.81 -7.59 -9.09
N TRP A 87 -10.64 -8.22 -8.28
CA TRP A 87 -11.94 -8.70 -8.75
C TRP A 87 -13.01 -7.62 -8.65
N SER A 88 -12.75 -6.63 -7.80
CA SER A 88 -13.73 -5.59 -7.53
C SER A 88 -13.07 -4.38 -6.85
N PRO A 89 -13.74 -3.22 -6.95
CA PRO A 89 -13.32 -2.02 -6.21
C PRO A 89 -13.25 -2.24 -4.71
N TRP A 90 -12.28 -1.61 -4.06
CA TRP A 90 -12.11 -1.75 -2.62
C TRP A 90 -12.40 -0.44 -1.90
N ILE A 91 -13.06 0.48 -2.59
CA ILE A 91 -13.34 1.80 -2.05
C ILE A 91 -14.59 1.80 -1.18
N LEU A 92 -14.45 2.26 0.05
CA LEU A 92 -15.59 2.35 0.97
C LEU A 92 -16.09 3.79 1.09
N PRO A 93 -17.39 3.95 1.37
CA PRO A 93 -17.99 5.25 1.62
C PRO A 93 -17.38 5.96 2.83
N SER A 94 -17.32 7.28 2.76
CA SER A 94 -16.73 8.08 3.83
C SER A 94 -17.37 7.74 5.18
N GLU A 95 -18.65 7.37 5.13
CA GLU A 95 -19.42 7.13 6.35
C GLU A 95 -18.88 5.90 7.09
N SER A 96 -18.11 5.08 6.38
CA SER A 96 -17.58 3.86 6.96
C SER A 96 -16.40 4.16 7.89
N ARG A 97 -15.91 5.40 7.82
CA ARG A 97 -14.78 5.81 8.65
C ARG A 97 -15.26 6.37 9.98
N LEU A 98 -16.57 6.41 10.17
CA LEU A 98 -17.16 6.96 11.38
C LEU A 98 -17.34 5.88 12.44
N MET A 1 18.17 -13.70 0.26
CA MET A 1 16.93 -12.94 0.14
C MET A 1 17.21 -11.44 0.24
N ASP A 2 16.89 -10.72 -0.83
CA ASP A 2 17.10 -9.27 -0.87
C ASP A 2 16.00 -8.55 -0.10
N VAL A 3 16.38 -7.46 0.57
CA VAL A 3 15.41 -6.66 1.32
C VAL A 3 14.30 -6.16 0.43
N GLN A 4 14.66 -5.74 -0.79
CA GLN A 4 13.68 -5.26 -1.75
C GLN A 4 12.68 -6.35 -2.11
N ALA A 5 13.18 -7.55 -2.37
CA ALA A 5 12.34 -8.67 -2.75
C ALA A 5 11.32 -9.00 -1.66
N PHE A 6 11.78 -9.01 -0.42
CA PHE A 6 10.92 -9.33 0.72
C PHE A 6 9.83 -8.28 0.89
N LEU A 7 10.23 -7.02 0.86
CA LEU A 7 9.30 -5.91 1.05
C LEU A 7 8.27 -5.88 -0.07
N THR A 8 8.71 -6.16 -1.30
CA THR A 8 7.81 -6.19 -2.45
C THR A 8 6.79 -7.31 -2.31
N SER A 9 7.25 -8.49 -1.91
CA SER A 9 6.37 -9.64 -1.75
C SER A 9 5.31 -9.38 -0.69
N GLN A 10 5.72 -8.74 0.40
CA GLN A 10 4.81 -8.43 1.50
C GLN A 10 3.76 -7.41 1.06
N LEU A 11 4.19 -6.40 0.32
CA LEU A 11 3.29 -5.36 -0.16
C LEU A 11 2.24 -5.94 -1.11
N GLU A 12 2.70 -6.79 -2.02
CA GLU A 12 1.79 -7.45 -2.97
C GLU A 12 0.77 -8.31 -2.23
N TYR A 13 1.23 -9.00 -1.18
CA TYR A 13 0.34 -9.84 -0.38
C TYR A 13 -0.68 -8.99 0.36
N TYR A 14 -0.23 -7.85 0.87
CA TYR A 14 -1.09 -6.99 1.68
C TYR A 14 -2.24 -6.44 0.84
N PHE A 15 -1.99 -6.22 -0.45
CA PHE A 15 -2.97 -5.65 -1.35
C PHE A 15 -3.72 -6.74 -2.11
N SER A 16 -3.54 -7.99 -1.67
CA SER A 16 -4.22 -9.12 -2.29
C SER A 16 -5.72 -9.08 -2.00
N ILE A 17 -6.50 -9.68 -2.89
CA ILE A 17 -7.95 -9.70 -2.75
C ILE A 17 -8.37 -10.36 -1.45
N GLU A 18 -7.69 -11.45 -1.11
CA GLU A 18 -8.00 -12.21 0.11
C GLU A 18 -7.76 -11.37 1.35
N ASN A 19 -6.61 -10.67 1.37
CA ASN A 19 -6.24 -9.84 2.51
C ASN A 19 -7.17 -8.65 2.64
N LEU A 20 -7.48 -8.01 1.52
CA LEU A 20 -8.30 -6.81 1.51
C LEU A 20 -9.71 -7.12 1.99
N SER A 21 -10.21 -8.29 1.63
CA SER A 21 -11.55 -8.72 2.05
C SER A 21 -11.62 -8.88 3.57
N LYS A 22 -10.47 -9.11 4.18
CA LYS A 22 -10.42 -9.36 5.62
C LYS A 22 -9.94 -8.12 6.37
N ASP A 23 -9.22 -7.25 5.67
CA ASP A 23 -8.58 -6.10 6.29
C ASP A 23 -9.42 -4.84 6.13
N MET A 24 -10.29 -4.59 7.11
CA MET A 24 -11.20 -3.46 7.04
C MET A 24 -10.44 -2.13 7.14
N PHE A 25 -9.32 -2.16 7.84
CA PHE A 25 -8.55 -0.95 8.10
C PHE A 25 -8.06 -0.33 6.79
N LEU A 26 -7.58 -1.16 5.88
CA LEU A 26 -7.16 -0.71 4.56
C LEU A 26 -8.33 -0.11 3.79
N ARG A 27 -9.47 -0.79 3.83
CA ARG A 27 -10.64 -0.39 3.06
C ARG A 27 -11.13 0.98 3.51
N LYS A 28 -11.17 1.19 4.83
CA LYS A 28 -11.63 2.45 5.40
C LYS A 28 -10.65 3.57 5.07
N HIS A 29 -9.36 3.25 5.07
CA HIS A 29 -8.31 4.24 4.87
C HIS A 29 -8.21 4.64 3.41
N MET A 30 -8.46 3.68 2.51
CA MET A 30 -8.37 3.92 1.09
C MET A 30 -9.21 5.14 0.68
N ASP A 31 -8.70 5.92 -0.26
CA ASP A 31 -9.43 7.06 -0.79
C ASP A 31 -10.36 6.65 -1.92
N ASP A 32 -10.94 7.64 -2.59
CA ASP A 32 -11.97 7.38 -3.59
C ASP A 32 -11.40 6.62 -4.78
N GLU A 33 -10.07 6.69 -4.92
CA GLU A 33 -9.39 6.03 -6.04
C GLU A 33 -8.76 4.72 -5.61
N GLY A 34 -8.95 4.37 -4.33
CA GLY A 34 -8.45 3.11 -3.83
C GLY A 34 -6.94 3.12 -3.63
N TYR A 35 -6.39 4.29 -3.38
CA TYR A 35 -4.96 4.44 -3.14
C TYR A 35 -4.66 4.44 -1.64
N VAL A 36 -3.48 3.94 -1.28
CA VAL A 36 -3.04 3.94 0.11
C VAL A 36 -1.69 4.65 0.25
N PRO A 37 -1.65 5.70 1.07
CA PRO A 37 -0.43 6.48 1.30
C PRO A 37 0.71 5.62 1.85
N LEU A 38 1.92 5.87 1.35
CA LEU A 38 3.10 5.17 1.84
C LEU A 38 3.22 5.28 3.36
N ALA A 39 2.90 6.46 3.88
CA ALA A 39 3.06 6.73 5.30
C ALA A 39 2.23 5.76 6.14
N PHE A 40 1.12 5.30 5.58
CA PHE A 40 0.23 4.38 6.29
C PHE A 40 0.82 2.97 6.29
N LEU A 41 1.43 2.58 5.18
CA LEU A 41 2.05 1.27 5.07
C LEU A 41 3.22 1.14 6.05
N ALA A 42 3.94 2.23 6.25
CA ALA A 42 5.10 2.24 7.12
C ALA A 42 4.69 1.99 8.58
N SER A 43 3.40 2.20 8.86
CA SER A 43 2.89 2.07 10.21
C SER A 43 2.63 0.61 10.56
N PHE A 44 2.81 -0.27 9.58
CA PHE A 44 2.59 -1.69 9.78
C PHE A 44 3.75 -2.32 10.54
N ASN A 45 3.45 -2.92 11.68
CA ASN A 45 4.48 -3.48 12.55
C ASN A 45 5.27 -4.57 11.83
N ARG A 46 4.60 -5.27 10.93
CA ARG A 46 5.24 -6.33 10.15
C ARG A 46 6.36 -5.77 9.29
N ILE A 47 6.12 -4.61 8.70
CA ILE A 47 7.12 -3.96 7.86
C ILE A 47 8.21 -3.31 8.71
N LYS A 48 7.81 -2.67 9.81
CA LYS A 48 8.74 -1.96 10.66
C LYS A 48 9.75 -2.91 11.28
N SER A 49 9.32 -4.13 11.56
CA SER A 49 10.18 -5.14 12.16
C SER A 49 11.32 -5.51 11.20
N PHE A 50 11.07 -5.37 9.91
CA PHE A 50 12.04 -5.74 8.90
C PHE A 50 12.82 -4.51 8.42
N SER A 51 12.11 -3.41 8.21
CA SER A 51 12.73 -2.17 7.75
C SER A 51 11.82 -0.98 7.99
N THR A 52 12.38 0.10 8.52
CA THR A 52 11.62 1.31 8.77
C THR A 52 11.94 2.39 7.74
N ASP A 53 12.72 2.03 6.74
CA ASP A 53 13.20 2.99 5.75
C ASP A 53 12.17 3.19 4.64
N LEU A 54 11.58 4.38 4.60
CA LEU A 54 10.56 4.70 3.60
C LEU A 54 11.11 4.54 2.19
N ASN A 55 12.38 4.85 2.02
CA ASN A 55 13.01 4.81 0.69
C ASN A 55 13.03 3.39 0.15
N LEU A 56 13.36 2.44 1.01
CA LEU A 56 13.39 1.03 0.62
C LEU A 56 11.99 0.50 0.37
N LEU A 57 11.05 0.91 1.22
CA LEU A 57 9.65 0.51 1.06
C LEU A 57 9.07 1.07 -0.22
N HIS A 58 9.39 2.32 -0.52
CA HIS A 58 8.94 2.97 -1.76
C HIS A 58 9.51 2.25 -2.98
N ALA A 59 10.80 1.97 -2.93
CA ALA A 59 11.46 1.24 -4.02
C ALA A 59 10.83 -0.14 -4.21
N ALA A 60 10.47 -0.78 -3.10
CA ALA A 60 9.85 -2.10 -3.15
C ALA A 60 8.50 -2.05 -3.85
N ALA A 61 7.74 -1.00 -3.57
CA ALA A 61 6.46 -0.79 -4.23
C ALA A 61 6.64 -0.56 -5.73
N LYS A 62 7.68 0.18 -6.08
CA LYS A 62 7.96 0.50 -7.48
C LYS A 62 8.43 -0.74 -8.24
N ALA A 63 8.97 -1.70 -7.50
CA ALA A 63 9.58 -2.87 -8.12
C ALA A 63 8.52 -3.89 -8.54
N SER A 64 7.28 -3.64 -8.14
CA SER A 64 6.17 -4.53 -8.48
C SER A 64 5.55 -4.13 -9.82
N ASP A 65 5.19 -5.13 -10.62
CA ASP A 65 4.62 -4.88 -11.94
C ASP A 65 3.10 -4.77 -11.86
N ILE A 66 2.55 -5.00 -10.67
CA ILE A 66 1.11 -4.98 -10.48
C ILE A 66 0.70 -3.85 -9.55
N ILE A 67 1.65 -3.00 -9.19
CA ILE A 67 1.38 -1.84 -8.35
C ILE A 67 1.70 -0.54 -9.09
N ASP A 68 0.81 0.44 -8.96
CA ASP A 68 1.03 1.75 -9.56
C ASP A 68 1.24 2.81 -8.49
N VAL A 69 2.20 3.71 -8.74
CA VAL A 69 2.60 4.69 -7.73
C VAL A 69 2.25 6.10 -8.17
N ALA A 70 1.56 6.82 -7.29
CA ALA A 70 1.25 8.23 -7.54
C ALA A 70 2.02 9.14 -6.60
N GLU A 71 2.74 10.11 -7.17
CA GLU A 71 3.63 10.96 -6.39
C GLU A 71 3.16 12.42 -6.44
N ASP A 72 3.35 13.12 -5.33
CA ASP A 72 3.18 14.58 -5.31
C ASP A 72 4.53 15.27 -5.14
N LEU A 73 4.95 15.99 -6.17
CA LEU A 73 6.27 16.59 -6.20
C LEU A 73 6.44 17.60 -5.07
N GLN A 74 5.32 18.15 -4.61
CA GLN A 74 5.33 19.21 -3.61
C GLN A 74 5.25 18.61 -2.20
N SER A 75 4.93 17.33 -2.12
CA SER A 75 4.73 16.67 -0.84
C SER A 75 5.16 15.20 -0.90
N PRO A 76 6.43 14.95 -0.57
CA PRO A 76 7.01 13.60 -0.64
C PRO A 76 6.28 12.62 0.27
N MET A 77 5.61 13.14 1.29
CA MET A 77 4.93 12.30 2.26
C MET A 77 3.53 11.91 1.76
N SER A 78 3.13 12.49 0.64
CA SER A 78 1.79 12.26 0.10
C SER A 78 1.82 11.20 -1.00
N ILE A 79 2.95 10.50 -1.11
CA ILE A 79 3.10 9.45 -2.11
C ILE A 79 2.27 8.22 -1.76
N LYS A 80 1.38 7.84 -2.67
CA LYS A 80 0.46 6.74 -2.41
C LYS A 80 0.54 5.69 -3.51
N VAL A 81 0.13 4.48 -3.20
CA VAL A 81 0.22 3.37 -4.14
C VAL A 81 -1.12 2.64 -4.26
N ARG A 82 -1.30 1.92 -5.37
CA ARG A 82 -2.48 1.10 -5.56
C ARG A 82 -2.15 -0.15 -6.37
N ARG A 83 -2.78 -1.27 -6.02
CA ARG A 83 -2.69 -2.48 -6.82
C ARG A 83 -3.67 -2.44 -7.98
N LYS A 84 -3.21 -2.85 -9.16
CA LYS A 84 -4.05 -2.85 -10.36
C LYS A 84 -5.34 -3.64 -10.13
N GLU A 85 -6.46 -3.06 -10.57
CA GLU A 85 -7.76 -3.71 -10.40
C GLU A 85 -7.79 -5.05 -11.12
N THR A 86 -8.25 -6.08 -10.42
CA THR A 86 -8.39 -7.41 -11.00
C THR A 86 -9.81 -7.93 -10.84
N TRP A 87 -10.05 -8.63 -9.74
CA TRP A 87 -11.37 -9.21 -9.49
C TRP A 87 -12.40 -8.13 -9.17
N SER A 88 -12.09 -7.30 -8.18
CA SER A 88 -12.99 -6.22 -7.79
C SER A 88 -12.28 -5.23 -6.87
N PRO A 89 -12.60 -3.94 -7.02
CA PRO A 89 -12.11 -2.89 -6.13
C PRO A 89 -12.77 -2.95 -4.76
N TRP A 90 -11.98 -2.71 -3.72
CA TRP A 90 -12.49 -2.70 -2.35
C TRP A 90 -12.58 -1.29 -1.81
N ILE A 91 -13.43 -0.46 -2.40
CA ILE A 91 -13.57 0.93 -2.00
C ILE A 91 -14.89 1.16 -1.29
N LEU A 92 -14.83 1.78 -0.12
CA LEU A 92 -16.03 2.06 0.68
C LEU A 92 -16.56 3.46 0.39
N PRO A 93 -17.90 3.60 0.44
CA PRO A 93 -18.55 4.90 0.33
C PRO A 93 -18.20 5.84 1.46
N SER A 94 -18.15 7.14 1.17
CA SER A 94 -17.83 8.14 2.17
C SER A 94 -18.76 8.03 3.37
N GLU A 95 -20.00 7.62 3.10
CA GLU A 95 -21.03 7.60 4.13
C GLU A 95 -20.72 6.56 5.21
N SER A 96 -19.83 5.62 4.87
CA SER A 96 -19.48 4.54 5.79
C SER A 96 -18.39 4.99 6.75
N ARG A 97 -17.77 6.13 6.46
CA ARG A 97 -16.65 6.62 7.25
C ARG A 97 -17.13 7.61 8.30
N LEU A 98 -16.50 7.58 9.47
CA LEU A 98 -16.83 8.50 10.55
C LEU A 98 -15.67 9.43 10.85
N MET A 1 16.10 -14.13 0.63
CA MET A 1 15.46 -13.01 -0.07
C MET A 1 16.15 -11.69 0.28
N ASP A 2 16.16 -10.77 -0.68
CA ASP A 2 16.70 -9.44 -0.45
C ASP A 2 15.70 -8.56 0.28
N VAL A 3 16.18 -7.44 0.83
CA VAL A 3 15.32 -6.50 1.53
C VAL A 3 14.22 -5.96 0.63
N GLN A 4 14.61 -5.57 -0.59
CA GLN A 4 13.65 -5.09 -1.57
C GLN A 4 12.64 -6.19 -1.92
N ALA A 5 13.15 -7.40 -2.16
CA ALA A 5 12.30 -8.51 -2.56
C ALA A 5 11.25 -8.81 -1.51
N PHE A 6 11.65 -8.81 -0.24
CA PHE A 6 10.76 -9.11 0.85
C PHE A 6 9.68 -8.05 0.99
N LEU A 7 10.10 -6.79 0.96
CA LEU A 7 9.17 -5.67 1.10
C LEU A 7 8.17 -5.64 -0.06
N THR A 8 8.67 -5.93 -1.26
CA THR A 8 7.82 -5.96 -2.44
C THR A 8 6.79 -7.08 -2.35
N SER A 9 7.23 -8.26 -1.91
CA SER A 9 6.35 -9.41 -1.79
C SER A 9 5.25 -9.14 -0.77
N GLN A 10 5.62 -8.49 0.33
CA GLN A 10 4.65 -8.17 1.38
C GLN A 10 3.61 -7.18 0.89
N LEU A 11 4.07 -6.16 0.16
CA LEU A 11 3.18 -5.14 -0.38
C LEU A 11 2.18 -5.75 -1.36
N GLU A 12 2.67 -6.60 -2.25
CA GLU A 12 1.82 -7.27 -3.22
C GLU A 12 0.77 -8.15 -2.52
N TYR A 13 1.19 -8.82 -1.45
CA TYR A 13 0.29 -9.65 -0.68
C TYR A 13 -0.77 -8.81 0.03
N TYR A 14 -0.36 -7.66 0.54
CA TYR A 14 -1.25 -6.82 1.33
C TYR A 14 -2.41 -6.30 0.49
N PHE A 15 -2.16 -6.12 -0.79
CA PHE A 15 -3.16 -5.56 -1.70
C PHE A 15 -3.94 -6.65 -2.41
N SER A 16 -3.76 -7.89 -1.95
CA SER A 16 -4.50 -9.02 -2.50
C SER A 16 -5.95 -8.99 -2.05
N ILE A 17 -6.84 -9.55 -2.88
CA ILE A 17 -8.26 -9.57 -2.57
C ILE A 17 -8.53 -10.31 -1.26
N GLU A 18 -7.81 -11.41 -1.05
CA GLU A 18 -7.98 -12.23 0.14
C GLU A 18 -7.63 -11.44 1.40
N ASN A 19 -6.50 -10.72 1.34
CA ASN A 19 -6.04 -9.94 2.47
C ASN A 19 -6.98 -8.77 2.76
N LEU A 20 -7.42 -8.11 1.70
CA LEU A 20 -8.28 -6.93 1.84
C LEU A 20 -9.62 -7.30 2.45
N SER A 21 -10.11 -8.48 2.11
CA SER A 21 -11.38 -8.96 2.64
C SER A 21 -11.27 -9.22 4.15
N LYS A 22 -10.06 -9.44 4.62
CA LYS A 22 -9.82 -9.79 6.02
C LYS A 22 -9.28 -8.60 6.80
N ASP A 23 -8.62 -7.68 6.09
CA ASP A 23 -7.90 -6.59 6.74
C ASP A 23 -8.76 -5.33 6.77
N MET A 24 -9.54 -5.18 7.84
CA MET A 24 -10.49 -4.08 7.94
C MET A 24 -9.76 -2.74 8.07
N PHE A 25 -8.61 -2.76 8.72
CA PHE A 25 -7.86 -1.54 8.97
C PHE A 25 -7.41 -0.90 7.67
N LEU A 26 -6.86 -1.72 6.78
CA LEU A 26 -6.30 -1.22 5.53
C LEU A 26 -7.40 -0.62 4.65
N ARG A 27 -8.49 -1.36 4.49
CA ARG A 27 -9.53 -0.98 3.53
C ARG A 27 -10.21 0.32 3.94
N LYS A 28 -10.36 0.52 5.25
CA LYS A 28 -11.05 1.69 5.78
C LYS A 28 -10.34 2.98 5.37
N HIS A 29 -9.02 2.90 5.22
CA HIS A 29 -8.21 4.08 4.95
C HIS A 29 -7.86 4.17 3.47
N MET A 30 -8.50 3.33 2.66
CA MET A 30 -8.29 3.36 1.21
C MET A 30 -8.99 4.58 0.60
N ASP A 31 -8.36 5.13 -0.44
CA ASP A 31 -8.89 6.32 -1.11
C ASP A 31 -10.02 5.95 -2.07
N ASP A 32 -10.73 6.96 -2.55
CA ASP A 32 -11.86 6.74 -3.45
C ASP A 32 -11.38 6.20 -4.80
N GLU A 33 -10.09 6.39 -5.07
CA GLU A 33 -9.50 5.92 -6.33
C GLU A 33 -8.84 4.56 -6.16
N GLY A 34 -9.02 3.97 -4.99
CA GLY A 34 -8.42 2.68 -4.71
C GLY A 34 -6.93 2.79 -4.45
N TYR A 35 -6.48 3.96 -4.00
CA TYR A 35 -5.07 4.19 -3.72
C TYR A 35 -4.81 4.21 -2.22
N VAL A 36 -3.61 3.80 -1.84
CA VAL A 36 -3.21 3.82 -0.42
C VAL A 36 -1.89 4.57 -0.25
N PRO A 37 -1.91 5.60 0.61
CA PRO A 37 -0.74 6.44 0.88
C PRO A 37 0.44 5.62 1.41
N LEU A 38 1.64 5.92 0.92
CA LEU A 38 2.85 5.30 1.42
C LEU A 38 2.97 5.48 2.93
N ALA A 39 2.65 6.69 3.40
CA ALA A 39 2.81 7.02 4.81
C ALA A 39 1.93 6.12 5.69
N PHE A 40 0.81 5.68 5.13
CA PHE A 40 -0.11 4.82 5.87
C PHE A 40 0.44 3.40 5.95
N LEU A 41 1.05 2.94 4.87
CA LEU A 41 1.62 1.59 4.82
C LEU A 41 2.76 1.46 5.83
N ALA A 42 3.51 2.54 6.01
CA ALA A 42 4.66 2.53 6.93
C ALA A 42 4.20 2.31 8.37
N SER A 43 2.92 2.52 8.62
CA SER A 43 2.38 2.40 9.97
C SER A 43 2.13 0.94 10.32
N PHE A 44 2.34 0.06 9.35
CA PHE A 44 2.13 -1.38 9.56
C PHE A 44 3.27 -1.98 10.37
N ASN A 45 2.94 -2.56 11.51
CA ASN A 45 3.95 -3.12 12.41
C ASN A 45 4.75 -4.22 11.72
N ARG A 46 4.10 -4.93 10.81
CA ARG A 46 4.76 -6.00 10.06
C ARG A 46 5.91 -5.44 9.23
N ILE A 47 5.68 -4.28 8.61
CA ILE A 47 6.70 -3.64 7.79
C ILE A 47 7.78 -2.99 8.66
N LYS A 48 7.34 -2.35 9.74
CA LYS A 48 8.27 -1.62 10.62
C LYS A 48 9.25 -2.58 11.28
N SER A 49 8.80 -3.81 11.55
CA SER A 49 9.64 -4.81 12.17
C SER A 49 10.80 -5.19 11.25
N PHE A 50 10.59 -5.05 9.95
CA PHE A 50 11.60 -5.42 8.96
C PHE A 50 12.39 -4.19 8.52
N SER A 51 11.69 -3.08 8.30
CA SER A 51 12.32 -1.85 7.85
C SER A 51 11.39 -0.66 8.07
N THR A 52 11.95 0.42 8.62
CA THR A 52 11.18 1.63 8.87
C THR A 52 11.52 2.71 7.85
N ASP A 53 12.33 2.35 6.86
CA ASP A 53 12.83 3.31 5.88
C ASP A 53 11.84 3.48 4.74
N LEU A 54 11.25 4.67 4.64
CA LEU A 54 10.27 4.96 3.58
C LEU A 54 10.90 4.76 2.21
N ASN A 55 12.19 5.04 2.10
CA ASN A 55 12.89 4.97 0.82
C ASN A 55 12.93 3.53 0.30
N LEU A 56 13.19 2.60 1.21
CA LEU A 56 13.23 1.18 0.85
C LEU A 56 11.83 0.66 0.52
N LEU A 57 10.85 1.09 1.32
CA LEU A 57 9.46 0.71 1.09
C LEU A 57 8.95 1.26 -0.24
N HIS A 58 9.31 2.52 -0.52
CA HIS A 58 8.92 3.16 -1.77
C HIS A 58 9.52 2.44 -2.97
N ALA A 59 10.82 2.13 -2.87
CA ALA A 59 11.51 1.41 -3.93
C ALA A 59 10.88 0.04 -4.16
N ALA A 60 10.49 -0.61 -3.08
CA ALA A 60 9.89 -1.93 -3.16
C ALA A 60 8.56 -1.88 -3.90
N ALA A 61 7.78 -0.84 -3.63
CA ALA A 61 6.51 -0.63 -4.32
C ALA A 61 6.72 -0.39 -5.82
N LYS A 62 7.75 0.39 -6.13
CA LYS A 62 8.05 0.73 -7.52
C LYS A 62 8.62 -0.47 -8.27
N ALA A 63 9.18 -1.42 -7.52
CA ALA A 63 9.89 -2.55 -8.12
C ALA A 63 8.91 -3.62 -8.58
N SER A 64 7.63 -3.44 -8.24
CA SER A 64 6.60 -4.38 -8.63
C SER A 64 6.04 -4.05 -10.01
N ASP A 65 5.74 -5.07 -10.79
CA ASP A 65 5.25 -4.88 -12.15
C ASP A 65 3.72 -4.80 -12.16
N ILE A 66 3.11 -5.04 -11.01
CA ILE A 66 1.66 -5.05 -10.91
C ILE A 66 1.16 -3.93 -9.99
N ILE A 67 2.07 -3.07 -9.56
CA ILE A 67 1.71 -1.92 -8.74
C ILE A 67 2.06 -0.62 -9.44
N ASP A 68 1.14 0.34 -9.37
CA ASP A 68 1.38 1.66 -9.94
C ASP A 68 1.57 2.69 -8.84
N VAL A 69 2.64 3.49 -8.97
CA VAL A 69 3.03 4.41 -7.90
C VAL A 69 2.89 5.86 -8.37
N ALA A 70 2.19 6.66 -7.57
CA ALA A 70 2.02 8.08 -7.87
C ALA A 70 2.86 8.94 -6.93
N GLU A 71 3.71 9.78 -7.49
CA GLU A 71 4.63 10.58 -6.70
C GLU A 71 4.23 12.06 -6.70
N ASP A 72 4.46 12.74 -5.59
CA ASP A 72 4.24 14.17 -5.50
C ASP A 72 5.49 14.89 -4.99
N LEU A 73 6.12 15.66 -5.86
CA LEU A 73 7.41 16.27 -5.55
C LEU A 73 7.27 17.24 -4.38
N GLN A 74 6.05 17.69 -4.12
CA GLN A 74 5.80 18.73 -3.15
C GLN A 74 5.80 18.17 -1.72
N SER A 75 5.59 16.86 -1.62
CA SER A 75 5.54 16.20 -0.32
C SER A 75 5.63 14.68 -0.48
N PRO A 76 6.51 14.06 0.32
CA PRO A 76 6.63 12.60 0.37
C PRO A 76 5.40 11.93 0.95
N MET A 77 4.61 12.68 1.70
CA MET A 77 3.45 12.14 2.39
C MET A 77 2.27 11.98 1.44
N SER A 78 2.41 12.53 0.24
CA SER A 78 1.34 12.48 -0.74
C SER A 78 1.59 11.37 -1.77
N ILE A 79 2.60 10.55 -1.50
CA ILE A 79 2.93 9.43 -2.37
C ILE A 79 1.96 8.26 -2.14
N LYS A 80 1.30 7.83 -3.21
CA LYS A 80 0.29 6.78 -3.11
C LYS A 80 0.64 5.61 -4.03
N VAL A 81 0.12 4.43 -3.69
CA VAL A 81 0.29 3.25 -4.54
C VAL A 81 -1.03 2.54 -4.76
N ARG A 82 -1.12 1.79 -5.86
CA ARG A 82 -2.27 0.92 -6.10
C ARG A 82 -1.85 -0.33 -6.88
N ARG A 83 -2.45 -1.46 -6.52
CA ARG A 83 -2.25 -2.69 -7.27
C ARG A 83 -3.26 -2.80 -8.42
N LYS A 84 -2.78 -3.24 -9.57
CA LYS A 84 -3.63 -3.42 -10.74
C LYS A 84 -3.90 -4.90 -10.98
N GLU A 85 -4.77 -5.18 -11.95
CA GLU A 85 -5.12 -6.56 -12.29
C GLU A 85 -5.76 -7.26 -11.10
N THR A 86 -6.71 -6.60 -10.46
CA THR A 86 -7.44 -7.17 -9.34
C THR A 86 -8.93 -7.26 -9.64
N TRP A 87 -9.64 -8.06 -8.85
CA TRP A 87 -11.08 -8.21 -9.02
C TRP A 87 -11.80 -6.89 -8.77
N SER A 88 -11.55 -6.30 -7.60
CA SER A 88 -12.17 -5.03 -7.24
C SER A 88 -11.54 -4.47 -5.97
N PRO A 89 -11.40 -3.13 -5.91
CA PRO A 89 -10.96 -2.42 -4.71
C PRO A 89 -12.00 -2.46 -3.60
N TRP A 90 -11.53 -2.49 -2.35
CA TRP A 90 -12.42 -2.50 -1.20
C TRP A 90 -12.41 -1.16 -0.49
N ILE A 91 -13.35 -0.30 -0.85
CA ILE A 91 -13.38 1.07 -0.34
C ILE A 91 -14.59 1.31 0.56
N LEU A 92 -14.34 1.78 1.77
CA LEU A 92 -15.41 2.12 2.70
C LEU A 92 -15.51 3.63 2.88
N PRO A 93 -16.71 4.12 3.24
CA PRO A 93 -16.94 5.53 3.53
C PRO A 93 -16.01 6.07 4.60
N SER A 94 -15.58 7.31 4.44
CA SER A 94 -14.66 7.94 5.40
C SER A 94 -15.24 7.89 6.82
N GLU A 95 -16.57 7.97 6.91
CA GLU A 95 -17.24 8.04 8.21
C GLU A 95 -17.10 6.71 8.95
N SER A 96 -16.77 5.65 8.21
CA SER A 96 -16.67 4.33 8.79
C SER A 96 -15.31 4.10 9.44
N ARG A 97 -14.40 5.03 9.21
CA ARG A 97 -13.04 4.92 9.73
C ARG A 97 -13.03 5.01 11.25
N LEU A 98 -12.18 4.21 11.88
CA LEU A 98 -12.07 4.21 13.34
C LEU A 98 -10.73 4.78 13.78
N MET A 1 18.82 -12.81 1.08
CA MET A 1 17.53 -12.18 0.79
C MET A 1 17.67 -10.66 0.79
N ASP A 2 17.34 -10.05 -0.35
CA ASP A 2 17.39 -8.60 -0.46
C ASP A 2 16.18 -7.96 0.21
N VAL A 3 16.43 -6.86 0.93
CA VAL A 3 15.37 -6.17 1.64
C VAL A 3 14.28 -5.69 0.69
N GLN A 4 14.68 -5.34 -0.53
CA GLN A 4 13.73 -4.93 -1.55
C GLN A 4 12.77 -6.06 -1.89
N ALA A 5 13.32 -7.25 -2.10
CA ALA A 5 12.52 -8.41 -2.48
C ALA A 5 11.50 -8.74 -1.39
N PHE A 6 11.94 -8.70 -0.14
CA PHE A 6 11.07 -9.04 0.99
C PHE A 6 9.95 -8.01 1.12
N LEU A 7 10.30 -6.73 1.06
CA LEU A 7 9.34 -5.66 1.21
C LEU A 7 8.31 -5.69 0.07
N THR A 8 8.78 -5.98 -1.13
CA THR A 8 7.90 -6.07 -2.30
C THR A 8 6.92 -7.23 -2.16
N SER A 9 7.42 -8.38 -1.70
CA SER A 9 6.58 -9.55 -1.52
C SER A 9 5.50 -9.29 -0.49
N GLN A 10 5.86 -8.61 0.59
CA GLN A 10 4.91 -8.29 1.65
C GLN A 10 3.84 -7.32 1.14
N LEU A 11 4.26 -6.33 0.38
CA LEU A 11 3.33 -5.35 -0.19
C LEU A 11 2.35 -6.01 -1.15
N GLU A 12 2.87 -6.90 -1.99
CA GLU A 12 2.03 -7.63 -2.92
C GLU A 12 1.00 -8.48 -2.19
N TYR A 13 1.42 -9.08 -1.08
CA TYR A 13 0.52 -9.90 -0.27
C TYR A 13 -0.55 -9.05 0.38
N TYR A 14 -0.15 -7.87 0.86
CA TYR A 14 -1.06 -6.99 1.59
C TYR A 14 -2.18 -6.49 0.67
N PHE A 15 -1.85 -6.30 -0.60
CA PHE A 15 -2.81 -5.79 -1.57
C PHE A 15 -3.42 -6.92 -2.38
N SER A 16 -3.27 -8.15 -1.89
CA SER A 16 -3.86 -9.31 -2.53
C SER A 16 -5.37 -9.36 -2.25
N ILE A 17 -6.11 -10.02 -3.14
CA ILE A 17 -7.55 -10.14 -2.99
C ILE A 17 -7.91 -10.84 -1.69
N GLU A 18 -7.14 -11.89 -1.36
CA GLU A 18 -7.42 -12.68 -0.17
C GLU A 18 -7.25 -11.85 1.09
N ASN A 19 -6.18 -11.06 1.13
CA ASN A 19 -5.90 -10.20 2.29
C ASN A 19 -6.92 -9.07 2.39
N LEU A 20 -7.21 -8.43 1.26
CA LEU A 20 -8.06 -7.26 1.24
C LEU A 20 -9.48 -7.60 1.67
N SER A 21 -9.93 -8.79 1.28
CA SER A 21 -11.28 -9.25 1.62
C SER A 21 -11.44 -9.35 3.14
N LYS A 22 -10.33 -9.59 3.84
CA LYS A 22 -10.36 -9.77 5.29
C LYS A 22 -9.85 -8.53 6.00
N ASP A 23 -9.01 -7.76 5.32
CA ASP A 23 -8.30 -6.65 5.96
C ASP A 23 -9.10 -5.35 5.82
N MET A 24 -10.12 -5.21 6.66
CA MET A 24 -10.97 -4.02 6.62
C MET A 24 -10.18 -2.77 7.01
N PHE A 25 -9.19 -2.95 7.88
CA PHE A 25 -8.42 -1.82 8.39
C PHE A 25 -7.73 -1.08 7.26
N LEU A 26 -7.12 -1.83 6.35
CA LEU A 26 -6.47 -1.24 5.18
C LEU A 26 -7.49 -0.52 4.29
N ARG A 27 -8.62 -1.17 4.05
CA ARG A 27 -9.63 -0.65 3.13
C ARG A 27 -10.20 0.66 3.66
N LYS A 28 -10.39 0.73 4.97
CA LYS A 28 -11.03 1.89 5.59
C LYS A 28 -10.24 3.17 5.31
N HIS A 29 -8.93 3.02 5.11
CA HIS A 29 -8.05 4.17 4.96
C HIS A 29 -7.79 4.46 3.48
N MET A 30 -8.61 3.88 2.61
CA MET A 30 -8.58 4.21 1.19
C MET A 30 -9.29 5.52 0.91
N ASP A 31 -8.80 6.26 -0.08
CA ASP A 31 -9.45 7.48 -0.52
C ASP A 31 -10.43 7.22 -1.65
N ASP A 32 -11.06 8.29 -2.14
CA ASP A 32 -12.11 8.15 -3.15
C ASP A 32 -11.52 7.73 -4.49
N GLU A 33 -10.20 7.87 -4.63
CA GLU A 33 -9.53 7.57 -5.88
C GLU A 33 -9.01 6.13 -5.90
N GLY A 34 -9.25 5.42 -4.81
CA GLY A 34 -8.81 4.04 -4.71
C GLY A 34 -7.32 3.93 -4.52
N TYR A 35 -6.73 4.94 -3.87
CA TYR A 35 -5.30 4.95 -3.61
C TYR A 35 -5.01 4.77 -2.12
N VAL A 36 -3.85 4.20 -1.81
CA VAL A 36 -3.40 4.09 -0.43
C VAL A 36 -2.04 4.76 -0.24
N PRO A 37 -1.99 5.75 0.65
CA PRO A 37 -0.78 6.51 0.92
C PRO A 37 0.37 5.64 1.39
N LEU A 38 1.56 5.87 0.84
CA LEU A 38 2.76 5.16 1.29
C LEU A 38 2.96 5.33 2.79
N ALA A 39 2.71 6.53 3.29
CA ALA A 39 2.94 6.84 4.70
C ALA A 39 2.08 5.96 5.60
N PHE A 40 0.92 5.55 5.09
CA PHE A 40 0.03 4.69 5.84
C PHE A 40 0.56 3.26 5.90
N LEU A 41 1.11 2.79 4.78
CA LEU A 41 1.70 1.46 4.71
C LEU A 41 2.91 1.36 5.65
N ALA A 42 3.66 2.45 5.77
CA ALA A 42 4.84 2.47 6.61
C ALA A 42 4.47 2.30 8.08
N SER A 43 3.19 2.54 8.40
CA SER A 43 2.73 2.49 9.78
C SER A 43 2.45 1.05 10.19
N PHE A 44 2.58 0.12 9.25
CA PHE A 44 2.34 -1.29 9.51
C PHE A 44 3.48 -1.90 10.33
N ASN A 45 3.14 -2.45 11.48
CA ASN A 45 4.15 -2.97 12.40
C ASN A 45 4.96 -4.07 11.76
N ARG A 46 4.31 -4.83 10.86
CA ARG A 46 4.99 -5.91 10.16
C ARG A 46 6.14 -5.39 9.31
N ILE A 47 5.92 -4.24 8.67
CA ILE A 47 6.95 -3.63 7.84
C ILE A 47 8.01 -2.94 8.70
N LYS A 48 7.57 -2.27 9.75
CA LYS A 48 8.47 -1.52 10.61
C LYS A 48 9.45 -2.45 11.32
N SER A 49 8.99 -3.66 11.61
CA SER A 49 9.82 -4.65 12.28
C SER A 49 11.00 -5.07 11.39
N PHE A 50 10.80 -4.96 10.08
CA PHE A 50 11.82 -5.34 9.12
C PHE A 50 12.64 -4.13 8.68
N SER A 51 11.95 -3.02 8.42
CA SER A 51 12.61 -1.80 7.97
C SER A 51 11.69 -0.60 8.15
N THR A 52 12.25 0.49 8.66
CA THR A 52 11.50 1.72 8.85
C THR A 52 11.87 2.76 7.80
N ASP A 53 12.66 2.34 6.82
CA ASP A 53 13.18 3.26 5.81
C ASP A 53 12.17 3.46 4.69
N LEU A 54 11.58 4.65 4.62
CA LEU A 54 10.56 4.96 3.62
C LEU A 54 11.11 4.77 2.21
N ASN A 55 12.39 5.05 2.04
CA ASN A 55 13.03 4.97 0.72
C ASN A 55 13.03 3.54 0.21
N LEU A 56 13.34 2.60 1.09
CA LEU A 56 13.35 1.19 0.73
C LEU A 56 11.94 0.69 0.45
N LEU A 57 10.98 1.15 1.25
CA LEU A 57 9.59 0.79 1.06
C LEU A 57 9.06 1.31 -0.28
N HIS A 58 9.43 2.55 -0.61
CA HIS A 58 9.04 3.16 -1.88
C HIS A 58 9.61 2.38 -3.05
N ALA A 59 10.90 2.06 -2.97
CA ALA A 59 11.57 1.28 -4.01
C ALA A 59 10.92 -0.08 -4.17
N ALA A 60 10.54 -0.69 -3.06
CA ALA A 60 9.91 -2.00 -3.06
C ALA A 60 8.56 -1.94 -3.76
N ALA A 61 7.80 -0.87 -3.51
CA ALA A 61 6.51 -0.68 -4.13
C ALA A 61 6.64 -0.52 -5.64
N LYS A 62 7.67 0.20 -6.06
CA LYS A 62 7.91 0.44 -7.49
C LYS A 62 8.36 -0.84 -8.18
N ALA A 63 8.92 -1.76 -7.42
CA ALA A 63 9.48 -2.98 -7.97
C ALA A 63 8.38 -4.02 -8.23
N SER A 64 7.17 -3.71 -7.79
CA SER A 64 6.04 -4.61 -7.95
C SER A 64 5.51 -4.56 -9.38
N ASP A 65 5.04 -5.70 -9.87
CA ASP A 65 4.47 -5.77 -11.21
C ASP A 65 2.96 -5.54 -11.19
N ILE A 66 2.38 -5.60 -10.00
CA ILE A 66 0.94 -5.56 -9.85
C ILE A 66 0.50 -4.33 -9.07
N ILE A 67 1.48 -3.60 -8.52
CA ILE A 67 1.20 -2.35 -7.83
C ILE A 67 1.85 -1.17 -8.56
N ASP A 68 1.10 -0.08 -8.69
CA ASP A 68 1.62 1.13 -9.32
C ASP A 68 1.77 2.25 -8.29
N VAL A 69 2.80 3.08 -8.46
CA VAL A 69 3.08 4.14 -7.51
C VAL A 69 2.92 5.51 -8.16
N ALA A 70 2.15 6.37 -7.51
CA ALA A 70 2.00 7.76 -7.97
C ALA A 70 2.75 8.71 -7.05
N GLU A 71 3.65 9.50 -7.64
CA GLU A 71 4.54 10.36 -6.86
C GLU A 71 4.01 11.78 -6.82
N ASP A 72 4.20 12.45 -5.68
CA ASP A 72 3.87 13.87 -5.56
C ASP A 72 5.13 14.69 -5.30
N LEU A 73 5.52 15.50 -6.28
CA LEU A 73 6.77 16.23 -6.22
C LEU A 73 6.78 17.21 -5.05
N GLN A 74 5.59 17.53 -4.55
CA GLN A 74 5.45 18.56 -3.52
C GLN A 74 5.80 18.01 -2.15
N SER A 75 5.74 16.70 -2.01
CA SER A 75 6.01 16.05 -0.74
C SER A 75 6.18 14.54 -0.92
N PRO A 76 7.24 13.98 -0.31
CA PRO A 76 7.47 12.54 -0.29
C PRO A 76 6.41 11.78 0.51
N MET A 77 5.72 12.50 1.40
CA MET A 77 4.73 11.90 2.27
C MET A 77 3.39 11.78 1.57
N SER A 78 3.29 12.36 0.38
CA SER A 78 2.04 12.37 -0.38
C SER A 78 2.07 11.32 -1.49
N ILE A 79 3.05 10.43 -1.42
CA ILE A 79 3.18 9.36 -2.40
C ILE A 79 2.17 8.24 -2.13
N LYS A 80 1.38 7.90 -3.13
CA LYS A 80 0.32 6.92 -2.98
C LYS A 80 0.53 5.75 -3.94
N VAL A 81 -0.04 4.60 -3.60
CA VAL A 81 0.03 3.42 -4.45
C VAL A 81 -1.33 2.79 -4.66
N ARG A 82 -1.47 2.01 -5.72
CA ARG A 82 -2.69 1.25 -5.97
C ARG A 82 -2.39 -0.02 -6.76
N ARG A 83 -3.31 -0.98 -6.70
CA ARG A 83 -3.26 -2.15 -7.57
C ARG A 83 -3.46 -1.74 -9.03
N LYS A 84 -2.68 -2.35 -9.92
CA LYS A 84 -2.73 -2.02 -11.34
C LYS A 84 -4.10 -2.32 -11.92
N GLU A 85 -4.59 -3.54 -11.67
CA GLU A 85 -5.83 -4.00 -12.28
C GLU A 85 -6.52 -5.02 -11.40
N THR A 86 -7.78 -4.75 -11.06
CA THR A 86 -8.57 -5.65 -10.22
C THR A 86 -9.98 -5.83 -10.79
N TRP A 87 -10.52 -4.76 -11.35
CA TRP A 87 -11.93 -4.74 -11.73
C TRP A 87 -12.82 -5.05 -10.54
N SER A 88 -12.33 -4.74 -9.34
CA SER A 88 -13.08 -4.99 -8.12
C SER A 88 -12.79 -3.91 -7.08
N PRO A 89 -13.58 -2.82 -7.11
CA PRO A 89 -13.40 -1.69 -6.22
C PRO A 89 -13.39 -2.09 -4.74
N TRP A 90 -12.45 -1.55 -3.99
CA TRP A 90 -12.31 -1.88 -2.58
C TRP A 90 -12.70 -0.70 -1.70
N ILE A 91 -13.21 0.36 -2.33
CA ILE A 91 -13.55 1.58 -1.62
C ILE A 91 -14.80 1.38 -0.76
N LEU A 92 -14.72 1.78 0.50
CA LEU A 92 -15.84 1.66 1.43
C LEU A 92 -16.62 2.96 1.53
N PRO A 93 -17.92 2.85 1.82
CA PRO A 93 -18.79 4.02 2.04
C PRO A 93 -18.24 4.94 3.12
N SER A 94 -18.50 6.24 2.95
CA SER A 94 -17.98 7.24 3.88
C SER A 94 -18.26 6.85 5.33
N GLU A 95 -19.47 6.36 5.57
CA GLU A 95 -19.91 6.03 6.92
C GLU A 95 -19.16 4.80 7.45
N SER A 96 -18.61 4.01 6.52
CA SER A 96 -17.97 2.75 6.89
C SER A 96 -16.47 2.95 7.11
N ARG A 97 -16.01 4.18 6.87
CA ARG A 97 -14.59 4.49 6.98
C ARG A 97 -14.11 4.36 8.42
N LEU A 98 -15.05 4.45 9.36
CA LEU A 98 -14.72 4.35 10.78
C LEU A 98 -15.00 2.96 11.32
N MET A 1 17.44 -13.70 -0.47
CA MET A 1 16.32 -12.76 -0.41
C MET A 1 16.78 -11.39 0.08
N ASP A 2 16.72 -10.40 -0.79
CA ASP A 2 17.16 -9.05 -0.44
C ASP A 2 16.07 -8.32 0.33
N VAL A 3 16.45 -7.21 0.97
CA VAL A 3 15.50 -6.40 1.73
C VAL A 3 14.37 -5.91 0.83
N GLN A 4 14.72 -5.47 -0.38
CA GLN A 4 13.73 -5.03 -1.35
C GLN A 4 12.77 -6.16 -1.70
N ALA A 5 13.32 -7.35 -1.93
CA ALA A 5 12.52 -8.50 -2.33
C ALA A 5 11.48 -8.84 -1.26
N PHE A 6 11.90 -8.80 0.00
CA PHE A 6 11.00 -9.11 1.11
C PHE A 6 9.90 -8.06 1.22
N LEU A 7 10.29 -6.80 1.16
CA LEU A 7 9.34 -5.70 1.29
C LEU A 7 8.33 -5.72 0.14
N THR A 8 8.80 -6.04 -1.05
CA THR A 8 7.93 -6.12 -2.22
C THR A 8 6.93 -7.26 -2.07
N SER A 9 7.40 -8.40 -1.62
CA SER A 9 6.54 -9.57 -1.42
C SER A 9 5.45 -9.29 -0.41
N GLN A 10 5.82 -8.59 0.66
CA GLN A 10 4.86 -8.25 1.72
C GLN A 10 3.82 -7.27 1.20
N LEU A 11 4.25 -6.29 0.43
CA LEU A 11 3.35 -5.29 -0.13
C LEU A 11 2.35 -5.94 -1.09
N GLU A 12 2.85 -6.83 -1.95
CA GLU A 12 2.00 -7.54 -2.90
C GLU A 12 0.96 -8.39 -2.16
N TYR A 13 1.39 -9.01 -1.06
CA TYR A 13 0.49 -9.83 -0.26
C TYR A 13 -0.57 -8.97 0.40
N TYR A 14 -0.17 -7.81 0.89
CA TYR A 14 -1.08 -6.93 1.62
C TYR A 14 -2.19 -6.43 0.72
N PHE A 15 -1.88 -6.24 -0.55
CA PHE A 15 -2.85 -5.71 -1.51
C PHE A 15 -3.52 -6.84 -2.28
N SER A 16 -3.34 -8.06 -1.81
CA SER A 16 -3.96 -9.23 -2.42
C SER A 16 -5.47 -9.23 -2.15
N ILE A 17 -6.22 -9.87 -3.05
CA ILE A 17 -7.67 -9.92 -2.92
C ILE A 17 -8.09 -10.59 -1.62
N GLU A 18 -7.39 -11.67 -1.26
CA GLU A 18 -7.72 -12.42 -0.06
C GLU A 18 -7.50 -11.56 1.19
N ASN A 19 -6.38 -10.84 1.22
CA ASN A 19 -6.04 -10.01 2.36
C ASN A 19 -7.01 -8.84 2.49
N LEU A 20 -7.32 -8.22 1.36
CA LEU A 20 -8.19 -7.04 1.36
C LEU A 20 -9.59 -7.38 1.83
N SER A 21 -10.06 -8.58 1.46
CA SER A 21 -11.40 -9.03 1.85
C SER A 21 -11.48 -9.18 3.37
N LYS A 22 -10.33 -9.38 4.00
CA LYS A 22 -10.30 -9.63 5.44
C LYS A 22 -9.84 -8.39 6.20
N ASP A 23 -9.08 -7.54 5.52
CA ASP A 23 -8.42 -6.42 6.17
C ASP A 23 -9.21 -5.13 5.98
N MET A 24 -10.21 -4.94 6.83
CA MET A 24 -11.04 -3.74 6.77
C MET A 24 -10.22 -2.49 7.10
N PHE A 25 -9.25 -2.65 7.99
CA PHE A 25 -8.45 -1.51 8.47
C PHE A 25 -7.74 -0.82 7.31
N LEU A 26 -7.13 -1.63 6.44
CA LEU A 26 -6.44 -1.10 5.27
C LEU A 26 -7.42 -0.39 4.34
N ARG A 27 -8.57 -1.01 4.10
CA ARG A 27 -9.54 -0.49 3.15
C ARG A 27 -10.09 0.86 3.60
N LYS A 28 -10.29 0.99 4.90
CA LYS A 28 -10.92 2.19 5.46
C LYS A 28 -10.09 3.43 5.14
N HIS A 29 -8.79 3.24 4.98
CA HIS A 29 -7.86 4.36 4.80
C HIS A 29 -7.57 4.61 3.33
N MET A 30 -8.43 4.06 2.46
CA MET A 30 -8.37 4.36 1.04
C MET A 30 -8.99 5.73 0.76
N ASP A 31 -8.46 6.42 -0.24
CA ASP A 31 -9.02 7.70 -0.67
C ASP A 31 -10.08 7.48 -1.76
N ASP A 32 -10.57 8.59 -2.32
CA ASP A 32 -11.68 8.53 -3.26
C ASP A 32 -11.24 7.85 -4.57
N GLU A 33 -9.93 7.77 -4.78
CA GLU A 33 -9.39 7.17 -5.99
C GLU A 33 -8.98 5.72 -5.74
N GLY A 34 -9.20 5.26 -4.52
CA GLY A 34 -8.86 3.89 -4.17
C GLY A 34 -7.36 3.70 -3.97
N TYR A 35 -6.66 4.79 -3.68
CA TYR A 35 -5.22 4.74 -3.45
C TYR A 35 -4.91 4.71 -1.97
N VAL A 36 -3.77 4.12 -1.62
CA VAL A 36 -3.31 4.07 -0.24
C VAL A 36 -1.94 4.71 -0.09
N PRO A 37 -1.85 5.77 0.73
CA PRO A 37 -0.61 6.51 0.95
C PRO A 37 0.50 5.61 1.49
N LEU A 38 1.71 5.77 0.93
CA LEU A 38 2.87 5.03 1.40
C LEU A 38 3.08 5.23 2.90
N ALA A 39 2.83 6.45 3.37
CA ALA A 39 3.05 6.79 4.77
C ALA A 39 2.18 5.93 5.69
N PHE A 40 1.02 5.50 5.17
CA PHE A 40 0.11 4.66 5.93
C PHE A 40 0.63 3.22 5.98
N LEU A 41 1.18 2.75 4.86
CA LEU A 41 1.76 1.42 4.80
C LEU A 41 2.96 1.29 5.73
N ALA A 42 3.72 2.37 5.86
CA ALA A 42 4.89 2.38 6.72
C ALA A 42 4.51 2.22 8.18
N SER A 43 3.24 2.45 8.49
CA SER A 43 2.76 2.40 9.86
C SER A 43 2.47 0.95 10.27
N PHE A 44 2.61 0.04 9.32
CA PHE A 44 2.37 -1.38 9.59
C PHE A 44 3.51 -1.99 10.39
N ASN A 45 3.18 -2.54 11.55
CA ASN A 45 4.19 -3.06 12.46
C ASN A 45 5.01 -4.16 11.80
N ARG A 46 4.37 -4.91 10.91
CA ARG A 46 5.05 -6.00 10.20
C ARG A 46 6.20 -5.46 9.35
N ILE A 47 5.97 -4.32 8.73
CA ILE A 47 6.98 -3.68 7.89
C ILE A 47 8.05 -3.00 8.75
N LYS A 48 7.61 -2.33 9.81
CA LYS A 48 8.51 -1.56 10.66
C LYS A 48 9.49 -2.49 11.36
N SER A 49 9.06 -3.70 11.66
CA SER A 49 9.91 -4.67 12.32
C SER A 49 11.08 -5.07 11.43
N PHE A 50 10.87 -4.97 10.12
CA PHE A 50 11.89 -5.38 9.15
C PHE A 50 12.68 -4.17 8.66
N SER A 51 11.97 -3.08 8.40
CA SER A 51 12.60 -1.85 7.92
C SER A 51 11.68 -0.65 8.12
N THR A 52 12.26 0.44 8.64
CA THR A 52 11.49 1.65 8.87
C THR A 52 11.81 2.72 7.82
N ASP A 53 12.60 2.33 6.83
CA ASP A 53 13.09 3.28 5.82
C ASP A 53 12.06 3.47 4.71
N LEU A 54 11.44 4.64 4.68
CA LEU A 54 10.41 4.93 3.69
C LEU A 54 10.94 4.79 2.27
N ASN A 55 12.22 5.11 2.08
CA ASN A 55 12.84 5.08 0.77
C ASN A 55 12.89 3.64 0.23
N LEU A 56 13.25 2.71 1.10
CA LEU A 56 13.31 1.30 0.72
C LEU A 56 11.92 0.75 0.46
N LEU A 57 10.95 1.19 1.25
CA LEU A 57 9.56 0.78 1.07
C LEU A 57 9.02 1.28 -0.27
N HIS A 58 9.36 2.52 -0.61
CA HIS A 58 8.96 3.09 -1.90
C HIS A 58 9.57 2.31 -3.06
N ALA A 59 10.86 2.01 -2.96
CA ALA A 59 11.55 1.24 -3.97
C ALA A 59 10.93 -0.14 -4.13
N ALA A 60 10.52 -0.73 -3.00
CA ALA A 60 9.89 -2.05 -3.01
C ALA A 60 8.55 -2.00 -3.73
N ALA A 61 7.80 -0.94 -3.51
CA ALA A 61 6.50 -0.76 -4.16
C ALA A 61 6.66 -0.63 -5.66
N LYS A 62 7.70 0.10 -6.09
CA LYS A 62 7.95 0.32 -7.51
C LYS A 62 8.39 -0.97 -8.19
N ALA A 63 8.92 -1.90 -7.40
CA ALA A 63 9.51 -3.12 -7.95
C ALA A 63 8.44 -4.15 -8.27
N SER A 64 7.20 -3.86 -7.87
CA SER A 64 6.09 -4.78 -8.09
C SER A 64 5.46 -4.53 -9.45
N ASP A 65 5.03 -5.60 -10.11
CA ASP A 65 4.44 -5.51 -11.44
C ASP A 65 2.92 -5.36 -11.34
N ILE A 66 2.39 -5.49 -10.13
CA ILE A 66 0.95 -5.46 -9.91
C ILE A 66 0.55 -4.26 -9.06
N ILE A 67 1.50 -3.37 -8.81
CA ILE A 67 1.22 -2.14 -8.07
C ILE A 67 1.52 -0.91 -8.91
N ASP A 68 0.63 0.08 -8.83
CA ASP A 68 0.86 1.35 -9.51
C ASP A 68 1.18 2.45 -8.50
N VAL A 69 2.24 3.21 -8.78
CA VAL A 69 2.74 4.20 -7.83
C VAL A 69 2.52 5.61 -8.36
N ALA A 70 1.86 6.45 -7.55
CA ALA A 70 1.64 7.84 -7.91
C ALA A 70 2.43 8.76 -6.97
N GLU A 71 3.20 9.67 -7.58
CA GLU A 71 4.08 10.54 -6.80
C GLU A 71 3.66 12.00 -6.94
N ASP A 72 3.82 12.76 -5.85
CA ASP A 72 3.69 14.20 -5.92
C ASP A 72 5.06 14.88 -5.73
N LEU A 73 5.54 15.53 -6.78
CA LEU A 73 6.90 16.06 -6.78
C LEU A 73 7.07 17.12 -5.71
N GLN A 74 5.96 17.73 -5.31
CA GLN A 74 6.00 18.84 -4.35
C GLN A 74 5.84 18.33 -2.92
N SER A 75 5.45 17.06 -2.79
CA SER A 75 5.17 16.48 -1.48
C SER A 75 5.53 15.00 -1.46
N PRO A 76 6.78 14.70 -1.05
CA PRO A 76 7.30 13.33 -1.02
C PRO A 76 6.48 12.42 -0.11
N MET A 77 5.78 13.03 0.85
CA MET A 77 5.01 12.27 1.84
C MET A 77 3.63 11.93 1.29
N SER A 78 3.30 12.47 0.11
CA SER A 78 1.98 12.28 -0.48
C SER A 78 2.01 11.17 -1.52
N ILE A 79 3.09 10.40 -1.52
CA ILE A 79 3.22 9.28 -2.46
C ILE A 79 2.30 8.13 -2.09
N LYS A 80 1.43 7.75 -3.02
CA LYS A 80 0.42 6.73 -2.75
C LYS A 80 0.47 5.64 -3.82
N VAL A 81 -0.04 4.46 -3.47
CA VAL A 81 0.00 3.32 -4.38
C VAL A 81 -1.38 2.65 -4.48
N ARG A 82 -1.59 1.90 -5.55
CA ARG A 82 -2.81 1.14 -5.72
C ARG A 82 -2.55 -0.14 -6.52
N ARG A 83 -3.33 -1.18 -6.23
CA ARG A 83 -3.33 -2.39 -7.05
C ARG A 83 -3.88 -2.10 -8.43
N LYS A 84 -3.35 -2.79 -9.43
CA LYS A 84 -3.82 -2.65 -10.80
C LYS A 84 -5.33 -2.55 -10.85
N GLU A 85 -5.84 -1.62 -11.66
CA GLU A 85 -7.27 -1.39 -11.75
C GLU A 85 -8.01 -2.69 -12.03
N THR A 86 -9.08 -2.93 -11.29
CA THR A 86 -9.87 -4.14 -11.45
C THR A 86 -11.35 -3.87 -11.25
N TRP A 87 -12.19 -4.77 -11.74
CA TRP A 87 -13.63 -4.68 -11.54
C TRP A 87 -13.99 -4.92 -10.08
N SER A 88 -14.98 -4.18 -9.58
CA SER A 88 -15.45 -4.34 -8.21
C SER A 88 -14.29 -4.21 -7.22
N PRO A 89 -13.65 -3.03 -7.20
CA PRO A 89 -12.53 -2.75 -6.31
C PRO A 89 -12.96 -2.71 -4.84
N TRP A 90 -12.02 -3.00 -3.94
CA TRP A 90 -12.32 -3.09 -2.53
C TRP A 90 -12.32 -1.71 -1.88
N ILE A 91 -13.21 -0.83 -2.37
CA ILE A 91 -13.28 0.53 -1.85
C ILE A 91 -14.52 0.72 -0.98
N LEU A 92 -14.33 1.30 0.20
CA LEU A 92 -15.42 1.51 1.13
C LEU A 92 -15.99 2.92 1.00
N PRO A 93 -17.32 3.05 1.13
CA PRO A 93 -18.00 4.35 1.15
C PRO A 93 -17.43 5.28 2.21
N SER A 94 -17.43 6.58 1.91
CA SER A 94 -16.84 7.57 2.79
C SER A 94 -17.36 7.39 4.22
N GLU A 95 -18.65 7.12 4.35
CA GLU A 95 -19.27 7.00 5.66
C GLU A 95 -18.79 5.75 6.38
N SER A 96 -18.29 4.79 5.61
CA SER A 96 -17.86 3.51 6.17
C SER A 96 -16.39 3.54 6.57
N ARG A 97 -15.73 4.65 6.24
CA ARG A 97 -14.30 4.79 6.51
C ARG A 97 -14.06 5.24 7.95
N LEU A 98 -15.14 5.52 8.66
CA LEU A 98 -15.05 5.98 10.05
C LEU A 98 -14.90 4.81 11.01
N MET A 1 16.08 -14.10 0.51
CA MET A 1 15.41 -13.02 -0.23
C MET A 1 16.15 -11.71 -0.04
N ASP A 2 16.09 -10.86 -1.06
CA ASP A 2 16.69 -9.53 -0.99
C ASP A 2 15.78 -8.57 -0.22
N VAL A 3 16.34 -7.43 0.19
CA VAL A 3 15.58 -6.42 0.91
C VAL A 3 14.40 -5.92 0.08
N GLN A 4 14.68 -5.61 -1.19
CA GLN A 4 13.63 -5.17 -2.10
C GLN A 4 12.57 -6.25 -2.28
N ALA A 5 13.02 -7.49 -2.48
CA ALA A 5 12.10 -8.59 -2.73
C ALA A 5 11.14 -8.79 -1.56
N PHE A 6 11.67 -8.74 -0.35
CA PHE A 6 10.87 -8.94 0.85
C PHE A 6 9.85 -7.82 1.02
N LEU A 7 10.31 -6.57 0.88
CA LEU A 7 9.45 -5.41 1.06
C LEU A 7 8.35 -5.39 0.01
N THR A 8 8.70 -5.75 -1.23
CA THR A 8 7.73 -5.83 -2.31
C THR A 8 6.70 -6.91 -2.05
N SER A 9 7.15 -8.07 -1.58
CA SER A 9 6.27 -9.19 -1.29
C SER A 9 5.25 -8.82 -0.23
N GLN A 10 5.70 -8.10 0.79
CA GLN A 10 4.82 -7.64 1.86
C GLN A 10 3.78 -6.66 1.34
N LEU A 11 4.23 -5.72 0.51
CA LEU A 11 3.35 -4.70 -0.05
C LEU A 11 2.29 -5.35 -0.94
N GLU A 12 2.71 -6.26 -1.81
CA GLU A 12 1.78 -6.98 -2.68
C GLU A 12 0.79 -7.80 -1.86
N TYR A 13 1.27 -8.42 -0.79
CA TYR A 13 0.45 -9.30 0.02
C TYR A 13 -0.65 -8.52 0.73
N TYR A 14 -0.31 -7.32 1.20
CA TYR A 14 -1.25 -6.51 1.96
C TYR A 14 -2.46 -6.13 1.12
N PHE A 15 -2.26 -6.05 -0.20
CA PHE A 15 -3.31 -5.63 -1.11
C PHE A 15 -4.03 -6.85 -1.70
N SER A 16 -3.74 -8.02 -1.15
CA SER A 16 -4.38 -9.26 -1.61
C SER A 16 -5.85 -9.28 -1.22
N ILE A 17 -6.64 -10.01 -1.99
CA ILE A 17 -8.08 -10.11 -1.75
C ILE A 17 -8.36 -10.67 -0.36
N GLU A 18 -7.59 -11.68 0.03
CA GLU A 18 -7.78 -12.33 1.32
C GLU A 18 -7.50 -11.36 2.46
N ASN A 19 -6.41 -10.61 2.34
CA ASN A 19 -6.02 -9.65 3.37
C ASN A 19 -7.02 -8.50 3.47
N LEU A 20 -7.46 -8.01 2.31
CA LEU A 20 -8.38 -6.88 2.26
C LEU A 20 -9.72 -7.24 2.89
N SER A 21 -10.16 -8.47 2.68
CA SER A 21 -11.43 -8.95 3.23
C SER A 21 -11.36 -8.99 4.76
N LYS A 22 -10.14 -9.09 5.29
CA LYS A 22 -9.94 -9.19 6.73
C LYS A 22 -9.52 -7.85 7.32
N ASP A 23 -8.95 -7.00 6.47
CA ASP A 23 -8.37 -5.74 6.93
C ASP A 23 -9.22 -4.55 6.47
N MET A 24 -10.13 -4.12 7.34
CA MET A 24 -11.05 -3.05 7.01
C MET A 24 -10.32 -1.71 6.90
N PHE A 25 -9.20 -1.60 7.63
CA PHE A 25 -8.48 -0.34 7.72
C PHE A 25 -7.97 0.10 6.35
N LEU A 26 -7.46 -0.86 5.58
CA LEU A 26 -6.99 -0.59 4.24
C LEU A 26 -8.12 -0.05 3.35
N ARG A 27 -9.29 -0.67 3.45
CA ARG A 27 -10.43 -0.28 2.65
C ARG A 27 -10.85 1.16 2.98
N LYS A 28 -10.82 1.51 4.25
CA LYS A 28 -11.17 2.85 4.69
C LYS A 28 -10.18 3.88 4.16
N HIS A 29 -8.92 3.47 4.06
CA HIS A 29 -7.86 4.37 3.60
C HIS A 29 -7.94 4.56 2.09
N MET A 30 -8.41 3.53 1.38
CA MET A 30 -8.48 3.57 -0.07
C MET A 30 -9.38 4.71 -0.54
N ASP A 31 -8.90 5.47 -1.52
CA ASP A 31 -9.72 6.50 -2.15
C ASP A 31 -10.44 5.95 -3.38
N ASP A 32 -10.98 6.84 -4.19
CA ASP A 32 -11.81 6.44 -5.33
C ASP A 32 -10.99 5.67 -6.35
N GLU A 33 -9.67 5.83 -6.28
CA GLU A 33 -8.78 5.15 -7.22
C GLU A 33 -8.10 3.96 -6.56
N GLY A 34 -8.49 3.67 -5.31
CA GLY A 34 -7.94 2.55 -4.60
C GLY A 34 -6.51 2.79 -4.16
N TYR A 35 -6.13 4.05 -4.01
CA TYR A 35 -4.79 4.41 -3.59
C TYR A 35 -4.69 4.44 -2.07
N VAL A 36 -3.60 3.91 -1.54
CA VAL A 36 -3.32 3.95 -0.11
C VAL A 36 -1.98 4.60 0.18
N PRO A 37 -1.97 5.56 1.11
CA PRO A 37 -0.76 6.31 1.47
C PRO A 37 0.37 5.40 1.94
N LEU A 38 1.58 5.66 1.46
CA LEU A 38 2.75 4.90 1.88
C LEU A 38 2.89 4.93 3.40
N ALA A 39 2.58 6.08 4.00
CA ALA A 39 2.83 6.29 5.43
C ALA A 39 2.07 5.26 6.27
N PHE A 40 0.91 4.84 5.77
CA PHE A 40 0.09 3.86 6.48
C PHE A 40 0.66 2.45 6.31
N LEU A 41 1.14 2.15 5.11
CA LEU A 41 1.76 0.86 4.83
C LEU A 41 3.04 0.69 5.63
N ALA A 42 3.78 1.78 5.79
CA ALA A 42 5.02 1.76 6.55
C ALA A 42 4.76 1.52 8.03
N SER A 43 3.52 1.74 8.45
CA SER A 43 3.16 1.68 9.86
C SER A 43 2.88 0.24 10.29
N PHE A 44 3.01 -0.69 9.34
CA PHE A 44 2.82 -2.10 9.63
C PHE A 44 4.03 -2.68 10.35
N ASN A 45 3.81 -3.22 11.55
CA ASN A 45 4.89 -3.67 12.40
C ASN A 45 5.73 -4.74 11.70
N ARG A 46 5.08 -5.52 10.83
CA ARG A 46 5.75 -6.58 10.10
C ARG A 46 6.85 -6.00 9.21
N ILE A 47 6.59 -4.84 8.63
CA ILE A 47 7.56 -4.18 7.76
C ILE A 47 8.60 -3.42 8.59
N LYS A 48 8.15 -2.78 9.66
CA LYS A 48 9.01 -1.95 10.48
C LYS A 48 10.09 -2.80 11.16
N SER A 49 9.74 -4.05 11.47
CA SER A 49 10.69 -4.98 12.08
C SER A 49 11.83 -5.29 11.12
N PHE A 50 11.56 -5.18 9.82
CA PHE A 50 12.56 -5.50 8.81
C PHE A 50 13.26 -4.23 8.34
N SER A 51 12.49 -3.17 8.12
CA SER A 51 13.04 -1.89 7.67
C SER A 51 12.04 -0.77 7.89
N THR A 52 12.54 0.36 8.40
CA THR A 52 11.70 1.53 8.63
C THR A 52 11.97 2.61 7.60
N ASP A 53 12.77 2.28 6.58
CA ASP A 53 13.21 3.25 5.59
C ASP A 53 12.16 3.42 4.50
N LEU A 54 11.51 4.58 4.47
CA LEU A 54 10.48 4.86 3.49
C LEU A 54 11.02 4.75 2.07
N ASN A 55 12.28 5.12 1.90
CA ASN A 55 12.91 5.13 0.58
C ASN A 55 12.98 3.72 0.00
N LEU A 56 13.35 2.76 0.86
CA LEU A 56 13.42 1.37 0.43
C LEU A 56 12.04 0.79 0.16
N LEU A 57 11.09 1.15 1.02
CA LEU A 57 9.70 0.70 0.85
C LEU A 57 9.10 1.29 -0.43
N HIS A 58 9.39 2.57 -0.67
CA HIS A 58 8.91 3.23 -1.88
C HIS A 58 9.48 2.58 -3.13
N ALA A 59 10.78 2.32 -3.11
CA ALA A 59 11.45 1.63 -4.21
C ALA A 59 10.86 0.25 -4.43
N ALA A 60 10.52 -0.43 -3.33
CA ALA A 60 9.96 -1.77 -3.40
C ALA A 60 8.61 -1.76 -4.10
N ALA A 61 7.80 -0.73 -3.81
CA ALA A 61 6.52 -0.56 -4.48
C ALA A 61 6.69 -0.31 -5.97
N LYS A 62 7.68 0.51 -6.31
CA LYS A 62 7.93 0.88 -7.70
C LYS A 62 8.54 -0.29 -8.47
N ALA A 63 9.15 -1.22 -7.74
CA ALA A 63 9.88 -2.31 -8.36
C ALA A 63 8.93 -3.40 -8.85
N SER A 64 7.67 -3.29 -8.48
CA SER A 64 6.66 -4.26 -8.88
C SER A 64 5.98 -3.84 -10.18
N ASP A 65 5.68 -4.82 -11.03
CA ASP A 65 5.05 -4.55 -12.32
C ASP A 65 3.54 -4.57 -12.21
N ILE A 66 3.04 -4.91 -11.03
CA ILE A 66 1.60 -5.00 -10.80
C ILE A 66 1.13 -3.94 -9.80
N ILE A 67 2.01 -3.00 -9.48
CA ILE A 67 1.68 -1.92 -8.56
C ILE A 67 1.80 -0.56 -9.26
N ASP A 68 0.84 0.32 -8.98
CA ASP A 68 0.90 1.69 -9.47
C ASP A 68 1.26 2.65 -8.34
N VAL A 69 2.21 3.55 -8.61
CA VAL A 69 2.70 4.47 -7.59
C VAL A 69 2.43 5.91 -8.00
N ALA A 70 1.79 6.67 -7.10
CA ALA A 70 1.55 8.08 -7.33
C ALA A 70 2.42 8.94 -6.42
N GLU A 71 3.21 9.83 -7.03
CA GLU A 71 4.18 10.62 -6.28
C GLU A 71 3.73 12.08 -6.20
N ASP A 72 4.04 12.72 -5.07
CA ASP A 72 3.80 14.15 -4.91
C ASP A 72 5.05 14.86 -4.41
N LEU A 73 5.63 15.68 -5.27
CA LEU A 73 6.92 16.30 -4.97
C LEU A 73 6.81 17.22 -3.76
N GLN A 74 5.59 17.63 -3.44
CA GLN A 74 5.37 18.64 -2.41
C GLN A 74 5.44 18.03 -1.02
N SER A 75 5.27 16.72 -0.95
CA SER A 75 5.29 16.00 0.33
C SER A 75 5.42 14.50 0.12
N PRO A 76 6.34 13.87 0.86
CA PRO A 76 6.51 12.41 0.85
C PRO A 76 5.30 11.69 1.44
N MET A 77 4.53 12.40 2.26
CA MET A 77 3.40 11.81 2.96
C MET A 77 2.19 11.66 2.04
N SER A 78 2.28 12.26 0.85
CA SER A 78 1.19 12.23 -0.11
C SER A 78 1.43 11.17 -1.18
N ILE A 79 2.47 10.36 -0.97
CA ILE A 79 2.79 9.28 -1.89
C ILE A 79 1.90 8.06 -1.64
N LYS A 80 1.16 7.65 -2.66
CA LYS A 80 0.21 6.55 -2.52
C LYS A 80 0.51 5.43 -3.52
N VAL A 81 0.13 4.21 -3.17
CA VAL A 81 0.31 3.07 -4.07
C VAL A 81 -0.94 2.21 -4.14
N ARG A 82 -1.06 1.43 -5.20
CA ARG A 82 -2.14 0.46 -5.33
C ARG A 82 -1.70 -0.77 -6.11
N ARG A 83 -2.26 -1.92 -5.76
CA ARG A 83 -2.05 -3.13 -6.55
C ARG A 83 -3.17 -3.30 -7.59
N LYS A 84 -2.79 -3.75 -8.78
CA LYS A 84 -3.76 -4.02 -9.83
C LYS A 84 -4.15 -5.49 -9.85
N GLU A 85 -5.01 -5.88 -8.92
CA GLU A 85 -5.42 -7.28 -8.80
C GLU A 85 -6.88 -7.44 -9.24
N THR A 86 -7.69 -6.41 -8.99
CA THR A 86 -9.12 -6.50 -9.21
C THR A 86 -9.56 -5.53 -10.30
N TRP A 87 -10.78 -5.72 -10.80
CA TRP A 87 -11.33 -4.85 -11.83
C TRP A 87 -11.73 -3.50 -11.27
N SER A 88 -11.98 -3.46 -9.95
CA SER A 88 -12.44 -2.25 -9.30
C SER A 88 -11.88 -2.16 -7.87
N PRO A 89 -11.66 -0.92 -7.41
CA PRO A 89 -11.19 -0.67 -6.04
C PRO A 89 -12.25 -0.99 -5.00
N TRP A 90 -11.79 -1.30 -3.79
CA TRP A 90 -12.70 -1.63 -2.70
C TRP A 90 -13.21 -0.36 -2.02
N ILE A 91 -14.12 0.34 -2.68
CA ILE A 91 -14.61 1.62 -2.18
C ILE A 91 -15.72 1.42 -1.15
N LEU A 92 -15.58 2.09 -0.01
CA LEU A 92 -16.60 2.03 1.04
C LEU A 92 -17.47 3.28 1.00
N PRO A 93 -18.77 3.11 1.33
CA PRO A 93 -19.68 4.24 1.56
C PRO A 93 -19.25 5.08 2.77
N SER A 94 -19.59 6.37 2.73
CA SER A 94 -19.15 7.29 3.77
C SER A 94 -19.45 6.74 5.16
N GLU A 95 -20.60 6.10 5.30
CA GLU A 95 -21.07 5.65 6.60
C GLU A 95 -20.18 4.52 7.13
N SER A 96 -19.52 3.83 6.23
CA SER A 96 -18.67 2.69 6.59
C SER A 96 -17.23 3.13 6.79
N ARG A 97 -16.95 4.39 6.48
CA ARG A 97 -15.59 4.91 6.55
C ARG A 97 -15.32 5.54 7.92
N LEU A 98 -16.31 5.46 8.80
CA LEU A 98 -16.18 6.01 10.14
C LEU A 98 -15.23 5.18 10.99
N MET A 1 18.88 -11.80 3.58
CA MET A 1 17.62 -11.51 2.91
C MET A 1 17.70 -10.21 2.11
N ASP A 2 17.04 -10.18 0.96
CA ASP A 2 16.94 -8.95 0.17
C ASP A 2 15.72 -8.13 0.61
N VAL A 3 15.99 -6.98 1.22
CA VAL A 3 14.92 -6.17 1.81
C VAL A 3 13.90 -5.75 0.77
N GLN A 4 14.38 -5.52 -0.46
CA GLN A 4 13.51 -5.15 -1.55
C GLN A 4 12.51 -6.27 -1.88
N ALA A 5 13.03 -7.48 -1.99
CA ALA A 5 12.19 -8.63 -2.34
C ALA A 5 11.12 -8.87 -1.27
N PHE A 6 11.53 -8.81 -0.02
CA PHE A 6 10.60 -9.08 1.09
C PHE A 6 9.52 -8.02 1.16
N LEU A 7 9.92 -6.75 1.10
CA LEU A 7 8.98 -5.64 1.19
C LEU A 7 8.01 -5.65 0.01
N THR A 8 8.52 -5.98 -1.17
CA THR A 8 7.70 -6.07 -2.37
C THR A 8 6.67 -7.19 -2.25
N SER A 9 7.11 -8.34 -1.74
CA SER A 9 6.23 -9.49 -1.56
C SER A 9 5.09 -9.15 -0.60
N GLN A 10 5.43 -8.43 0.47
CA GLN A 10 4.44 -8.03 1.47
C GLN A 10 3.43 -7.06 0.86
N LEU A 11 3.91 -6.11 0.08
CA LEU A 11 3.06 -5.10 -0.53
C LEU A 11 2.08 -5.74 -1.51
N GLU A 12 2.60 -6.63 -2.35
CA GLU A 12 1.77 -7.34 -3.32
C GLU A 12 0.71 -8.19 -2.61
N TYR A 13 1.11 -8.82 -1.52
CA TYR A 13 0.21 -9.67 -0.75
C TYR A 13 -0.90 -8.84 -0.09
N TYR A 14 -0.53 -7.66 0.40
CA TYR A 14 -1.44 -6.84 1.16
C TYR A 14 -2.61 -6.38 0.30
N PHE A 15 -2.38 -6.28 -1.01
CA PHE A 15 -3.40 -5.81 -1.92
C PHE A 15 -4.17 -6.98 -2.54
N SER A 16 -3.95 -8.17 -1.99
CA SER A 16 -4.68 -9.36 -2.44
C SER A 16 -6.08 -9.40 -1.84
N ILE A 17 -6.99 -10.07 -2.53
CA ILE A 17 -8.36 -10.19 -2.07
C ILE A 17 -8.42 -10.87 -0.70
N GLU A 18 -7.60 -11.89 -0.52
CA GLU A 18 -7.59 -12.66 0.72
C GLU A 18 -7.17 -11.78 1.91
N ASN A 19 -6.13 -10.98 1.70
CA ASN A 19 -5.61 -10.11 2.75
C ASN A 19 -6.62 -9.01 3.08
N LEU A 20 -7.21 -8.43 2.05
CA LEU A 20 -8.13 -7.31 2.22
C LEU A 20 -9.38 -7.76 2.98
N SER A 21 -9.81 -8.99 2.72
CA SER A 21 -10.98 -9.54 3.39
C SER A 21 -10.73 -9.71 4.88
N LYS A 22 -9.45 -9.82 5.25
CA LYS A 22 -9.07 -10.05 6.64
C LYS A 22 -8.59 -8.76 7.29
N ASP A 23 -8.13 -7.82 6.47
CA ASP A 23 -7.53 -6.59 6.97
C ASP A 23 -8.41 -5.38 6.65
N MET A 24 -9.25 -5.00 7.61
CA MET A 24 -10.21 -3.93 7.40
C MET A 24 -9.52 -2.58 7.29
N PHE A 25 -8.34 -2.47 7.92
CA PHE A 25 -7.63 -1.20 7.99
C PHE A 25 -7.25 -0.72 6.59
N LEU A 26 -6.80 -1.64 5.75
CA LEU A 26 -6.32 -1.29 4.41
C LEU A 26 -7.45 -0.70 3.57
N ARG A 27 -8.59 -1.37 3.56
CA ARG A 27 -9.70 -0.99 2.70
C ARG A 27 -10.32 0.33 3.16
N LYS A 28 -10.42 0.50 4.48
CA LYS A 28 -11.09 1.66 5.05
C LYS A 28 -10.38 2.96 4.67
N HIS A 29 -9.06 2.87 4.51
CA HIS A 29 -8.24 4.06 4.30
C HIS A 29 -7.92 4.25 2.82
N MET A 30 -8.70 3.59 1.97
CA MET A 30 -8.60 3.82 0.53
C MET A 30 -9.32 5.10 0.13
N ASP A 31 -8.78 5.80 -0.86
CA ASP A 31 -9.41 6.99 -1.39
C ASP A 31 -10.35 6.64 -2.55
N ASP A 32 -10.85 7.66 -3.23
CA ASP A 32 -11.86 7.48 -4.26
C ASP A 32 -11.28 6.74 -5.46
N GLU A 33 -9.96 6.72 -5.55
CA GLU A 33 -9.27 6.07 -6.67
C GLU A 33 -8.76 4.70 -6.26
N GLY A 34 -9.04 4.31 -5.02
CA GLY A 34 -8.62 3.01 -4.53
C GLY A 34 -7.13 2.96 -4.25
N TYR A 35 -6.53 4.11 -3.99
CA TYR A 35 -5.10 4.19 -3.69
C TYR A 35 -4.87 4.21 -2.19
N VAL A 36 -3.71 3.69 -1.77
CA VAL A 36 -3.33 3.71 -0.37
C VAL A 36 -2.00 4.43 -0.17
N PRO A 37 -2.00 5.44 0.71
CA PRO A 37 -0.81 6.25 0.98
C PRO A 37 0.37 5.41 1.47
N LEU A 38 1.56 5.72 0.97
CA LEU A 38 2.77 5.05 1.43
C LEU A 38 2.91 5.15 2.94
N ALA A 39 2.63 6.33 3.48
CA ALA A 39 2.83 6.59 4.90
C ALA A 39 1.96 5.67 5.76
N PHE A 40 0.80 5.30 5.23
CA PHE A 40 -0.13 4.43 5.95
C PHE A 40 0.36 2.99 5.92
N LEU A 41 0.91 2.58 4.78
CA LEU A 41 1.47 1.24 4.65
C LEU A 41 2.67 1.05 5.56
N ALA A 42 3.48 2.09 5.70
CA ALA A 42 4.66 2.06 6.55
C ALA A 42 4.27 1.97 8.02
N SER A 43 3.02 2.33 8.32
CA SER A 43 2.56 2.43 9.70
C SER A 43 2.13 1.06 10.23
N PHE A 44 2.19 0.05 9.37
CA PHE A 44 1.82 -1.31 9.76
C PHE A 44 2.95 -1.98 10.51
N ASN A 45 2.67 -2.46 11.72
CA ASN A 45 3.69 -3.04 12.57
C ASN A 45 4.38 -4.22 11.89
N ARG A 46 3.63 -4.90 11.03
CA ARG A 46 4.18 -6.06 10.31
C ARG A 46 5.37 -5.66 9.46
N ILE A 47 5.29 -4.48 8.84
CA ILE A 47 6.37 -3.98 8.00
C ILE A 47 7.45 -3.30 8.83
N LYS A 48 7.02 -2.57 9.86
CA LYS A 48 7.95 -1.82 10.70
C LYS A 48 8.90 -2.75 11.43
N SER A 49 8.44 -3.95 11.74
CA SER A 49 9.26 -4.95 12.41
C SER A 49 10.44 -5.35 11.53
N PHE A 50 10.26 -5.22 10.21
CA PHE A 50 11.31 -5.58 9.27
C PHE A 50 12.11 -4.35 8.84
N SER A 51 11.39 -3.26 8.57
CA SER A 51 12.03 -2.02 8.13
C SER A 51 11.08 -0.85 8.28
N THR A 52 11.60 0.27 8.78
CA THR A 52 10.80 1.48 8.94
C THR A 52 11.17 2.53 7.90
N ASP A 53 12.03 2.14 6.96
CA ASP A 53 12.58 3.09 5.99
C ASP A 53 11.63 3.27 4.81
N LEU A 54 11.06 4.47 4.71
CA LEU A 54 10.12 4.78 3.63
C LEU A 54 10.77 4.60 2.27
N ASN A 55 12.08 4.86 2.21
CA ASN A 55 12.81 4.81 0.95
C ASN A 55 12.84 3.37 0.41
N LEU A 56 13.06 2.42 1.29
CA LEU A 56 13.08 1.00 0.91
C LEU A 56 11.68 0.52 0.55
N LEU A 57 10.69 0.95 1.31
CA LEU A 57 9.30 0.59 1.05
C LEU A 57 8.83 1.17 -0.27
N HIS A 58 9.20 2.42 -0.54
CA HIS A 58 8.85 3.07 -1.80
C HIS A 58 9.49 2.36 -2.98
N ALA A 59 10.78 2.05 -2.85
CA ALA A 59 11.50 1.33 -3.89
C ALA A 59 10.88 -0.05 -4.13
N ALA A 60 10.45 -0.69 -3.06
CA ALA A 60 9.84 -2.02 -3.15
C ALA A 60 8.54 -1.97 -3.94
N ALA A 61 7.75 -0.92 -3.71
CA ALA A 61 6.52 -0.71 -4.46
C ALA A 61 6.81 -0.46 -5.94
N LYS A 62 7.85 0.32 -6.20
CA LYS A 62 8.20 0.67 -7.57
C LYS A 62 8.82 -0.52 -8.29
N ALA A 63 9.37 -1.46 -7.52
CA ALA A 63 10.11 -2.58 -8.08
C ALA A 63 9.17 -3.66 -8.61
N SER A 64 7.88 -3.50 -8.32
CA SER A 64 6.87 -4.46 -8.77
C SER A 64 6.29 -4.04 -10.12
N ASP A 65 6.02 -5.03 -10.96
CA ASP A 65 5.47 -4.78 -12.29
C ASP A 65 3.95 -4.69 -12.26
N ILE A 66 3.37 -5.04 -11.11
CA ILE A 66 1.92 -5.10 -10.97
C ILE A 66 1.43 -4.04 -9.98
N ILE A 67 2.31 -3.14 -9.61
CA ILE A 67 1.94 -2.03 -8.73
C ILE A 67 2.17 -0.69 -9.41
N ASP A 68 1.23 0.23 -9.23
CA ASP A 68 1.35 1.58 -9.78
C ASP A 68 1.57 2.60 -8.67
N VAL A 69 2.56 3.48 -8.86
CA VAL A 69 2.94 4.43 -7.83
C VAL A 69 2.72 5.87 -8.31
N ALA A 70 1.96 6.64 -7.54
CA ALA A 70 1.73 8.04 -7.85
C ALA A 70 2.46 8.95 -6.88
N GLU A 71 3.26 9.88 -7.42
CA GLU A 71 4.10 10.73 -6.60
C GLU A 71 3.70 12.20 -6.74
N ASP A 72 3.81 12.94 -5.65
CA ASP A 72 3.67 14.40 -5.69
C ASP A 72 4.99 15.07 -5.35
N LEU A 73 5.58 15.73 -6.34
CA LEU A 73 6.92 16.31 -6.19
C LEU A 73 6.94 17.37 -5.09
N GLN A 74 5.77 17.95 -4.82
CA GLN A 74 5.67 19.04 -3.86
C GLN A 74 5.38 18.51 -2.46
N SER A 75 5.01 17.24 -2.38
CA SER A 75 4.62 16.63 -1.11
C SER A 75 5.01 15.15 -1.07
N PRO A 76 6.21 14.87 -0.54
CA PRO A 76 6.74 13.51 -0.47
C PRO A 76 5.85 12.58 0.35
N MET A 77 5.04 13.16 1.23
CA MET A 77 4.19 12.39 2.11
C MET A 77 2.87 12.02 1.42
N SER A 78 2.68 12.55 0.22
CA SER A 78 1.44 12.36 -0.51
C SER A 78 1.59 11.25 -1.56
N ILE A 79 2.65 10.47 -1.42
CA ILE A 79 2.91 9.37 -2.34
C ILE A 79 1.99 8.18 -2.06
N LYS A 80 1.23 7.77 -3.07
CA LYS A 80 0.29 6.67 -2.92
C LYS A 80 0.60 5.54 -3.91
N VAL A 81 0.17 4.34 -3.56
CA VAL A 81 0.36 3.18 -4.44
C VAL A 81 -0.94 2.39 -4.59
N ARG A 82 -1.04 1.64 -5.68
CA ARG A 82 -2.15 0.72 -5.88
C ARG A 82 -1.74 -0.47 -6.73
N ARG A 83 -2.33 -1.63 -6.45
CA ARG A 83 -2.12 -2.81 -7.28
C ARG A 83 -2.89 -2.70 -8.60
N LYS A 84 -2.19 -2.95 -9.70
CA LYS A 84 -2.78 -2.80 -11.03
C LYS A 84 -3.89 -3.81 -11.25
N GLU A 85 -3.73 -5.00 -10.69
CA GLU A 85 -4.68 -6.09 -10.91
C GLU A 85 -5.91 -5.92 -10.01
N THR A 86 -6.63 -4.84 -10.21
CA THR A 86 -7.81 -4.54 -9.41
C THR A 86 -9.04 -4.32 -10.30
N TRP A 87 -10.01 -5.22 -10.20
CA TRP A 87 -11.21 -5.14 -11.02
C TRP A 87 -12.36 -4.52 -10.24
N SER A 88 -12.22 -4.47 -8.92
CA SER A 88 -13.27 -3.94 -8.06
C SER A 88 -12.67 -3.35 -6.78
N PRO A 89 -12.26 -2.08 -6.86
CA PRO A 89 -11.63 -1.39 -5.73
C PRO A 89 -12.47 -1.44 -4.47
N TRP A 90 -11.83 -1.73 -3.34
CA TRP A 90 -12.54 -1.89 -2.07
C TRP A 90 -12.76 -0.53 -1.40
N ILE A 91 -13.57 0.32 -2.02
CA ILE A 91 -13.80 1.66 -1.52
C ILE A 91 -15.08 1.73 -0.70
N LEU A 92 -14.97 2.23 0.52
CA LEU A 92 -16.11 2.34 1.42
C LEU A 92 -16.59 3.79 1.51
N PRO A 93 -17.88 3.97 1.81
CA PRO A 93 -18.48 5.29 2.03
C PRO A 93 -17.72 6.08 3.10
N SER A 94 -17.68 7.39 2.93
CA SER A 94 -16.89 8.26 3.81
C SER A 94 -17.19 7.94 5.28
N GLU A 95 -18.47 7.75 5.58
CA GLU A 95 -18.90 7.53 6.96
C GLU A 95 -18.42 6.19 7.48
N SER A 96 -18.12 5.28 6.56
CA SER A 96 -17.71 3.92 6.91
C SER A 96 -16.20 3.83 7.05
N ARG A 97 -15.51 4.92 6.71
CA ARG A 97 -14.05 4.92 6.74
C ARG A 97 -13.55 5.28 8.14
N LEU A 98 -14.47 5.61 9.03
CA LEU A 98 -14.11 6.03 10.39
C LEU A 98 -13.63 4.84 11.21
N MET A 1 18.68 -12.35 4.23
CA MET A 1 17.53 -12.12 3.37
C MET A 1 17.67 -10.82 2.59
N ASP A 2 17.23 -10.83 1.34
CA ASP A 2 17.29 -9.64 0.51
C ASP A 2 16.14 -8.69 0.85
N VAL A 3 16.49 -7.52 1.41
CA VAL A 3 15.50 -6.60 1.93
C VAL A 3 14.54 -6.14 0.83
N GLN A 4 15.09 -5.85 -0.34
CA GLN A 4 14.28 -5.38 -1.46
C GLN A 4 13.24 -6.42 -1.87
N ALA A 5 13.68 -7.67 -2.00
CA ALA A 5 12.79 -8.76 -2.37
C ALA A 5 11.70 -8.95 -1.32
N PHE A 6 12.09 -8.89 -0.05
CA PHE A 6 11.17 -9.15 1.05
C PHE A 6 10.07 -8.09 1.10
N LEU A 7 10.48 -6.82 1.03
CA LEU A 7 9.54 -5.71 1.09
C LEU A 7 8.58 -5.74 -0.09
N THR A 8 9.10 -6.08 -1.27
CA THR A 8 8.28 -6.17 -2.46
C THR A 8 7.26 -7.30 -2.34
N SER A 9 7.70 -8.44 -1.85
CA SER A 9 6.82 -9.60 -1.69
C SER A 9 5.70 -9.31 -0.70
N GLN A 10 6.05 -8.63 0.39
CA GLN A 10 5.09 -8.32 1.43
C GLN A 10 4.02 -7.35 0.92
N LEU A 11 4.46 -6.34 0.18
CA LEU A 11 3.54 -5.33 -0.35
C LEU A 11 2.57 -5.97 -1.35
N GLU A 12 3.09 -6.81 -2.23
CA GLU A 12 2.27 -7.53 -3.20
C GLU A 12 1.25 -8.42 -2.50
N TYR A 13 1.69 -9.06 -1.42
CA TYR A 13 0.80 -9.92 -0.64
C TYR A 13 -0.27 -9.09 0.06
N TYR A 14 0.13 -7.95 0.60
CA TYR A 14 -0.77 -7.10 1.37
C TYR A 14 -1.89 -6.56 0.49
N PHE A 15 -1.57 -6.31 -0.78
CA PHE A 15 -2.54 -5.74 -1.70
C PHE A 15 -3.19 -6.84 -2.55
N SER A 16 -3.08 -8.08 -2.08
CA SER A 16 -3.80 -9.19 -2.70
C SER A 16 -5.29 -9.11 -2.39
N ILE A 17 -6.10 -9.60 -3.32
CA ILE A 17 -7.56 -9.54 -3.19
C ILE A 17 -8.02 -10.27 -1.93
N GLU A 18 -7.41 -11.40 -1.65
CA GLU A 18 -7.77 -12.20 -0.49
C GLU A 18 -7.48 -11.44 0.80
N ASN A 19 -6.32 -10.81 0.86
CA ASN A 19 -5.92 -10.06 2.04
C ASN A 19 -6.80 -8.83 2.24
N LEU A 20 -7.11 -8.15 1.14
CA LEU A 20 -7.89 -6.91 1.20
C LEU A 20 -9.31 -7.20 1.70
N SER A 21 -9.85 -8.34 1.28
CA SER A 21 -11.19 -8.75 1.71
C SER A 21 -11.23 -8.97 3.21
N LYS A 22 -10.07 -9.25 3.80
CA LYS A 22 -9.99 -9.55 5.22
C LYS A 22 -9.45 -8.35 6.00
N ASP A 23 -8.74 -7.47 5.30
CA ASP A 23 -8.04 -6.36 5.95
C ASP A 23 -8.86 -5.08 5.85
N MET A 24 -9.68 -4.83 6.85
CA MET A 24 -10.59 -3.69 6.83
C MET A 24 -9.81 -2.38 6.92
N PHE A 25 -8.67 -2.42 7.61
CA PHE A 25 -7.89 -1.21 7.87
C PHE A 25 -7.43 -0.56 6.57
N LEU A 26 -6.98 -1.38 5.63
CA LEU A 26 -6.59 -0.91 4.31
C LEU A 26 -7.77 -0.28 3.58
N ARG A 27 -8.91 -0.95 3.64
CA ARG A 27 -10.10 -0.51 2.91
C ARG A 27 -10.59 0.83 3.44
N LYS A 28 -10.59 0.98 4.77
CA LYS A 28 -11.14 2.17 5.40
C LYS A 28 -10.34 3.41 5.03
N HIS A 29 -9.07 3.22 4.74
CA HIS A 29 -8.16 4.34 4.49
C HIS A 29 -7.99 4.58 3.00
N MET A 30 -8.87 3.97 2.20
CA MET A 30 -8.89 4.22 0.76
C MET A 30 -9.61 5.52 0.44
N ASP A 31 -9.15 6.21 -0.60
CA ASP A 31 -9.85 7.39 -1.11
C ASP A 31 -10.80 7.00 -2.24
N ASP A 32 -11.34 8.01 -2.92
CA ASP A 32 -12.37 7.79 -3.92
C ASP A 32 -11.81 7.01 -5.11
N GLU A 33 -10.50 7.03 -5.26
CA GLU A 33 -9.85 6.38 -6.39
C GLU A 33 -9.23 5.04 -5.97
N GLY A 34 -9.46 4.66 -4.71
CA GLY A 34 -8.99 3.39 -4.22
C GLY A 34 -7.48 3.39 -3.99
N TYR A 35 -6.93 4.56 -3.73
CA TYR A 35 -5.50 4.68 -3.46
C TYR A 35 -5.21 4.57 -1.97
N VAL A 36 -4.07 3.99 -1.63
CA VAL A 36 -3.61 3.92 -0.25
C VAL A 36 -2.27 4.62 -0.07
N PRO A 37 -2.23 5.61 0.82
CA PRO A 37 -1.01 6.40 1.08
C PRO A 37 0.16 5.54 1.53
N LEU A 38 1.33 5.80 0.97
CA LEU A 38 2.55 5.12 1.38
C LEU A 38 2.77 5.27 2.89
N ALA A 39 2.47 6.44 3.41
CA ALA A 39 2.71 6.74 4.82
C ALA A 39 1.93 5.78 5.73
N PHE A 40 0.80 5.31 5.22
CA PHE A 40 -0.03 4.37 5.97
C PHE A 40 0.58 2.98 5.97
N LEU A 41 1.16 2.60 4.85
CA LEU A 41 1.86 1.31 4.74
C LEU A 41 3.09 1.28 5.63
N ALA A 42 3.80 2.40 5.68
CA ALA A 42 5.01 2.50 6.50
C ALA A 42 4.68 2.44 7.98
N SER A 43 3.41 2.68 8.31
CA SER A 43 2.99 2.72 9.71
C SER A 43 2.67 1.31 10.21
N PHE A 44 2.82 0.33 9.34
CA PHE A 44 2.56 -1.06 9.71
C PHE A 44 3.72 -1.62 10.53
N ASN A 45 3.40 -2.10 11.72
CA ASN A 45 4.43 -2.58 12.65
C ASN A 45 5.21 -3.75 12.03
N ARG A 46 4.53 -4.54 11.20
CA ARG A 46 5.16 -5.68 10.55
C ARG A 46 6.30 -5.23 9.64
N ILE A 47 6.08 -4.13 8.92
CA ILE A 47 7.09 -3.60 8.02
C ILE A 47 8.19 -2.88 8.80
N LYS A 48 7.78 -2.12 9.82
CA LYS A 48 8.73 -1.34 10.60
C LYS A 48 9.70 -2.25 11.36
N SER A 49 9.21 -3.41 11.76
CA SER A 49 10.03 -4.38 12.49
C SER A 49 11.16 -4.91 11.61
N PHE A 50 10.91 -4.96 10.31
CA PHE A 50 11.89 -5.46 9.36
C PHE A 50 12.75 -4.32 8.81
N SER A 51 12.11 -3.20 8.50
CA SER A 51 12.81 -2.05 7.95
C SER A 51 11.98 -0.78 8.12
N THR A 52 12.63 0.28 8.59
CA THR A 52 11.97 1.57 8.74
C THR A 52 12.36 2.53 7.63
N ASP A 53 13.04 2.01 6.61
CA ASP A 53 13.56 2.84 5.53
C ASP A 53 12.48 3.12 4.49
N LEU A 54 11.93 4.33 4.52
CA LEU A 54 10.83 4.69 3.64
C LEU A 54 11.25 4.57 2.18
N ASN A 55 12.49 4.91 1.89
CA ASN A 55 12.98 4.92 0.52
C ASN A 55 12.98 3.52 -0.08
N LEU A 56 13.39 2.54 0.72
CA LEU A 56 13.39 1.15 0.29
C LEU A 56 11.97 0.62 0.13
N LEU A 57 11.09 1.04 1.04
CA LEU A 57 9.68 0.67 0.96
C LEU A 57 9.04 1.25 -0.29
N HIS A 58 9.37 2.51 -0.60
CA HIS A 58 8.88 3.15 -1.80
C HIS A 58 9.37 2.43 -3.06
N ALA A 59 10.66 2.09 -3.07
CA ALA A 59 11.24 1.34 -4.18
C ALA A 59 10.56 -0.01 -4.35
N ALA A 60 10.23 -0.64 -3.22
CA ALA A 60 9.57 -1.95 -3.26
C ALA A 60 8.18 -1.84 -3.89
N ALA A 61 7.47 -0.77 -3.58
CA ALA A 61 6.18 -0.50 -4.19
C ALA A 61 6.31 -0.28 -5.69
N LYS A 62 7.37 0.41 -6.09
CA LYS A 62 7.63 0.70 -7.50
C LYS A 62 8.11 -0.56 -8.22
N ALA A 63 8.76 -1.45 -7.47
CA ALA A 63 9.31 -2.67 -8.04
C ALA A 63 8.24 -3.76 -8.15
N SER A 64 7.10 -3.52 -7.52
CA SER A 64 6.01 -4.50 -7.53
C SER A 64 5.36 -4.56 -8.91
N ASP A 65 4.92 -5.76 -9.29
CA ASP A 65 4.41 -6.01 -10.63
C ASP A 65 2.93 -5.65 -10.73
N ILE A 66 2.23 -5.76 -9.59
CA ILE A 66 0.78 -5.65 -9.58
C ILE A 66 0.33 -4.39 -8.86
N ILE A 67 1.29 -3.51 -8.57
CA ILE A 67 0.99 -2.25 -7.89
C ILE A 67 1.44 -1.05 -8.73
N ASP A 68 0.60 -0.03 -8.78
CA ASP A 68 0.96 1.22 -9.43
C ASP A 68 1.22 2.32 -8.39
N VAL A 69 2.25 3.12 -8.64
CA VAL A 69 2.69 4.13 -7.68
C VAL A 69 2.50 5.54 -8.23
N ALA A 70 1.82 6.39 -7.46
CA ALA A 70 1.68 7.80 -7.83
C ALA A 70 2.50 8.68 -6.89
N GLU A 71 3.39 9.48 -7.48
CA GLU A 71 4.33 10.27 -6.70
C GLU A 71 3.89 11.74 -6.65
N ASP A 72 4.12 12.38 -5.51
CA ASP A 72 3.89 13.81 -5.39
C ASP A 72 5.18 14.53 -5.00
N LEU A 73 5.71 15.32 -5.93
CA LEU A 73 7.01 15.95 -5.75
C LEU A 73 6.98 16.94 -4.58
N GLN A 74 5.77 17.36 -4.21
CA GLN A 74 5.59 18.41 -3.22
C GLN A 74 5.75 17.86 -1.80
N SER A 75 5.56 16.55 -1.66
CA SER A 75 5.65 15.91 -0.35
C SER A 75 5.72 14.39 -0.51
N PRO A 76 6.65 13.76 0.24
CA PRO A 76 6.78 12.31 0.29
C PRO A 76 5.57 11.65 0.95
N MET A 77 4.86 12.42 1.77
CA MET A 77 3.73 11.90 2.52
C MET A 77 2.47 11.82 1.66
N SER A 78 2.54 12.40 0.47
CA SER A 78 1.41 12.41 -0.45
C SER A 78 1.56 11.33 -1.52
N ILE A 79 2.55 10.47 -1.35
CA ILE A 79 2.76 9.36 -2.27
C ILE A 79 1.78 8.22 -2.00
N LYS A 80 1.03 7.84 -3.02
CA LYS A 80 -0.02 6.83 -2.88
C LYS A 80 0.21 5.67 -3.85
N VAL A 81 -0.34 4.51 -3.52
CA VAL A 81 -0.26 3.35 -4.39
C VAL A 81 -1.63 2.72 -4.61
N ARG A 82 -1.78 1.97 -5.69
CA ARG A 82 -3.02 1.26 -5.98
C ARG A 82 -2.75 -0.02 -6.75
N ARG A 83 -3.67 -0.97 -6.64
CA ARG A 83 -3.62 -2.19 -7.45
C ARG A 83 -3.68 -1.85 -8.93
N LYS A 84 -2.90 -2.58 -9.73
CA LYS A 84 -2.86 -2.35 -11.17
C LYS A 84 -4.09 -2.95 -11.85
N GLU A 85 -5.26 -2.41 -11.52
CA GLU A 85 -6.50 -2.86 -12.13
C GLU A 85 -6.59 -4.38 -12.14
N THR A 86 -6.39 -4.99 -10.98
CA THR A 86 -6.36 -6.43 -10.87
C THR A 86 -7.76 -6.99 -10.60
N TRP A 87 -8.62 -6.15 -10.04
CA TRP A 87 -9.96 -6.57 -9.64
C TRP A 87 -10.83 -5.38 -9.29
N SER A 88 -12.10 -5.63 -8.98
CA SER A 88 -13.01 -4.58 -8.54
C SER A 88 -12.48 -3.88 -7.30
N PRO A 89 -12.85 -2.60 -7.15
CA PRO A 89 -12.42 -1.79 -6.00
C PRO A 89 -13.00 -2.29 -4.68
N TRP A 90 -12.26 -2.09 -3.60
CA TRP A 90 -12.74 -2.44 -2.27
C TRP A 90 -13.09 -1.18 -1.48
N ILE A 91 -13.46 -0.13 -2.18
CA ILE A 91 -13.69 1.17 -1.55
C ILE A 91 -14.94 1.14 -0.66
N LEU A 92 -14.79 1.65 0.56
CA LEU A 92 -15.89 1.70 1.51
C LEU A 92 -16.57 3.08 1.47
N PRO A 93 -17.85 3.12 1.88
CA PRO A 93 -18.61 4.37 1.97
C PRO A 93 -17.90 5.41 2.83
N SER A 94 -18.06 6.68 2.46
CA SER A 94 -17.37 7.76 3.14
C SER A 94 -17.55 7.66 4.65
N GLU A 95 -18.75 7.30 5.08
CA GLU A 95 -19.09 7.27 6.50
C GLU A 95 -18.32 6.17 7.21
N SER A 96 -17.86 5.18 6.46
CA SER A 96 -17.17 4.03 7.04
C SER A 96 -15.66 4.26 7.06
N ARG A 97 -15.22 5.33 6.42
CA ARG A 97 -13.80 5.60 6.25
C ARG A 97 -13.20 6.21 7.52
N LEU A 98 -11.89 6.11 7.66
CA LEU A 98 -11.20 6.75 8.78
C LEU A 98 -10.23 7.83 8.29
N MET A 1 16.45 -13.84 0.89
CA MET A 1 15.79 -12.79 0.14
C MET A 1 16.44 -11.44 0.40
N ASP A 2 16.42 -10.56 -0.60
CA ASP A 2 16.94 -9.21 -0.46
C ASP A 2 15.93 -8.31 0.26
N VAL A 3 16.40 -7.16 0.73
CA VAL A 3 15.53 -6.21 1.41
C VAL A 3 14.39 -5.75 0.52
N GLN A 4 14.73 -5.41 -0.73
CA GLN A 4 13.72 -5.00 -1.70
C GLN A 4 12.73 -6.12 -1.97
N ALA A 5 13.25 -7.33 -2.16
CA ALA A 5 12.41 -8.48 -2.49
C ALA A 5 11.39 -8.76 -1.39
N PHE A 6 11.84 -8.69 -0.14
CA PHE A 6 10.97 -8.96 1.00
C PHE A 6 9.89 -7.90 1.11
N LEU A 7 10.29 -6.63 1.02
CA LEU A 7 9.35 -5.52 1.14
C LEU A 7 8.32 -5.55 0.02
N THR A 8 8.78 -5.88 -1.19
CA THR A 8 7.89 -5.99 -2.33
C THR A 8 6.89 -7.12 -2.16
N SER A 9 7.38 -8.27 -1.67
CA SER A 9 6.53 -9.43 -1.46
C SER A 9 5.44 -9.13 -0.44
N GLN A 10 5.81 -8.40 0.61
CA GLN A 10 4.85 -8.04 1.65
C GLN A 10 3.79 -7.09 1.12
N LEU A 11 4.22 -6.12 0.32
CA LEU A 11 3.30 -5.14 -0.25
C LEU A 11 2.31 -5.81 -1.20
N GLU A 12 2.83 -6.69 -2.06
CA GLU A 12 1.99 -7.41 -3.01
C GLU A 12 0.96 -8.28 -2.29
N TYR A 13 1.40 -8.91 -1.20
CA TYR A 13 0.52 -9.76 -0.41
C TYR A 13 -0.56 -8.92 0.28
N TYR A 14 -0.18 -7.75 0.78
CA TYR A 14 -1.09 -6.91 1.54
C TYR A 14 -2.24 -6.42 0.65
N PHE A 15 -1.96 -6.26 -0.64
CA PHE A 15 -2.95 -5.75 -1.58
C PHE A 15 -3.69 -6.90 -2.27
N SER A 16 -3.52 -8.10 -1.74
CA SER A 16 -4.25 -9.26 -2.24
C SER A 16 -5.73 -9.20 -1.82
N ILE A 17 -6.59 -9.77 -2.66
CA ILE A 17 -8.02 -9.77 -2.38
C ILE A 17 -8.32 -10.46 -1.06
N GLU A 18 -7.63 -11.57 -0.80
CA GLU A 18 -7.83 -12.33 0.42
C GLU A 18 -7.50 -11.49 1.65
N ASN A 19 -6.39 -10.76 1.58
CA ASN A 19 -5.96 -9.92 2.69
C ASN A 19 -6.93 -8.77 2.91
N LEU A 20 -7.39 -8.17 1.81
CA LEU A 20 -8.28 -7.02 1.89
C LEU A 20 -9.62 -7.41 2.52
N SER A 21 -10.09 -8.61 2.21
CA SER A 21 -11.35 -9.11 2.76
C SER A 21 -11.24 -9.29 4.27
N LYS A 22 -10.01 -9.45 4.76
CA LYS A 22 -9.78 -9.69 6.18
C LYS A 22 -9.31 -8.40 6.87
N ASP A 23 -8.73 -7.50 6.10
CA ASP A 23 -8.10 -6.30 6.65
C ASP A 23 -8.94 -5.06 6.34
N MET A 24 -9.83 -4.71 7.27
CA MET A 24 -10.76 -3.61 7.05
C MET A 24 -10.01 -2.28 7.01
N PHE A 25 -8.90 -2.21 7.73
CA PHE A 25 -8.16 -0.95 7.86
C PHE A 25 -7.67 -0.47 6.51
N LEU A 26 -7.18 -1.39 5.69
CA LEU A 26 -6.73 -1.07 4.34
C LEU A 26 -7.89 -0.52 3.51
N ARG A 27 -9.05 -1.17 3.61
CA ARG A 27 -10.22 -0.77 2.85
C ARG A 27 -10.69 0.61 3.26
N LYS A 28 -10.68 0.87 4.56
CA LYS A 28 -11.22 2.11 5.11
C LYS A 28 -10.42 3.31 4.62
N HIS A 29 -9.11 3.13 4.46
CA HIS A 29 -8.20 4.24 4.22
C HIS A 29 -7.94 4.41 2.72
N MET A 30 -8.80 3.80 1.91
CA MET A 30 -8.77 4.02 0.47
C MET A 30 -9.48 5.32 0.11
N ASP A 31 -8.99 5.99 -0.94
CA ASP A 31 -9.71 7.11 -1.53
C ASP A 31 -10.54 6.66 -2.71
N ASP A 32 -11.09 7.62 -3.45
CA ASP A 32 -12.04 7.32 -4.52
C ASP A 32 -11.36 6.56 -5.65
N GLU A 33 -10.03 6.66 -5.71
CA GLU A 33 -9.27 6.02 -6.77
C GLU A 33 -8.63 4.73 -6.27
N GLY A 34 -8.93 4.37 -5.03
CA GLY A 34 -8.41 3.13 -4.47
C GLY A 34 -6.94 3.22 -4.14
N TYR A 35 -6.46 4.45 -3.92
CA TYR A 35 -5.06 4.67 -3.57
C TYR A 35 -4.86 4.53 -2.06
N VAL A 36 -3.71 3.98 -1.67
CA VAL A 36 -3.33 3.90 -0.27
C VAL A 36 -1.99 4.57 -0.02
N PRO A 37 -1.98 5.56 0.89
CA PRO A 37 -0.77 6.35 1.19
C PRO A 37 0.39 5.48 1.65
N LEU A 38 1.58 5.78 1.15
CA LEU A 38 2.79 5.10 1.60
C LEU A 38 2.93 5.19 3.12
N ALA A 39 2.63 6.36 3.66
CA ALA A 39 2.80 6.61 5.09
C ALA A 39 1.94 5.66 5.92
N PHE A 40 0.80 5.26 5.36
CA PHE A 40 -0.09 4.34 6.04
C PHE A 40 0.45 2.91 5.97
N LEU A 41 1.03 2.56 4.83
CA LEU A 41 1.68 1.26 4.67
C LEU A 41 2.89 1.13 5.59
N ALA A 42 3.62 2.22 5.73
CA ALA A 42 4.81 2.24 6.58
C ALA A 42 4.43 2.09 8.05
N SER A 43 3.17 2.33 8.37
CA SER A 43 2.70 2.32 9.75
C SER A 43 2.39 0.90 10.21
N PHE A 44 2.58 -0.06 9.32
CA PHE A 44 2.38 -1.46 9.65
C PHE A 44 3.56 -2.02 10.43
N ASN A 45 3.30 -2.51 11.63
CA ASN A 45 4.36 -2.96 12.53
C ASN A 45 5.17 -4.08 11.88
N ARG A 46 4.50 -4.89 11.06
CA ARG A 46 5.16 -6.00 10.39
C ARG A 46 6.26 -5.50 9.46
N ILE A 47 6.00 -4.39 8.78
CA ILE A 47 6.97 -3.78 7.88
C ILE A 47 8.04 -3.02 8.66
N LYS A 48 7.61 -2.32 9.71
CA LYS A 48 8.52 -1.50 10.50
C LYS A 48 9.57 -2.35 11.18
N SER A 49 9.20 -3.58 11.54
CA SER A 49 10.12 -4.51 12.19
C SER A 49 11.27 -4.86 11.24
N PHE A 50 11.01 -4.78 9.95
CA PHE A 50 12.02 -5.12 8.94
C PHE A 50 12.72 -3.86 8.44
N SER A 51 11.95 -2.81 8.21
CA SER A 51 12.50 -1.55 7.73
C SER A 51 11.51 -0.41 7.93
N THR A 52 12.02 0.72 8.42
CA THR A 52 11.19 1.90 8.65
C THR A 52 11.45 2.97 7.60
N ASP A 53 12.27 2.63 6.61
CA ASP A 53 12.72 3.61 5.62
C ASP A 53 11.71 3.72 4.48
N LEU A 54 11.07 4.89 4.37
CA LEU A 54 10.08 5.12 3.33
C LEU A 54 10.68 4.94 1.95
N ASN A 55 11.97 5.26 1.82
CA ASN A 55 12.64 5.19 0.52
C ASN A 55 12.73 3.75 0.03
N LEU A 56 13.05 2.83 0.94
CA LEU A 56 13.14 1.42 0.61
C LEU A 56 11.76 0.84 0.33
N LEU A 57 10.78 1.24 1.12
CA LEU A 57 9.40 0.78 0.93
C LEU A 57 8.84 1.29 -0.39
N HIS A 58 9.12 2.55 -0.71
CA HIS A 58 8.69 3.13 -1.97
C HIS A 58 9.32 2.41 -3.16
N ALA A 59 10.63 2.17 -3.07
CA ALA A 59 11.34 1.45 -4.12
C ALA A 59 10.77 0.05 -4.32
N ALA A 60 10.41 -0.59 -3.22
CA ALA A 60 9.84 -1.93 -3.27
C ALA A 60 8.50 -1.93 -3.98
N ALA A 61 7.70 -0.90 -3.73
CA ALA A 61 6.41 -0.75 -4.38
C ALA A 61 6.58 -0.55 -5.88
N LYS A 62 7.57 0.23 -6.26
CA LYS A 62 7.84 0.52 -7.67
C LYS A 62 8.39 -0.71 -8.38
N ALA A 63 8.97 -1.63 -7.61
CA ALA A 63 9.62 -2.80 -8.18
C ALA A 63 8.59 -3.87 -8.55
N SER A 64 7.34 -3.64 -8.15
CA SER A 64 6.26 -4.57 -8.45
C SER A 64 5.63 -4.25 -9.80
N ASP A 65 5.28 -5.29 -10.54
CA ASP A 65 4.70 -5.12 -11.88
C ASP A 65 3.17 -5.07 -11.81
N ILE A 66 2.63 -5.25 -10.60
CA ILE A 66 1.20 -5.28 -10.41
C ILE A 66 0.73 -4.12 -9.53
N ILE A 67 1.65 -3.21 -9.23
CA ILE A 67 1.32 -2.04 -8.41
C ILE A 67 1.53 -0.75 -9.19
N ASP A 68 0.61 0.19 -9.01
CA ASP A 68 0.74 1.51 -9.64
C ASP A 68 1.03 2.57 -8.59
N VAL A 69 2.09 3.34 -8.81
CA VAL A 69 2.57 4.30 -7.82
C VAL A 69 2.37 5.73 -8.30
N ALA A 70 1.72 6.54 -7.48
CA ALA A 70 1.56 7.96 -7.76
C ALA A 70 2.41 8.81 -6.82
N GLU A 71 3.28 9.65 -7.38
CA GLU A 71 4.23 10.40 -6.58
C GLU A 71 3.74 11.83 -6.36
N ASP A 72 4.03 12.37 -5.18
CA ASP A 72 3.75 13.78 -4.90
C ASP A 72 5.01 14.51 -4.47
N LEU A 73 5.49 15.41 -5.33
CA LEU A 73 6.78 16.05 -5.14
C LEU A 73 6.79 16.88 -3.85
N GLN A 74 5.60 17.20 -3.37
CA GLN A 74 5.46 18.13 -2.25
C GLN A 74 5.78 17.45 -0.92
N SER A 75 5.68 16.12 -0.91
CA SER A 75 5.95 15.35 0.30
C SER A 75 6.08 13.86 -0.03
N PRO A 76 7.11 13.22 0.55
CA PRO A 76 7.30 11.77 0.42
C PRO A 76 6.19 10.97 1.10
N MET A 77 5.50 11.61 2.04
CA MET A 77 4.43 10.95 2.78
C MET A 77 3.12 11.00 2.00
N SER A 78 3.09 11.77 0.92
CA SER A 78 1.89 11.93 0.11
C SER A 78 1.93 11.00 -1.09
N ILE A 79 2.92 10.12 -1.13
CA ILE A 79 3.03 9.12 -2.19
C ILE A 79 2.09 7.95 -1.95
N LYS A 80 1.24 7.68 -2.94
CA LYS A 80 0.21 6.65 -2.80
C LYS A 80 0.41 5.54 -3.82
N VAL A 81 -0.06 4.34 -3.49
CA VAL A 81 0.01 3.21 -4.40
C VAL A 81 -1.33 2.47 -4.46
N ARG A 82 -1.53 1.74 -5.55
CA ARG A 82 -2.71 0.87 -5.67
C ARG A 82 -2.41 -0.33 -6.55
N ARG A 83 -3.17 -1.40 -6.35
CA ARG A 83 -3.12 -2.55 -7.25
C ARG A 83 -3.85 -2.25 -8.56
N LYS A 84 -3.24 -2.61 -9.67
CA LYS A 84 -3.75 -2.25 -10.99
C LYS A 84 -4.22 -3.49 -11.75
N GLU A 85 -4.45 -4.57 -11.01
CA GLU A 85 -4.93 -5.81 -11.61
C GLU A 85 -6.44 -5.92 -11.51
N THR A 86 -7.08 -4.86 -10.99
CA THR A 86 -8.52 -4.84 -10.85
C THR A 86 -9.08 -3.45 -11.12
N TRP A 87 -10.30 -3.40 -11.66
CA TRP A 87 -10.99 -2.13 -11.86
C TRP A 87 -12.06 -1.90 -10.80
N SER A 88 -12.11 -2.81 -9.83
CA SER A 88 -13.13 -2.76 -8.79
C SER A 88 -12.50 -2.95 -7.41
N PRO A 89 -11.71 -1.96 -6.97
CA PRO A 89 -11.06 -2.00 -5.66
C PRO A 89 -12.06 -1.93 -4.51
N TRP A 90 -11.70 -2.54 -3.38
CA TRP A 90 -12.59 -2.62 -2.23
C TRP A 90 -12.58 -1.33 -1.43
N ILE A 91 -13.21 -0.29 -1.97
CA ILE A 91 -13.20 1.03 -1.35
C ILE A 91 -14.37 1.21 -0.40
N LEU A 92 -14.09 1.60 0.83
CA LEU A 92 -15.13 1.94 1.79
C LEU A 92 -15.27 3.45 1.93
N PRO A 93 -16.49 3.90 2.26
CA PRO A 93 -16.77 5.32 2.48
C PRO A 93 -15.86 5.96 3.52
N SER A 94 -15.49 7.21 3.28
CA SER A 94 -14.62 7.94 4.21
C SER A 94 -15.22 7.96 5.62
N GLU A 95 -16.55 7.98 5.68
CA GLU A 95 -17.24 8.10 6.96
C GLU A 95 -17.06 6.83 7.79
N SER A 96 -16.63 5.75 7.14
CA SER A 96 -16.46 4.46 7.80
C SER A 96 -15.13 4.39 8.53
N ARG A 97 -14.28 5.38 8.28
CA ARG A 97 -12.94 5.41 8.87
C ARG A 97 -13.01 5.61 10.39
N LEU A 98 -12.07 5.01 11.10
CA LEU A 98 -12.01 5.14 12.55
C LEU A 98 -11.01 6.22 12.96
N MET A 1 18.49 -12.35 3.99
CA MET A 1 17.31 -12.08 3.17
C MET A 1 17.48 -10.77 2.40
N ASP A 2 17.00 -10.77 1.16
CA ASP A 2 17.08 -9.57 0.32
C ASP A 2 15.98 -8.59 0.69
N VAL A 3 16.38 -7.41 1.17
CA VAL A 3 15.44 -6.45 1.72
C VAL A 3 14.41 -6.02 0.68
N GLN A 4 14.88 -5.76 -0.53
CA GLN A 4 14.00 -5.30 -1.61
C GLN A 4 12.94 -6.35 -1.93
N ALA A 5 13.37 -7.60 -2.04
CA ALA A 5 12.46 -8.70 -2.35
C ALA A 5 11.40 -8.87 -1.27
N PHE A 6 11.83 -8.78 -0.02
CA PHE A 6 10.93 -8.98 1.12
C PHE A 6 9.88 -7.88 1.17
N LEU A 7 10.32 -6.64 1.05
CA LEU A 7 9.43 -5.49 1.11
C LEU A 7 8.43 -5.52 -0.05
N THR A 8 8.91 -5.92 -1.22
CA THR A 8 8.07 -6.03 -2.41
C THR A 8 7.00 -7.10 -2.22
N SER A 9 7.41 -8.24 -1.68
CA SER A 9 6.49 -9.36 -1.46
C SER A 9 5.39 -8.96 -0.47
N GLN A 10 5.77 -8.23 0.57
CA GLN A 10 4.82 -7.80 1.59
C GLN A 10 3.81 -6.82 1.01
N LEU A 11 4.29 -5.88 0.20
CA LEU A 11 3.43 -4.86 -0.39
C LEU A 11 2.42 -5.50 -1.34
N GLU A 12 2.91 -6.42 -2.19
CA GLU A 12 2.03 -7.12 -3.12
C GLU A 12 1.01 -7.96 -2.37
N TYR A 13 1.44 -8.60 -1.29
CA TYR A 13 0.58 -9.49 -0.53
C TYR A 13 -0.55 -8.73 0.15
N TYR A 14 -0.22 -7.55 0.66
CA TYR A 14 -1.16 -6.77 1.45
C TYR A 14 -2.36 -6.35 0.61
N PHE A 15 -2.15 -6.22 -0.70
CA PHE A 15 -3.21 -5.77 -1.60
C PHE A 15 -3.90 -6.96 -2.25
N SER A 16 -3.65 -8.16 -1.72
CA SER A 16 -4.32 -9.36 -2.20
C SER A 16 -5.78 -9.39 -1.78
N ILE A 17 -6.60 -10.08 -2.55
CA ILE A 17 -8.03 -10.17 -2.26
C ILE A 17 -8.28 -10.79 -0.88
N GLU A 18 -7.51 -11.83 -0.57
CA GLU A 18 -7.67 -12.53 0.71
C GLU A 18 -7.34 -11.61 1.88
N ASN A 19 -6.26 -10.86 1.75
CA ASN A 19 -5.82 -9.97 2.82
C ASN A 19 -6.80 -8.81 3.00
N LEU A 20 -7.27 -8.27 1.88
CA LEU A 20 -8.18 -7.12 1.92
C LEU A 20 -9.51 -7.51 2.56
N SER A 21 -9.96 -8.72 2.30
CA SER A 21 -11.22 -9.22 2.86
C SER A 21 -11.11 -9.35 4.38
N LYS A 22 -9.88 -9.52 4.87
CA LYS A 22 -9.65 -9.71 6.30
C LYS A 22 -9.18 -8.41 6.96
N ASP A 23 -8.62 -7.51 6.14
CA ASP A 23 -8.01 -6.30 6.66
C ASP A 23 -8.88 -5.08 6.36
N MET A 24 -9.75 -4.74 7.30
CA MET A 24 -10.68 -3.63 7.11
C MET A 24 -9.94 -2.30 7.14
N PHE A 25 -8.80 -2.27 7.83
CA PHE A 25 -8.07 -1.03 8.03
C PHE A 25 -7.63 -0.43 6.70
N LEU A 26 -7.17 -1.29 5.79
CA LEU A 26 -6.78 -0.85 4.46
C LEU A 26 -7.95 -0.23 3.71
N ARG A 27 -9.11 -0.87 3.80
CA ARG A 27 -10.30 -0.39 3.10
C ARG A 27 -10.76 0.95 3.66
N LYS A 28 -10.76 1.06 4.99
CA LYS A 28 -11.25 2.27 5.65
C LYS A 28 -10.39 3.48 5.29
N HIS A 29 -9.10 3.23 5.09
CA HIS A 29 -8.15 4.32 4.81
C HIS A 29 -7.82 4.37 3.33
N MET A 30 -8.63 3.69 2.51
CA MET A 30 -8.44 3.69 1.06
C MET A 30 -9.02 4.96 0.45
N ASP A 31 -8.32 5.49 -0.55
CA ASP A 31 -8.76 6.69 -1.24
C ASP A 31 -9.87 6.37 -2.25
N ASP A 32 -10.54 7.41 -2.73
CA ASP A 32 -11.64 7.23 -3.67
C ASP A 32 -11.12 6.67 -4.99
N GLU A 33 -9.82 6.79 -5.23
CA GLU A 33 -9.21 6.29 -6.45
C GLU A 33 -8.61 4.91 -6.23
N GLY A 34 -8.88 4.33 -5.06
CA GLY A 34 -8.36 3.02 -4.75
C GLY A 34 -6.88 3.03 -4.41
N TYR A 35 -6.42 4.15 -3.86
CA TYR A 35 -5.02 4.30 -3.49
C TYR A 35 -4.84 4.25 -1.98
N VAL A 36 -3.69 3.73 -1.55
CA VAL A 36 -3.33 3.75 -0.13
C VAL A 36 -1.97 4.41 0.08
N PRO A 37 -1.93 5.38 1.00
CA PRO A 37 -0.71 6.14 1.29
C PRO A 37 0.44 5.24 1.72
N LEU A 38 1.63 5.53 1.22
CA LEU A 38 2.83 4.79 1.61
C LEU A 38 3.00 4.80 3.13
N ALA A 39 2.75 5.96 3.74
CA ALA A 39 2.98 6.14 5.18
C ALA A 39 2.09 5.19 5.98
N PHE A 40 0.92 4.87 5.44
CA PHE A 40 -0.01 3.98 6.11
C PHE A 40 0.46 2.52 6.01
N LEU A 41 1.00 2.17 4.86
CA LEU A 41 1.57 0.84 4.66
C LEU A 41 2.81 0.64 5.53
N ALA A 42 3.59 1.71 5.69
CA ALA A 42 4.79 1.66 6.51
C ALA A 42 4.43 1.50 7.99
N SER A 43 3.19 1.82 8.33
CA SER A 43 2.74 1.81 9.72
C SER A 43 2.41 0.39 10.17
N PHE A 44 2.52 -0.56 9.25
CA PHE A 44 2.31 -1.96 9.57
C PHE A 44 3.51 -2.54 10.31
N ASN A 45 3.27 -3.04 11.52
CA ASN A 45 4.36 -3.47 12.40
C ASN A 45 5.18 -4.58 11.75
N ARG A 46 4.53 -5.36 10.88
CA ARG A 46 5.19 -6.44 10.18
C ARG A 46 6.32 -5.90 9.29
N ILE A 47 6.06 -4.75 8.66
CA ILE A 47 7.07 -4.12 7.81
C ILE A 47 8.00 -3.24 8.63
N LYS A 48 7.43 -2.55 9.63
CA LYS A 48 8.19 -1.60 10.43
C LYS A 48 9.29 -2.31 11.22
N SER A 49 9.01 -3.53 11.64
CA SER A 49 9.97 -4.32 12.40
C SER A 49 11.14 -4.74 11.51
N PHE A 50 10.86 -4.89 10.22
CA PHE A 50 11.88 -5.32 9.26
C PHE A 50 12.66 -4.12 8.73
N SER A 51 11.95 -3.03 8.46
CA SER A 51 12.58 -1.82 7.94
C SER A 51 11.70 -0.61 8.17
N THR A 52 12.29 0.49 8.62
CA THR A 52 11.57 1.74 8.82
C THR A 52 11.88 2.74 7.71
N ASP A 53 12.60 2.28 6.69
CA ASP A 53 13.09 3.16 5.65
C ASP A 53 12.05 3.33 4.54
N LEU A 54 11.39 4.48 4.53
CA LEU A 54 10.32 4.75 3.57
C LEU A 54 10.86 4.67 2.15
N ASN A 55 12.10 5.11 1.94
CA ASN A 55 12.69 5.17 0.61
C ASN A 55 12.83 3.77 0.03
N LEU A 56 13.26 2.82 0.86
CA LEU A 56 13.39 1.43 0.44
C LEU A 56 12.02 0.81 0.17
N LEU A 57 11.05 1.14 1.02
CA LEU A 57 9.68 0.67 0.84
C LEU A 57 9.09 1.23 -0.45
N HIS A 58 9.35 2.51 -0.71
CA HIS A 58 8.90 3.16 -1.94
C HIS A 58 9.50 2.48 -3.17
N ALA A 59 10.81 2.25 -3.12
CA ALA A 59 11.51 1.58 -4.20
C ALA A 59 10.94 0.19 -4.46
N ALA A 60 10.60 -0.51 -3.38
CA ALA A 60 10.04 -1.85 -3.48
C ALA A 60 8.69 -1.83 -4.19
N ALA A 61 7.89 -0.82 -3.88
CA ALA A 61 6.59 -0.64 -4.53
C ALA A 61 6.77 -0.35 -6.02
N LYS A 62 7.77 0.46 -6.35
CA LYS A 62 8.02 0.85 -7.73
C LYS A 62 8.59 -0.32 -8.53
N ALA A 63 9.20 -1.27 -7.82
CA ALA A 63 9.89 -2.38 -8.46
C ALA A 63 8.90 -3.45 -8.91
N SER A 64 7.66 -3.31 -8.48
CA SER A 64 6.61 -4.28 -8.83
C SER A 64 5.92 -3.88 -10.13
N ASP A 65 5.62 -4.87 -10.95
CA ASP A 65 5.01 -4.63 -12.25
C ASP A 65 3.49 -4.65 -12.15
N ILE A 66 2.98 -4.94 -10.95
CA ILE A 66 1.54 -5.04 -10.72
C ILE A 66 1.06 -3.96 -9.76
N ILE A 67 1.96 -3.04 -9.42
CA ILE A 67 1.61 -1.93 -8.55
C ILE A 67 1.78 -0.60 -9.26
N ASP A 68 0.83 0.30 -9.07
CA ASP A 68 0.90 1.64 -9.64
C ASP A 68 1.21 2.67 -8.55
N VAL A 69 2.19 3.52 -8.81
CA VAL A 69 2.69 4.44 -7.80
C VAL A 69 2.42 5.89 -8.20
N ALA A 70 1.79 6.64 -7.31
CA ALA A 70 1.54 8.06 -7.53
C ALA A 70 2.40 8.92 -6.61
N GLU A 71 3.15 9.85 -7.21
CA GLU A 71 4.10 10.66 -6.44
C GLU A 71 3.71 12.13 -6.47
N ASP A 72 3.97 12.82 -5.37
CA ASP A 72 3.85 14.27 -5.33
C ASP A 72 5.20 14.91 -4.96
N LEU A 73 5.80 15.59 -5.93
CA LEU A 73 7.15 16.12 -5.75
C LEU A 73 7.19 17.15 -4.63
N GLN A 74 6.03 17.76 -4.35
CA GLN A 74 5.96 18.84 -3.37
C GLN A 74 5.63 18.28 -1.99
N SER A 75 5.23 17.02 -1.93
CA SER A 75 4.79 16.40 -0.69
C SER A 75 5.14 14.92 -0.67
N PRO A 76 6.32 14.60 -0.12
CA PRO A 76 6.83 13.22 -0.07
C PRO A 76 5.91 12.31 0.73
N MET A 77 5.11 12.90 1.60
CA MET A 77 4.21 12.12 2.48
C MET A 77 2.91 11.80 1.75
N SER A 78 2.74 12.37 0.56
CA SER A 78 1.50 12.20 -0.19
C SER A 78 1.66 11.13 -1.26
N ILE A 79 2.71 10.33 -1.14
CA ILE A 79 2.96 9.25 -2.08
C ILE A 79 2.06 8.05 -1.80
N LYS A 80 1.28 7.66 -2.80
CA LYS A 80 0.31 6.58 -2.65
C LYS A 80 0.56 5.48 -3.67
N VAL A 81 0.12 4.27 -3.35
CA VAL A 81 0.23 3.14 -4.26
C VAL A 81 -1.08 2.36 -4.35
N ARG A 82 -1.26 1.62 -5.44
CA ARG A 82 -2.40 0.72 -5.57
C ARG A 82 -2.03 -0.50 -6.41
N ARG A 83 -2.75 -1.60 -6.18
CA ARG A 83 -2.66 -2.76 -7.06
C ARG A 83 -3.63 -2.64 -8.22
N LYS A 84 -3.18 -3.03 -9.41
CA LYS A 84 -3.98 -2.88 -10.63
C LYS A 84 -4.42 -4.22 -11.17
N GLU A 85 -4.62 -5.19 -10.27
CA GLU A 85 -5.04 -6.53 -10.65
C GLU A 85 -6.42 -6.84 -10.09
N THR A 86 -7.24 -5.81 -9.92
CA THR A 86 -8.60 -5.97 -9.43
C THR A 86 -9.62 -5.40 -10.42
N TRP A 87 -10.83 -5.91 -10.37
CA TRP A 87 -11.91 -5.41 -11.23
C TRP A 87 -12.39 -4.04 -10.74
N SER A 88 -12.28 -3.80 -9.44
CA SER A 88 -12.75 -2.56 -8.85
C SER A 88 -12.06 -2.31 -7.51
N PRO A 89 -11.92 -1.02 -7.16
CA PRO A 89 -11.40 -0.62 -5.84
C PRO A 89 -12.38 -0.92 -4.72
N TRP A 90 -11.83 -1.26 -3.55
CA TRP A 90 -12.66 -1.62 -2.40
C TRP A 90 -13.07 -0.38 -1.61
N ILE A 91 -14.01 0.39 -2.17
CA ILE A 91 -14.40 1.66 -1.58
C ILE A 91 -15.55 1.47 -0.58
N LEU A 92 -15.37 2.01 0.61
CA LEU A 92 -16.40 1.92 1.65
C LEU A 92 -17.18 3.22 1.74
N PRO A 93 -18.48 3.10 2.05
CA PRO A 93 -19.33 4.26 2.36
C PRO A 93 -18.87 4.99 3.62
N SER A 94 -19.13 6.29 3.67
CA SER A 94 -18.65 7.12 4.77
C SER A 94 -18.97 6.48 6.11
N GLU A 95 -20.15 5.89 6.22
CA GLU A 95 -20.64 5.38 7.49
C GLU A 95 -19.82 4.18 7.95
N SER A 96 -19.14 3.54 7.01
CA SER A 96 -18.38 2.34 7.30
C SER A 96 -16.92 2.67 7.59
N ARG A 97 -16.59 3.96 7.51
CA ARG A 97 -15.22 4.41 7.71
C ARG A 97 -14.89 4.53 9.19
N LEU A 98 -15.88 4.28 10.04
CA LEU A 98 -15.69 4.37 11.48
C LEU A 98 -15.34 3.01 12.08
N MET A 1 16.40 -14.02 0.18
CA MET A 1 15.76 -12.92 -0.52
C MET A 1 16.42 -11.60 -0.18
N ASP A 2 16.42 -10.67 -1.13
CA ASP A 2 16.96 -9.33 -0.91
C ASP A 2 15.97 -8.47 -0.13
N VAL A 3 16.47 -7.36 0.40
CA VAL A 3 15.64 -6.44 1.16
C VAL A 3 14.49 -5.91 0.31
N GLN A 4 14.80 -5.49 -0.91
CA GLN A 4 13.79 -5.02 -1.85
C GLN A 4 12.78 -6.12 -2.17
N ALA A 5 13.30 -7.31 -2.46
CA ALA A 5 12.45 -8.44 -2.84
C ALA A 5 11.46 -8.77 -1.73
N PHE A 6 11.94 -8.79 -0.50
CA PHE A 6 11.10 -9.13 0.64
C PHE A 6 10.01 -8.09 0.85
N LEU A 7 10.40 -6.82 0.82
CA LEU A 7 9.47 -5.72 1.03
C LEU A 7 8.40 -5.69 -0.07
N THR A 8 8.83 -5.95 -1.29
CA THR A 8 7.91 -5.98 -2.43
C THR A 8 6.91 -7.13 -2.30
N SER A 9 7.41 -8.29 -1.91
CA SER A 9 6.56 -9.47 -1.75
C SER A 9 5.51 -9.24 -0.67
N GLN A 10 5.92 -8.61 0.42
CA GLN A 10 5.01 -8.33 1.52
C GLN A 10 3.93 -7.34 1.10
N LEU A 11 4.34 -6.30 0.37
CA LEU A 11 3.41 -5.28 -0.09
C LEU A 11 2.38 -5.88 -1.05
N GLU A 12 2.85 -6.70 -1.97
CA GLU A 12 1.97 -7.36 -2.94
C GLU A 12 0.96 -8.25 -2.21
N TYR A 13 1.44 -8.94 -1.17
CA TYR A 13 0.57 -9.80 -0.38
C TYR A 13 -0.47 -8.97 0.38
N TYR A 14 -0.04 -7.82 0.90
CA TYR A 14 -0.92 -6.97 1.69
C TYR A 14 -2.05 -6.42 0.84
N PHE A 15 -1.78 -6.19 -0.44
CA PHE A 15 -2.76 -5.63 -1.36
C PHE A 15 -3.43 -6.74 -2.18
N SER A 16 -3.29 -7.97 -1.71
CA SER A 16 -3.95 -9.11 -2.34
C SER A 16 -5.45 -9.09 -2.06
N ILE A 17 -6.23 -9.71 -2.95
CA ILE A 17 -7.68 -9.73 -2.81
C ILE A 17 -8.09 -10.39 -1.49
N GLU A 18 -7.40 -11.46 -1.12
CA GLU A 18 -7.72 -12.20 0.10
C GLU A 18 -7.49 -11.34 1.33
N ASN A 19 -6.36 -10.63 1.34
CA ASN A 19 -6.00 -9.78 2.48
C ASN A 19 -6.95 -8.60 2.59
N LEU A 20 -7.27 -8.00 1.45
CA LEU A 20 -8.13 -6.81 1.43
C LEU A 20 -9.53 -7.14 1.93
N SER A 21 -10.00 -8.33 1.60
CA SER A 21 -11.32 -8.78 2.05
C SER A 21 -11.38 -8.90 3.56
N LYS A 22 -10.21 -9.08 4.17
CA LYS A 22 -10.13 -9.29 5.62
C LYS A 22 -9.66 -8.02 6.32
N ASP A 23 -8.95 -7.16 5.59
CA ASP A 23 -8.31 -6.00 6.19
C ASP A 23 -9.16 -4.74 5.97
N MET A 24 -10.03 -4.45 6.93
CA MET A 24 -10.95 -3.33 6.81
C MET A 24 -10.21 -2.00 6.86
N PHE A 25 -9.08 -1.99 7.56
CA PHE A 25 -8.33 -0.75 7.77
C PHE A 25 -7.85 -0.16 6.43
N LEU A 26 -7.36 -1.04 5.57
CA LEU A 26 -6.95 -0.64 4.23
C LEU A 26 -8.13 -0.07 3.44
N ARG A 27 -9.27 -0.76 3.52
CA ARG A 27 -10.44 -0.39 2.76
C ARG A 27 -10.92 1.01 3.15
N LYS A 28 -10.91 1.29 4.45
CA LYS A 28 -11.36 2.58 4.97
C LYS A 28 -10.43 3.69 4.51
N HIS A 29 -9.14 3.38 4.42
CA HIS A 29 -8.14 4.37 4.03
C HIS A 29 -8.19 4.63 2.52
N MET A 30 -8.56 3.60 1.76
CA MET A 30 -8.61 3.71 0.30
C MET A 30 -9.59 4.79 -0.12
N ASP A 31 -9.19 5.60 -1.09
CA ASP A 31 -10.07 6.59 -1.67
C ASP A 31 -10.82 6.03 -2.89
N ASP A 32 -11.45 6.91 -3.65
CA ASP A 32 -12.31 6.49 -4.75
C ASP A 32 -11.50 5.77 -5.83
N GLU A 33 -10.19 6.02 -5.83
CA GLU A 33 -9.31 5.41 -6.83
C GLU A 33 -8.51 4.26 -6.23
N GLY A 34 -8.81 3.94 -4.96
CA GLY A 34 -8.16 2.82 -4.31
C GLY A 34 -6.72 3.11 -3.94
N TYR A 35 -6.41 4.39 -3.74
CA TYR A 35 -5.06 4.81 -3.38
C TYR A 35 -4.85 4.71 -1.87
N VAL A 36 -3.68 4.21 -1.47
CA VAL A 36 -3.31 4.17 -0.06
C VAL A 36 -1.98 4.86 0.17
N PRO A 37 -1.97 5.85 1.08
CA PRO A 37 -0.77 6.62 1.40
C PRO A 37 0.38 5.75 1.89
N LEU A 38 1.58 6.02 1.38
CA LEU A 38 2.77 5.32 1.84
C LEU A 38 2.93 5.42 3.35
N ALA A 39 2.60 6.58 3.90
CA ALA A 39 2.82 6.85 5.32
C ALA A 39 2.06 5.85 6.18
N PHE A 40 0.94 5.37 5.67
CA PHE A 40 0.11 4.41 6.41
C PHE A 40 0.73 3.02 6.38
N LEU A 41 1.30 2.65 5.23
CA LEU A 41 1.94 1.36 5.07
C LEU A 41 3.15 1.24 5.99
N ALA A 42 3.86 2.34 6.16
CA ALA A 42 5.06 2.35 7.00
C ALA A 42 4.71 2.10 8.46
N SER A 43 3.44 2.28 8.80
CA SER A 43 3.00 2.15 10.19
C SER A 43 2.76 0.68 10.54
N PHE A 44 2.92 -0.19 9.55
CA PHE A 44 2.73 -1.63 9.75
C PHE A 44 3.91 -2.23 10.50
N ASN A 45 3.63 -2.82 11.66
CA ASN A 45 4.67 -3.37 12.52
C ASN A 45 5.48 -4.44 11.80
N ARG A 46 4.82 -5.17 10.91
CA ARG A 46 5.47 -6.21 10.13
C ARG A 46 6.57 -5.63 9.25
N ILE A 47 6.29 -4.47 8.66
CA ILE A 47 7.27 -3.80 7.81
C ILE A 47 8.36 -3.14 8.63
N LYS A 48 7.95 -2.50 9.73
CA LYS A 48 8.89 -1.76 10.58
C LYS A 48 9.92 -2.70 11.19
N SER A 49 9.51 -3.93 11.47
CA SER A 49 10.40 -4.93 12.06
C SER A 49 11.53 -5.28 11.09
N PHE A 50 11.26 -5.13 9.80
CA PHE A 50 12.23 -5.47 8.76
C PHE A 50 12.99 -4.24 8.30
N SER A 51 12.27 -3.14 8.13
CA SER A 51 12.87 -1.89 7.68
C SER A 51 11.94 -0.70 7.96
N THR A 52 12.51 0.37 8.49
CA THR A 52 11.74 1.57 8.79
C THR A 52 12.03 2.67 7.77
N ASP A 53 12.82 2.33 6.75
CA ASP A 53 13.26 3.31 5.77
C ASP A 53 12.24 3.49 4.66
N LEU A 54 11.63 4.67 4.61
CA LEU A 54 10.61 4.96 3.61
C LEU A 54 11.17 4.79 2.19
N ASN A 55 12.45 5.09 2.03
CA ASN A 55 13.09 5.03 0.72
C ASN A 55 13.12 3.60 0.18
N LEU A 56 13.44 2.66 1.07
CA LEU A 56 13.46 1.25 0.69
C LEU A 56 12.05 0.73 0.44
N LEU A 57 11.12 1.14 1.29
CA LEU A 57 9.72 0.75 1.14
C LEU A 57 9.13 1.31 -0.15
N HIS A 58 9.45 2.57 -0.45
CA HIS A 58 8.98 3.21 -1.68
C HIS A 58 9.53 2.50 -2.90
N ALA A 59 10.82 2.21 -2.89
CA ALA A 59 11.46 1.48 -3.99
C ALA A 59 10.84 0.10 -4.16
N ALA A 60 10.52 -0.54 -3.05
CA ALA A 60 9.91 -1.86 -3.07
C ALA A 60 8.52 -1.81 -3.71
N ALA A 61 7.78 -0.76 -3.40
CA ALA A 61 6.45 -0.56 -3.97
C ALA A 61 6.53 -0.37 -5.49
N LYS A 62 7.54 0.38 -5.93
CA LYS A 62 7.72 0.67 -7.34
C LYS A 62 8.16 -0.57 -8.09
N ALA A 63 8.78 -1.51 -7.37
CA ALA A 63 9.33 -2.71 -7.99
C ALA A 63 8.26 -3.78 -8.17
N SER A 64 7.06 -3.51 -7.65
CA SER A 64 5.96 -4.46 -7.73
C SER A 64 5.43 -4.57 -9.16
N ASP A 65 4.92 -5.75 -9.49
CA ASP A 65 4.39 -5.99 -10.84
C ASP A 65 2.89 -5.69 -10.89
N ILE A 66 2.25 -5.66 -9.73
CA ILE A 66 0.80 -5.59 -9.66
C ILE A 66 0.34 -4.34 -8.93
N ILE A 67 1.30 -3.59 -8.38
CA ILE A 67 1.00 -2.34 -7.71
C ILE A 67 1.53 -1.15 -8.49
N ASP A 68 0.73 -0.09 -8.58
CA ASP A 68 1.16 1.16 -9.21
C ASP A 68 1.41 2.24 -8.16
N VAL A 69 2.41 3.07 -8.41
CA VAL A 69 2.81 4.09 -7.44
C VAL A 69 2.62 5.49 -8.01
N ALA A 70 1.94 6.33 -7.24
CA ALA A 70 1.78 7.74 -7.61
C ALA A 70 2.63 8.64 -6.72
N GLU A 71 3.49 9.44 -7.35
CA GLU A 71 4.44 10.27 -6.61
C GLU A 71 3.99 11.72 -6.60
N ASP A 72 4.29 12.41 -5.50
CA ASP A 72 4.05 13.85 -5.42
C ASP A 72 5.31 14.59 -4.98
N LEU A 73 5.89 15.34 -5.90
CA LEU A 73 7.19 15.97 -5.67
C LEU A 73 7.12 16.97 -4.52
N GLN A 74 5.91 17.40 -4.20
CA GLN A 74 5.72 18.48 -3.23
C GLN A 74 5.84 17.97 -1.81
N SER A 75 5.66 16.66 -1.64
CA SER A 75 5.73 16.04 -0.31
C SER A 75 5.81 14.52 -0.43
N PRO A 76 6.73 13.92 0.34
CA PRO A 76 6.86 12.46 0.42
C PRO A 76 5.64 11.81 1.08
N MET A 77 4.90 12.61 1.86
CA MET A 77 3.75 12.09 2.60
C MET A 77 2.54 11.97 1.70
N SER A 78 2.64 12.52 0.49
CA SER A 78 1.53 12.50 -0.46
C SER A 78 1.71 11.39 -1.49
N ILE A 79 2.69 10.52 -1.25
CA ILE A 79 2.93 9.38 -2.13
C ILE A 79 1.97 8.24 -1.83
N LYS A 80 1.21 7.85 -2.84
CA LYS A 80 0.17 6.83 -2.65
C LYS A 80 0.36 5.67 -3.62
N VAL A 81 -0.17 4.50 -3.25
CA VAL A 81 -0.08 3.33 -4.10
C VAL A 81 -1.46 2.68 -4.29
N ARG A 82 -1.60 1.93 -5.38
CA ARG A 82 -2.86 1.23 -5.66
C ARG A 82 -2.60 -0.04 -6.44
N ARG A 83 -3.58 -0.95 -6.42
CA ARG A 83 -3.58 -2.09 -7.33
C ARG A 83 -3.68 -1.63 -8.78
N LYS A 84 -2.88 -2.24 -9.65
CA LYS A 84 -2.85 -1.87 -11.05
C LYS A 84 -4.23 -1.99 -11.69
N GLU A 85 -4.88 -3.12 -11.45
CA GLU A 85 -6.21 -3.36 -12.01
C GLU A 85 -7.03 -4.26 -11.10
N THR A 86 -8.30 -3.90 -10.90
CA THR A 86 -9.21 -4.70 -10.10
C THR A 86 -10.63 -4.64 -10.65
N TRP A 87 -11.25 -5.81 -10.79
CA TRP A 87 -12.60 -5.90 -11.32
C TRP A 87 -13.61 -5.30 -10.34
N SER A 88 -13.35 -5.46 -9.06
CA SER A 88 -14.24 -4.94 -8.02
C SER A 88 -13.43 -4.36 -6.86
N PRO A 89 -13.04 -3.09 -6.98
CA PRO A 89 -12.21 -2.41 -5.98
C PRO A 89 -12.81 -2.47 -4.59
N TRP A 90 -11.96 -2.73 -3.59
CA TRP A 90 -12.43 -2.86 -2.21
C TRP A 90 -12.54 -1.51 -1.53
N ILE A 91 -13.49 -0.70 -1.98
CA ILE A 91 -13.64 0.66 -1.47
C ILE A 91 -14.93 0.81 -0.68
N LEU A 92 -14.82 1.39 0.51
CA LEU A 92 -15.97 1.61 1.38
C LEU A 92 -16.54 3.02 1.19
N PRO A 93 -17.84 3.18 1.49
CA PRO A 93 -18.51 4.47 1.43
C PRO A 93 -17.81 5.53 2.26
N SER A 94 -17.85 6.78 1.80
CA SER A 94 -17.16 7.87 2.47
C SER A 94 -17.50 7.90 3.96
N GLU A 95 -18.78 7.65 4.26
CA GLU A 95 -19.26 7.76 5.65
C GLU A 95 -18.66 6.65 6.51
N SER A 96 -18.20 5.59 5.87
CA SER A 96 -17.66 4.44 6.59
C SER A 96 -16.17 4.58 6.82
N ARG A 97 -15.58 5.61 6.22
CA ARG A 97 -14.14 5.81 6.30
C ARG A 97 -13.77 6.49 7.62
N LEU A 98 -12.56 6.21 8.11
CA LEU A 98 -12.05 6.86 9.31
C LEU A 98 -10.53 6.91 9.30
N MET A 1 18.38 -12.96 1.20
CA MET A 1 17.24 -12.28 0.59
C MET A 1 17.35 -10.77 0.75
N ASP A 2 17.26 -10.06 -0.36
CA ASP A 2 17.37 -8.60 -0.34
C ASP A 2 16.17 -7.97 0.38
N VAL A 3 16.42 -6.91 1.12
CA VAL A 3 15.36 -6.22 1.85
C VAL A 3 14.28 -5.72 0.91
N GLN A 4 14.68 -5.34 -0.31
CA GLN A 4 13.74 -4.92 -1.34
C GLN A 4 12.80 -6.06 -1.71
N ALA A 5 13.36 -7.25 -1.91
CA ALA A 5 12.57 -8.41 -2.30
C ALA A 5 11.54 -8.74 -1.23
N PHE A 6 11.95 -8.70 0.03
CA PHE A 6 11.06 -9.02 1.14
C PHE A 6 9.94 -7.99 1.25
N LEU A 7 10.31 -6.72 1.19
CA LEU A 7 9.33 -5.64 1.30
C LEU A 7 8.33 -5.68 0.15
N THR A 8 8.83 -5.99 -1.04
CA THR A 8 7.97 -6.10 -2.21
C THR A 8 6.98 -7.25 -2.07
N SER A 9 7.47 -8.39 -1.59
CA SER A 9 6.64 -9.56 -1.41
C SER A 9 5.52 -9.28 -0.40
N GLN A 10 5.86 -8.56 0.66
CA GLN A 10 4.89 -8.22 1.70
C GLN A 10 3.82 -7.28 1.14
N LEU A 11 4.26 -6.29 0.38
CA LEU A 11 3.35 -5.31 -0.21
C LEU A 11 2.40 -5.97 -1.20
N GLU A 12 2.95 -6.84 -2.05
CA GLU A 12 2.15 -7.56 -3.03
C GLU A 12 1.10 -8.44 -2.36
N TYR A 13 1.50 -9.08 -1.26
CA TYR A 13 0.58 -9.91 -0.49
C TYR A 13 -0.51 -9.07 0.16
N TYR A 14 -0.13 -7.91 0.68
CA TYR A 14 -1.06 -7.04 1.39
C TYR A 14 -2.14 -6.51 0.46
N PHE A 15 -1.77 -6.33 -0.81
CA PHE A 15 -2.68 -5.77 -1.80
C PHE A 15 -3.36 -6.87 -2.61
N SER A 16 -3.25 -8.10 -2.12
CA SER A 16 -3.93 -9.24 -2.74
C SER A 16 -5.43 -9.18 -2.46
N ILE A 17 -6.21 -9.76 -3.36
CA ILE A 17 -7.67 -9.75 -3.23
C ILE A 17 -8.10 -10.43 -1.94
N GLU A 18 -7.45 -11.54 -1.61
CA GLU A 18 -7.79 -12.31 -0.42
C GLU A 18 -7.55 -11.48 0.84
N ASN A 19 -6.40 -10.80 0.88
CA ASN A 19 -6.04 -10.00 2.05
C ASN A 19 -6.96 -8.79 2.18
N LEU A 20 -7.25 -8.15 1.06
CA LEU A 20 -8.07 -6.94 1.06
C LEU A 20 -9.49 -7.24 1.55
N SER A 21 -9.99 -8.42 1.18
CA SER A 21 -11.33 -8.84 1.60
C SER A 21 -11.40 -9.03 3.11
N LYS A 22 -10.24 -9.28 3.71
CA LYS A 22 -10.18 -9.58 5.14
C LYS A 22 -9.69 -8.36 5.93
N ASP A 23 -8.91 -7.52 5.26
CA ASP A 23 -8.23 -6.42 5.94
C ASP A 23 -9.00 -5.11 5.78
N MET A 24 -9.87 -4.82 6.74
CA MET A 24 -10.74 -3.65 6.67
C MET A 24 -9.94 -2.36 6.78
N PHE A 25 -8.81 -2.43 7.51
CA PHE A 25 -8.01 -1.26 7.78
C PHE A 25 -7.49 -0.64 6.49
N LEU A 26 -7.05 -1.49 5.57
CA LEU A 26 -6.61 -1.04 4.25
C LEU A 26 -7.76 -0.38 3.49
N ARG A 27 -8.93 -1.01 3.54
CA ARG A 27 -10.08 -0.54 2.78
C ARG A 27 -10.55 0.82 3.29
N LYS A 28 -10.60 0.97 4.61
CA LYS A 28 -11.16 2.16 5.23
C LYS A 28 -10.33 3.40 4.90
N HIS A 29 -9.03 3.19 4.72
CA HIS A 29 -8.10 4.30 4.55
C HIS A 29 -7.80 4.54 3.07
N MET A 30 -8.65 3.99 2.21
CA MET A 30 -8.57 4.27 0.78
C MET A 30 -9.19 5.63 0.46
N ASP A 31 -8.65 6.30 -0.55
CA ASP A 31 -9.25 7.53 -1.08
C ASP A 31 -10.25 7.20 -2.18
N ASP A 32 -10.72 8.25 -2.85
CA ASP A 32 -11.78 8.10 -3.85
C ASP A 32 -11.30 7.29 -5.04
N GLU A 33 -9.98 7.21 -5.21
CA GLU A 33 -9.40 6.49 -6.34
C GLU A 33 -8.90 5.11 -5.90
N GLY A 34 -9.12 4.78 -4.63
CA GLY A 34 -8.75 3.47 -4.13
C GLY A 34 -7.25 3.34 -3.91
N TYR A 35 -6.60 4.48 -3.67
CA TYR A 35 -5.16 4.48 -3.40
C TYR A 35 -4.88 4.39 -1.91
N VAL A 36 -3.75 3.79 -1.56
CA VAL A 36 -3.32 3.73 -0.17
C VAL A 36 -1.98 4.42 0.03
N PRO A 37 -1.95 5.43 0.90
CA PRO A 37 -0.75 6.23 1.14
C PRO A 37 0.42 5.38 1.63
N LEU A 38 1.62 5.70 1.14
CA LEU A 38 2.84 5.03 1.59
C LEU A 38 2.95 5.10 3.11
N ALA A 39 2.58 6.24 3.69
CA ALA A 39 2.71 6.45 5.12
C ALA A 39 1.90 5.43 5.90
N PHE A 40 0.82 4.94 5.29
CA PHE A 40 -0.04 3.95 5.93
C PHE A 40 0.58 2.57 5.86
N LEU A 41 1.28 2.29 4.76
CA LEU A 41 2.01 1.04 4.61
C LEU A 41 3.15 0.94 5.62
N ALA A 42 3.80 2.07 5.88
CA ALA A 42 4.89 2.12 6.84
C ALA A 42 4.37 1.93 8.26
N SER A 43 3.07 2.14 8.45
CA SER A 43 2.47 2.11 9.77
C SER A 43 2.17 0.67 10.19
N PHE A 44 2.44 -0.27 9.30
CA PHE A 44 2.27 -1.69 9.60
C PHE A 44 3.45 -2.21 10.41
N ASN A 45 3.18 -2.71 11.61
CA ASN A 45 4.23 -3.13 12.52
C ASN A 45 5.08 -4.24 11.91
N ARG A 46 4.45 -5.05 11.06
CA ARG A 46 5.15 -6.14 10.39
C ARG A 46 6.23 -5.59 9.47
N ILE A 47 5.92 -4.51 8.77
CA ILE A 47 6.89 -3.86 7.90
C ILE A 47 7.87 -3.00 8.69
N LYS A 48 7.35 -2.32 9.72
CA LYS A 48 8.16 -1.40 10.51
C LYS A 48 9.26 -2.16 11.26
N SER A 49 8.96 -3.39 11.67
CA SER A 49 9.92 -4.20 12.39
C SER A 49 11.07 -4.61 11.48
N PHE A 50 10.79 -4.74 10.19
CA PHE A 50 11.80 -5.16 9.22
C PHE A 50 12.58 -3.95 8.72
N SER A 51 11.89 -2.86 8.44
CA SER A 51 12.52 -1.65 7.94
C SER A 51 11.64 -0.43 8.19
N THR A 52 12.27 0.66 8.63
CA THR A 52 11.54 1.91 8.86
C THR A 52 11.84 2.92 7.77
N ASP A 53 12.58 2.49 6.75
CA ASP A 53 13.04 3.39 5.70
C ASP A 53 12.00 3.52 4.60
N LEU A 54 11.38 4.68 4.50
CA LEU A 54 10.35 4.91 3.49
C LEU A 54 10.91 4.73 2.08
N ASN A 55 12.19 5.05 1.91
CA ASN A 55 12.83 4.97 0.61
C ASN A 55 12.88 3.54 0.11
N LEU A 56 13.20 2.61 1.01
CA LEU A 56 13.23 1.19 0.68
C LEU A 56 11.83 0.66 0.42
N LEU A 57 10.88 1.09 1.24
CA LEU A 57 9.49 0.68 1.08
C LEU A 57 8.91 1.21 -0.23
N HIS A 58 9.23 2.46 -0.57
CA HIS A 58 8.78 3.05 -1.81
C HIS A 58 9.37 2.32 -3.01
N ALA A 59 10.67 2.06 -2.95
CA ALA A 59 11.35 1.32 -4.02
C ALA A 59 10.76 -0.07 -4.18
N ALA A 60 10.42 -0.70 -3.06
CA ALA A 60 9.83 -2.04 -3.08
C ALA A 60 8.47 -2.03 -3.78
N ALA A 61 7.68 -0.99 -3.52
CA ALA A 61 6.39 -0.84 -4.16
C ALA A 61 6.55 -0.65 -5.67
N LYS A 62 7.55 0.12 -6.06
CA LYS A 62 7.80 0.40 -7.47
C LYS A 62 8.33 -0.85 -8.18
N ALA A 63 8.93 -1.76 -7.41
CA ALA A 63 9.57 -2.94 -7.98
C ALA A 63 8.54 -4.01 -8.30
N SER A 64 7.29 -3.78 -7.90
CA SER A 64 6.21 -4.73 -8.15
C SER A 64 5.59 -4.49 -9.53
N ASP A 65 5.20 -5.57 -10.19
CA ASP A 65 4.64 -5.48 -11.53
C ASP A 65 3.11 -5.42 -11.47
N ILE A 66 2.56 -5.51 -10.27
CA ILE A 66 1.12 -5.52 -10.08
C ILE A 66 0.66 -4.32 -9.25
N ILE A 67 1.58 -3.43 -8.95
CA ILE A 67 1.27 -2.23 -8.18
C ILE A 67 1.53 -0.97 -9.00
N ASP A 68 0.63 0.00 -8.90
CA ASP A 68 0.82 1.29 -9.52
C ASP A 68 1.12 2.37 -8.48
N VAL A 69 2.15 3.16 -8.74
CA VAL A 69 2.61 4.15 -7.77
C VAL A 69 2.37 5.57 -8.28
N ALA A 70 1.71 6.39 -7.47
CA ALA A 70 1.50 7.79 -7.79
C ALA A 70 2.29 8.70 -6.86
N GLU A 71 3.09 9.58 -7.44
CA GLU A 71 3.97 10.45 -6.66
C GLU A 71 3.43 11.88 -6.63
N ASP A 72 3.61 12.55 -5.49
CA ASP A 72 3.27 13.96 -5.38
C ASP A 72 4.51 14.81 -5.14
N LEU A 73 4.86 15.63 -6.13
CA LEU A 73 6.10 16.39 -6.09
C LEU A 73 6.10 17.36 -4.90
N GLN A 74 4.91 17.65 -4.38
CA GLN A 74 4.76 18.68 -3.35
C GLN A 74 5.15 18.12 -1.98
N SER A 75 5.15 16.80 -1.86
CA SER A 75 5.49 16.16 -0.60
C SER A 75 5.76 14.67 -0.80
N PRO A 76 6.88 14.18 -0.25
CA PRO A 76 7.23 12.76 -0.27
C PRO A 76 6.27 11.91 0.54
N MET A 77 5.57 12.55 1.48
CA MET A 77 4.66 11.84 2.37
C MET A 77 3.30 11.62 1.72
N SER A 78 3.11 12.22 0.56
CA SER A 78 1.83 12.14 -0.14
C SER A 78 1.88 11.10 -1.26
N ILE A 79 2.94 10.30 -1.26
CA ILE A 79 3.10 9.25 -2.25
C ILE A 79 2.22 8.05 -1.91
N LYS A 80 1.36 7.67 -2.86
CA LYS A 80 0.38 6.62 -2.62
C LYS A 80 0.45 5.55 -3.72
N VAL A 81 -0.03 4.35 -3.40
CA VAL A 81 0.01 3.24 -4.34
C VAL A 81 -1.34 2.56 -4.45
N ARG A 82 -1.56 1.83 -5.54
CA ARG A 82 -2.79 1.09 -5.74
C ARG A 82 -2.52 -0.22 -6.50
N ARG A 83 -3.32 -1.23 -6.22
CA ARG A 83 -3.31 -2.45 -7.01
C ARG A 83 -3.84 -2.20 -8.42
N LYS A 84 -3.15 -2.73 -9.41
CA LYS A 84 -3.50 -2.48 -10.81
C LYS A 84 -4.97 -2.81 -11.05
N GLU A 85 -5.39 -3.99 -10.62
CA GLU A 85 -6.78 -4.42 -10.83
C GLU A 85 -7.16 -5.50 -9.82
N THR A 86 -8.44 -5.52 -9.43
CA THR A 86 -8.95 -6.55 -8.55
C THR A 86 -10.19 -7.21 -9.16
N TRP A 87 -10.81 -6.53 -10.12
CA TRP A 87 -12.09 -6.96 -10.66
C TRP A 87 -13.17 -6.91 -9.58
N SER A 88 -12.84 -6.28 -8.46
CA SER A 88 -13.80 -6.15 -7.35
C SER A 88 -13.41 -4.99 -6.44
N PRO A 89 -14.12 -3.87 -6.59
CA PRO A 89 -13.87 -2.65 -5.82
C PRO A 89 -13.88 -2.91 -4.31
N TRP A 90 -12.88 -2.41 -3.62
CA TRP A 90 -12.75 -2.63 -2.17
C TRP A 90 -12.79 -1.30 -1.43
N ILE A 91 -13.32 -0.26 -2.08
CA ILE A 91 -13.35 1.07 -1.50
C ILE A 91 -14.52 1.24 -0.54
N LEU A 92 -14.23 1.69 0.67
CA LEU A 92 -15.28 1.96 1.66
C LEU A 92 -15.53 3.46 1.78
N PRO A 93 -16.77 3.82 2.14
CA PRO A 93 -17.15 5.21 2.39
C PRO A 93 -16.36 5.82 3.54
N SER A 94 -16.06 7.11 3.42
CA SER A 94 -15.30 7.82 4.45
C SER A 94 -15.95 7.69 5.82
N GLU A 95 -17.28 7.58 5.81
CA GLU A 95 -18.05 7.58 7.06
C GLU A 95 -17.76 6.32 7.87
N SER A 96 -17.21 5.30 7.21
CA SER A 96 -16.90 4.04 7.86
C SER A 96 -15.54 4.09 8.55
N ARG A 97 -14.78 5.14 8.26
CA ARG A 97 -13.42 5.28 8.78
C ARG A 97 -13.45 5.64 10.26
N LEU A 98 -12.60 4.98 11.04
CA LEU A 98 -12.50 5.27 12.47
C LEU A 98 -11.13 4.88 13.01
N MET A 1 16.46 -14.08 0.39
CA MET A 1 15.79 -12.96 -0.26
C MET A 1 16.43 -11.64 0.13
N ASP A 2 16.40 -10.69 -0.80
CA ASP A 2 16.91 -9.35 -0.54
C ASP A 2 15.88 -8.52 0.22
N VAL A 3 16.33 -7.40 0.80
CA VAL A 3 15.43 -6.51 1.53
C VAL A 3 14.33 -5.98 0.62
N GLN A 4 14.69 -5.56 -0.58
CA GLN A 4 13.72 -5.09 -1.56
C GLN A 4 12.74 -6.19 -1.92
N ALA A 5 13.26 -7.39 -2.16
CA ALA A 5 12.43 -8.52 -2.58
C ALA A 5 11.37 -8.84 -1.52
N PHE A 6 11.80 -8.84 -0.26
CA PHE A 6 10.90 -9.17 0.85
C PHE A 6 9.81 -8.11 0.99
N LEU A 7 10.22 -6.84 0.96
CA LEU A 7 9.28 -5.74 1.11
C LEU A 7 8.26 -5.71 -0.04
N THR A 8 8.75 -6.00 -1.25
CA THR A 8 7.89 -6.04 -2.42
C THR A 8 6.88 -7.18 -2.31
N SER A 9 7.34 -8.34 -1.87
CA SER A 9 6.47 -9.51 -1.74
C SER A 9 5.37 -9.24 -0.72
N GLN A 10 5.73 -8.58 0.38
CA GLN A 10 4.78 -8.27 1.43
C GLN A 10 3.73 -7.27 0.94
N LEU A 11 4.18 -6.27 0.19
CA LEU A 11 3.28 -5.25 -0.35
C LEU A 11 2.27 -5.86 -1.32
N GLU A 12 2.76 -6.73 -2.20
CA GLU A 12 1.89 -7.42 -3.15
C GLU A 12 0.86 -8.28 -2.42
N TYR A 13 1.30 -8.95 -1.36
CA TYR A 13 0.42 -9.79 -0.57
C TYR A 13 -0.64 -8.98 0.14
N TYR A 14 -0.25 -7.81 0.64
CA TYR A 14 -1.14 -6.99 1.45
C TYR A 14 -2.32 -6.49 0.63
N PHE A 15 -2.09 -6.31 -0.67
CA PHE A 15 -3.12 -5.77 -1.56
C PHE A 15 -3.86 -6.90 -2.25
N SER A 16 -3.68 -8.12 -1.77
CA SER A 16 -4.40 -9.27 -2.29
C SER A 16 -5.86 -9.24 -1.85
N ILE A 17 -6.73 -9.84 -2.66
CA ILE A 17 -8.16 -9.86 -2.36
C ILE A 17 -8.43 -10.54 -1.03
N GLU A 18 -7.70 -11.62 -0.75
CA GLU A 18 -7.88 -12.37 0.48
C GLU A 18 -7.54 -11.51 1.70
N ASN A 19 -6.44 -10.77 1.59
CA ASN A 19 -5.99 -9.91 2.68
C ASN A 19 -6.97 -8.75 2.89
N LEU A 20 -7.43 -8.18 1.79
CA LEU A 20 -8.32 -7.02 1.84
C LEU A 20 -9.64 -7.39 2.50
N SER A 21 -10.13 -8.60 2.24
CA SER A 21 -11.37 -9.08 2.82
C SER A 21 -11.25 -9.20 4.34
N LYS A 22 -10.02 -9.36 4.81
CA LYS A 22 -9.76 -9.56 6.23
C LYS A 22 -9.25 -8.28 6.88
N ASP A 23 -8.68 -7.40 6.07
CA ASP A 23 -8.02 -6.21 6.59
C ASP A 23 -8.87 -4.97 6.37
N MET A 24 -9.69 -4.63 7.36
CA MET A 24 -10.61 -3.51 7.26
C MET A 24 -9.83 -2.19 7.22
N PHE A 25 -8.67 -2.16 7.85
CA PHE A 25 -7.88 -0.94 7.98
C PHE A 25 -7.48 -0.41 6.61
N LEU A 26 -7.07 -1.31 5.73
CA LEU A 26 -6.71 -0.96 4.36
C LEU A 26 -7.91 -0.36 3.63
N ARG A 27 -9.07 -0.99 3.78
CA ARG A 27 -10.27 -0.57 3.07
C ARG A 27 -10.69 0.84 3.51
N LYS A 28 -10.62 1.09 4.80
CA LYS A 28 -11.10 2.36 5.36
C LYS A 28 -10.26 3.53 4.85
N HIS A 29 -9.00 3.25 4.53
CA HIS A 29 -8.06 4.30 4.17
C HIS A 29 -7.90 4.40 2.66
N MET A 30 -8.84 3.80 1.93
CA MET A 30 -8.89 3.95 0.48
C MET A 30 -9.54 5.28 0.09
N ASP A 31 -9.05 5.88 -0.99
CA ASP A 31 -9.70 7.04 -1.58
C ASP A 31 -10.62 6.63 -2.73
N ASP A 32 -11.15 7.62 -3.44
CA ASP A 32 -12.13 7.37 -4.48
C ASP A 32 -11.53 6.59 -5.65
N GLU A 33 -10.21 6.62 -5.74
CA GLU A 33 -9.50 5.98 -6.85
C GLU A 33 -8.94 4.63 -6.43
N GLY A 34 -9.22 4.24 -5.19
CA GLY A 34 -8.76 2.95 -4.70
C GLY A 34 -7.27 2.94 -4.40
N TYR A 35 -6.73 4.12 -4.08
CA TYR A 35 -5.32 4.23 -3.73
C TYR A 35 -5.13 4.22 -2.22
N VAL A 36 -4.01 3.66 -1.78
CA VAL A 36 -3.64 3.70 -0.36
C VAL A 36 -2.29 4.37 -0.16
N PRO A 37 -2.26 5.41 0.69
CA PRO A 37 -1.05 6.20 0.93
C PRO A 37 0.12 5.35 1.41
N LEU A 38 1.29 5.58 0.83
CA LEU A 38 2.51 4.90 1.25
C LEU A 38 2.75 5.12 2.75
N ALA A 39 2.52 6.34 3.21
CA ALA A 39 2.81 6.71 4.59
C ALA A 39 2.00 5.86 5.56
N PHE A 40 0.82 5.43 5.12
CA PHE A 40 -0.04 4.58 5.95
C PHE A 40 0.51 3.16 6.03
N LEU A 41 1.04 2.67 4.91
CA LEU A 41 1.63 1.33 4.86
C LEU A 41 2.84 1.24 5.79
N ALA A 42 3.60 2.33 5.87
CA ALA A 42 4.81 2.36 6.69
C ALA A 42 4.48 2.19 8.16
N SER A 43 3.21 2.43 8.51
CA SER A 43 2.78 2.36 9.91
C SER A 43 2.51 0.93 10.32
N PHE A 44 2.63 0.01 9.38
CA PHE A 44 2.38 -1.41 9.64
C PHE A 44 3.53 -2.03 10.42
N ASN A 45 3.22 -2.60 11.58
CA ASN A 45 4.23 -3.16 12.46
C ASN A 45 5.02 -4.26 11.76
N ARG A 46 4.34 -4.98 10.86
CA ARG A 46 4.97 -6.06 10.11
C ARG A 46 6.12 -5.53 9.25
N ILE A 47 5.90 -4.37 8.64
CA ILE A 47 6.92 -3.75 7.81
C ILE A 47 8.01 -3.10 8.65
N LYS A 48 7.60 -2.43 9.72
CA LYS A 48 8.53 -1.70 10.57
C LYS A 48 9.51 -2.66 11.25
N SER A 49 9.04 -3.86 11.54
CA SER A 49 9.89 -4.87 12.17
C SER A 49 11.03 -5.28 11.25
N PHE A 50 10.81 -5.16 9.95
CA PHE A 50 11.81 -5.55 8.96
C PHE A 50 12.61 -4.35 8.50
N SER A 51 11.92 -3.23 8.28
CA SER A 51 12.57 -2.00 7.82
C SER A 51 11.68 -0.79 8.08
N THR A 52 12.25 0.26 8.64
CA THR A 52 11.51 1.48 8.93
C THR A 52 11.82 2.57 7.91
N ASP A 53 12.59 2.20 6.88
CA ASP A 53 13.06 3.18 5.89
C ASP A 53 12.02 3.35 4.79
N LEU A 54 11.37 4.51 4.77
CA LEU A 54 10.34 4.79 3.78
C LEU A 54 10.88 4.68 2.37
N ASN A 55 12.15 5.04 2.19
CA ASN A 55 12.78 5.05 0.87
C ASN A 55 12.85 3.63 0.31
N LEU A 56 13.21 2.68 1.16
CA LEU A 56 13.29 1.28 0.75
C LEU A 56 11.90 0.71 0.46
N LEU A 57 10.93 1.11 1.28
CA LEU A 57 9.55 0.70 1.06
C LEU A 57 9.00 1.25 -0.25
N HIS A 58 9.32 2.51 -0.53
CA HIS A 58 8.91 3.14 -1.77
C HIS A 58 9.53 2.43 -2.98
N ALA A 59 10.82 2.16 -2.88
CA ALA A 59 11.53 1.44 -3.95
C ALA A 59 10.93 0.06 -4.17
N ALA A 60 10.54 -0.60 -3.08
CA ALA A 60 9.97 -1.94 -3.15
C ALA A 60 8.63 -1.91 -3.88
N ALA A 61 7.83 -0.88 -3.62
CA ALA A 61 6.55 -0.72 -4.31
C ALA A 61 6.77 -0.48 -5.80
N LYS A 62 7.77 0.34 -6.13
CA LYS A 62 8.04 0.70 -7.51
C LYS A 62 8.65 -0.47 -8.27
N ALA A 63 9.25 -1.41 -7.53
CA ALA A 63 10.00 -2.50 -8.13
C ALA A 63 9.06 -3.58 -8.68
N SER A 64 7.78 -3.47 -8.34
CA SER A 64 6.78 -4.44 -8.78
C SER A 64 6.17 -4.01 -10.11
N ASP A 65 5.88 -4.98 -10.97
CA ASP A 65 5.29 -4.71 -12.26
C ASP A 65 3.77 -4.67 -12.18
N ILE A 66 3.24 -5.03 -11.01
CA ILE A 66 1.80 -5.11 -10.82
C ILE A 66 1.32 -4.07 -9.80
N ILE A 67 2.20 -3.14 -9.45
CA ILE A 67 1.86 -2.05 -8.55
C ILE A 67 2.01 -0.70 -9.24
N ASP A 68 1.06 0.20 -9.00
CA ASP A 68 1.12 1.53 -9.57
C ASP A 68 1.37 2.57 -8.48
N VAL A 69 2.41 3.37 -8.67
CA VAL A 69 2.85 4.33 -7.65
C VAL A 69 2.67 5.77 -8.14
N ALA A 70 1.95 6.57 -7.35
CA ALA A 70 1.78 7.98 -7.67
C ALA A 70 2.59 8.85 -6.72
N GLU A 71 3.45 9.69 -7.30
CA GLU A 71 4.39 10.49 -6.52
C GLU A 71 3.95 11.95 -6.47
N ASP A 72 4.17 12.60 -5.33
CA ASP A 72 3.93 14.02 -5.20
C ASP A 72 5.20 14.75 -4.79
N LEU A 73 5.75 15.54 -5.71
CA LEU A 73 7.03 16.20 -5.49
C LEU A 73 6.95 17.17 -4.33
N GLN A 74 5.73 17.58 -3.98
CA GLN A 74 5.52 18.63 -3.00
C GLN A 74 5.59 18.06 -1.58
N SER A 75 5.39 16.76 -1.47
CA SER A 75 5.39 16.09 -0.17
C SER A 75 5.49 14.58 -0.33
N PRO A 76 6.39 13.96 0.45
CA PRO A 76 6.53 12.50 0.49
C PRO A 76 5.32 11.82 1.11
N MET A 77 4.55 12.57 1.89
CA MET A 77 3.43 12.02 2.63
C MET A 77 2.21 11.85 1.72
N SER A 78 2.29 12.41 0.51
CA SER A 78 1.18 12.37 -0.42
C SER A 78 1.41 11.29 -1.48
N ILE A 79 2.44 10.47 -1.26
CA ILE A 79 2.74 9.37 -2.18
C ILE A 79 1.81 8.18 -1.93
N LYS A 80 1.11 7.76 -2.98
CA LYS A 80 0.13 6.69 -2.86
C LYS A 80 0.48 5.53 -3.79
N VAL A 81 0.04 4.33 -3.42
CA VAL A 81 0.23 3.16 -4.27
C VAL A 81 -1.05 2.35 -4.38
N ARG A 82 -1.14 1.54 -5.44
CA ARG A 82 -2.23 0.57 -5.57
C ARG A 82 -1.78 -0.63 -6.40
N ARG A 83 -2.46 -1.75 -6.22
CA ARG A 83 -2.25 -2.93 -7.06
C ARG A 83 -3.02 -2.80 -8.36
N LYS A 84 -2.37 -3.17 -9.46
CA LYS A 84 -2.99 -3.06 -10.78
C LYS A 84 -3.97 -4.20 -11.01
N GLU A 85 -3.56 -5.41 -10.68
CA GLU A 85 -4.35 -6.60 -11.00
C GLU A 85 -5.70 -6.56 -10.30
N THR A 86 -6.73 -7.05 -10.99
CA THR A 86 -8.08 -7.08 -10.43
C THR A 86 -8.58 -5.67 -10.11
N TRP A 87 -8.91 -4.93 -11.15
CA TRP A 87 -9.31 -3.53 -10.99
C TRP A 87 -10.67 -3.43 -10.32
N SER A 88 -10.73 -3.80 -9.04
CA SER A 88 -11.98 -3.77 -8.29
C SER A 88 -11.72 -3.61 -6.80
N PRO A 89 -11.25 -2.41 -6.41
CA PRO A 89 -10.87 -2.11 -5.03
C PRO A 89 -12.07 -2.12 -4.08
N TRP A 90 -11.85 -2.61 -2.87
CA TRP A 90 -12.92 -2.72 -1.88
C TRP A 90 -13.11 -1.41 -1.13
N ILE A 91 -13.64 -0.41 -1.82
CA ILE A 91 -13.74 0.93 -1.25
C ILE A 91 -14.98 1.05 -0.36
N LEU A 92 -14.79 1.61 0.82
CA LEU A 92 -15.89 1.80 1.77
C LEU A 92 -16.48 3.20 1.63
N PRO A 93 -17.75 3.34 2.04
CA PRO A 93 -18.45 4.63 2.01
C PRO A 93 -17.69 5.71 2.77
N SER A 94 -17.80 6.95 2.29
CA SER A 94 -17.03 8.06 2.86
C SER A 94 -17.19 8.09 4.39
N GLU A 95 -18.40 7.82 4.85
CA GLU A 95 -18.71 7.93 6.28
C GLU A 95 -17.98 6.86 7.08
N SER A 96 -17.57 5.80 6.40
CA SER A 96 -16.92 4.67 7.06
C SER A 96 -15.40 4.82 7.02
N ARG A 97 -14.94 5.81 6.27
CA ARG A 97 -13.50 5.98 6.04
C ARG A 97 -12.84 6.66 7.23
N LEU A 98 -11.53 6.49 7.35
CA LEU A 98 -10.76 7.15 8.39
C LEU A 98 -9.71 8.09 7.78
N MET A 1 16.30 -14.12 -0.71
CA MET A 1 15.40 -12.98 -0.76
C MET A 1 16.14 -11.69 -0.35
N ASP A 2 16.17 -10.74 -1.27
CA ASP A 2 16.78 -9.44 -0.98
C ASP A 2 15.82 -8.56 -0.18
N VAL A 3 16.34 -7.47 0.37
CA VAL A 3 15.54 -6.54 1.15
C VAL A 3 14.40 -5.96 0.31
N GLN A 4 14.73 -5.54 -0.92
CA GLN A 4 13.73 -5.05 -1.84
C GLN A 4 12.71 -6.14 -2.18
N ALA A 5 13.21 -7.33 -2.46
CA ALA A 5 12.35 -8.45 -2.86
C ALA A 5 11.35 -8.77 -1.75
N PHE A 6 11.83 -8.80 -0.52
CA PHE A 6 10.98 -9.13 0.62
C PHE A 6 9.91 -8.07 0.83
N LEU A 7 10.31 -6.80 0.79
CA LEU A 7 9.39 -5.71 0.99
C LEU A 7 8.33 -5.66 -0.11
N THR A 8 8.76 -5.94 -1.33
CA THR A 8 7.85 -5.96 -2.47
C THR A 8 6.84 -7.09 -2.33
N SER A 9 7.31 -8.26 -1.94
CA SER A 9 6.43 -9.42 -1.77
C SER A 9 5.37 -9.16 -0.70
N GLN A 10 5.80 -8.52 0.39
CA GLN A 10 4.89 -8.21 1.49
C GLN A 10 3.82 -7.21 1.05
N LEU A 11 4.25 -6.20 0.30
CA LEU A 11 3.34 -5.17 -0.17
C LEU A 11 2.29 -5.76 -1.11
N GLU A 12 2.73 -6.61 -2.02
CA GLU A 12 1.82 -7.28 -2.95
C GLU A 12 0.81 -8.15 -2.19
N TYR A 13 1.29 -8.83 -1.15
CA TYR A 13 0.44 -9.70 -0.34
C TYR A 13 -0.60 -8.88 0.42
N TYR A 14 -0.17 -7.72 0.94
CA TYR A 14 -1.03 -6.91 1.79
C TYR A 14 -2.23 -6.38 1.01
N PHE A 15 -2.04 -6.17 -0.29
CA PHE A 15 -3.09 -5.62 -1.14
C PHE A 15 -3.83 -6.74 -1.87
N SER A 16 -3.62 -7.97 -1.43
CA SER A 16 -4.30 -9.12 -2.01
C SER A 16 -5.78 -9.10 -1.65
N ILE A 17 -6.60 -9.74 -2.49
CA ILE A 17 -8.05 -9.76 -2.28
C ILE A 17 -8.40 -10.38 -0.94
N GLU A 18 -7.69 -11.45 -0.58
CA GLU A 18 -7.96 -12.16 0.66
C GLU A 18 -7.66 -11.26 1.87
N ASN A 19 -6.53 -10.57 1.81
CA ASN A 19 -6.11 -9.70 2.91
C ASN A 19 -7.05 -8.51 3.05
N LEU A 20 -7.43 -7.93 1.91
CA LEU A 20 -8.28 -6.74 1.91
C LEU A 20 -9.66 -7.06 2.48
N SER A 21 -10.15 -8.27 2.19
CA SER A 21 -11.45 -8.71 2.69
C SER A 21 -11.43 -8.82 4.21
N LYS A 22 -10.23 -8.99 4.77
CA LYS A 22 -10.09 -9.19 6.21
C LYS A 22 -9.62 -7.90 6.89
N ASP A 23 -8.96 -7.05 6.13
CA ASP A 23 -8.31 -5.86 6.70
C ASP A 23 -9.19 -4.62 6.48
N MET A 24 -9.99 -4.29 7.48
CA MET A 24 -10.95 -3.20 7.36
C MET A 24 -10.25 -1.86 7.25
N PHE A 25 -9.09 -1.75 7.88
CA PHE A 25 -8.36 -0.48 7.93
C PHE A 25 -7.95 -0.04 6.53
N LEU A 26 -7.46 -0.99 5.74
CA LEU A 26 -7.09 -0.71 4.36
C LEU A 26 -8.30 -0.25 3.55
N ARG A 27 -9.43 -0.92 3.75
CA ARG A 27 -10.64 -0.61 3.02
C ARG A 27 -11.08 0.84 3.26
N LYS A 28 -10.98 1.27 4.51
CA LYS A 28 -11.33 2.64 4.87
C LYS A 28 -10.39 3.64 4.23
N HIS A 29 -9.11 3.26 4.11
CA HIS A 29 -8.09 4.16 3.56
C HIS A 29 -8.24 4.26 2.04
N MET A 30 -8.71 3.19 1.42
CA MET A 30 -8.92 3.18 -0.03
C MET A 30 -9.79 4.34 -0.47
N ASP A 31 -9.25 5.19 -1.33
CA ASP A 31 -9.98 6.35 -1.83
C ASP A 31 -10.75 6.01 -3.11
N ASP A 32 -11.29 7.02 -3.76
CA ASP A 32 -12.16 6.81 -4.90
C ASP A 32 -11.41 6.17 -6.06
N GLU A 33 -10.08 6.28 -6.03
CA GLU A 33 -9.25 5.72 -7.09
C GLU A 33 -8.60 4.42 -6.63
N GLY A 34 -8.93 4.00 -5.42
CA GLY A 34 -8.40 2.76 -4.89
C GLY A 34 -6.93 2.88 -4.48
N TYR A 35 -6.53 4.08 -4.08
CA TYR A 35 -5.16 4.33 -3.65
C TYR A 35 -5.07 4.32 -2.13
N VAL A 36 -3.92 3.84 -1.62
CA VAL A 36 -3.63 3.93 -0.20
C VAL A 36 -2.28 4.59 0.04
N PRO A 37 -2.27 5.59 0.93
CA PRO A 37 -1.06 6.37 1.22
C PRO A 37 0.08 5.49 1.71
N LEU A 38 1.28 5.71 1.15
CA LEU A 38 2.47 5.01 1.58
C LEU A 38 2.70 5.18 3.08
N ALA A 39 2.42 6.39 3.57
CA ALA A 39 2.71 6.73 4.96
C ALA A 39 1.99 5.80 5.92
N PHE A 40 0.83 5.30 5.49
CA PHE A 40 0.04 4.40 6.31
C PHE A 40 0.66 3.00 6.32
N LEU A 41 1.16 2.57 5.18
CA LEU A 41 1.78 1.26 5.05
C LEU A 41 3.03 1.16 5.92
N ALA A 42 3.76 2.28 6.02
CA ALA A 42 5.00 2.32 6.79
C ALA A 42 4.72 2.10 8.28
N SER A 43 3.47 2.30 8.68
CA SER A 43 3.09 2.19 10.08
C SER A 43 2.86 0.73 10.47
N PHE A 44 2.97 -0.16 9.50
CA PHE A 44 2.78 -1.59 9.75
C PHE A 44 3.96 -2.18 10.50
N ASN A 45 3.69 -2.76 11.66
CA ASN A 45 4.74 -3.29 12.52
C ASN A 45 5.52 -4.39 11.79
N ARG A 46 4.83 -5.11 10.91
CA ARG A 46 5.47 -6.17 10.14
C ARG A 46 6.58 -5.62 9.25
N ILE A 47 6.32 -4.46 8.65
CA ILE A 47 7.30 -3.82 7.79
C ILE A 47 8.41 -3.16 8.61
N LYS A 48 8.02 -2.50 9.70
CA LYS A 48 8.96 -1.77 10.53
C LYS A 48 9.98 -2.73 11.16
N SER A 49 9.54 -3.94 11.46
CA SER A 49 10.41 -4.95 12.05
C SER A 49 11.52 -5.34 11.09
N PHE A 50 11.24 -5.22 9.80
CA PHE A 50 12.21 -5.60 8.77
C PHE A 50 13.00 -4.40 8.28
N SER A 51 12.30 -3.27 8.10
CA SER A 51 12.95 -2.05 7.64
C SER A 51 12.06 -0.84 7.93
N THR A 52 12.66 0.21 8.48
CA THR A 52 11.94 1.43 8.80
C THR A 52 12.22 2.52 7.76
N ASP A 53 12.95 2.17 6.72
CA ASP A 53 13.39 3.14 5.72
C ASP A 53 12.32 3.33 4.65
N LEU A 54 11.69 4.51 4.66
CA LEU A 54 10.63 4.82 3.72
C LEU A 54 11.11 4.69 2.28
N ASN A 55 12.38 5.03 2.06
CA ASN A 55 12.95 5.03 0.71
C ASN A 55 12.98 3.62 0.14
N LEU A 56 13.35 2.65 0.97
CA LEU A 56 13.40 1.25 0.56
C LEU A 56 11.99 0.72 0.32
N LEU A 57 11.06 1.09 1.19
CA LEU A 57 9.67 0.69 1.04
C LEU A 57 9.07 1.27 -0.23
N HIS A 58 9.37 2.54 -0.50
CA HIS A 58 8.89 3.20 -1.72
C HIS A 58 9.45 2.51 -2.96
N ALA A 59 10.75 2.24 -2.96
CA ALA A 59 11.39 1.54 -4.06
C ALA A 59 10.79 0.16 -4.27
N ALA A 60 10.47 -0.52 -3.17
CA ALA A 60 9.89 -1.85 -3.23
C ALA A 60 8.51 -1.82 -3.90
N ALA A 61 7.73 -0.79 -3.58
CA ALA A 61 6.43 -0.62 -4.21
C ALA A 61 6.56 -0.35 -5.70
N LYS A 62 7.56 0.44 -6.07
CA LYS A 62 7.78 0.80 -7.46
C LYS A 62 8.31 -0.39 -8.25
N ALA A 63 8.91 -1.34 -7.55
CA ALA A 63 9.59 -2.46 -8.20
C ALA A 63 8.58 -3.51 -8.64
N SER A 64 7.34 -3.36 -8.22
CA SER A 64 6.29 -4.31 -8.56
C SER A 64 5.64 -3.95 -9.90
N ASP A 65 5.34 -4.97 -10.70
CA ASP A 65 4.75 -4.77 -12.01
C ASP A 65 3.22 -4.68 -11.92
N ILE A 66 2.70 -4.93 -10.73
CA ILE A 66 1.25 -4.95 -10.53
C ILE A 66 0.82 -3.84 -9.56
N ILE A 67 1.73 -2.92 -9.28
CA ILE A 67 1.44 -1.79 -8.41
C ILE A 67 1.64 -0.47 -9.14
N ASP A 68 0.72 0.46 -8.95
CA ASP A 68 0.84 1.81 -9.49
C ASP A 68 1.15 2.81 -8.39
N VAL A 69 2.20 3.61 -8.60
CA VAL A 69 2.69 4.52 -7.57
C VAL A 69 2.53 5.97 -8.01
N ALA A 70 1.88 6.76 -7.15
CA ALA A 70 1.73 8.19 -7.40
C ALA A 70 2.61 9.02 -6.47
N GLU A 71 3.46 9.85 -7.04
CA GLU A 71 4.43 10.60 -6.26
C GLU A 71 4.04 12.07 -6.16
N ASP A 72 4.32 12.67 -5.01
CA ASP A 72 4.12 14.11 -4.83
C ASP A 72 5.43 14.79 -4.41
N LEU A 73 5.98 15.58 -5.33
CA LEU A 73 7.29 16.19 -5.11
C LEU A 73 7.26 17.13 -3.91
N GLN A 74 6.05 17.58 -3.55
CA GLN A 74 5.90 18.60 -2.52
C GLN A 74 5.96 17.99 -1.13
N SER A 75 5.73 16.69 -1.04
CA SER A 75 5.73 15.98 0.24
C SER A 75 5.77 14.47 0.04
N PRO A 76 6.66 13.81 0.78
CA PRO A 76 6.74 12.34 0.78
C PRO A 76 5.52 11.69 1.40
N MET A 77 4.79 12.45 2.21
CA MET A 77 3.65 11.92 2.95
C MET A 77 2.42 11.81 2.06
N SER A 78 2.50 12.39 0.88
CA SER A 78 1.38 12.40 -0.05
C SER A 78 1.56 11.34 -1.13
N ILE A 79 2.57 10.48 -0.95
CA ILE A 79 2.82 9.40 -1.89
C ILE A 79 1.86 8.24 -1.67
N LYS A 80 1.17 7.85 -2.73
CA LYS A 80 0.16 6.80 -2.63
C LYS A 80 0.50 5.63 -3.56
N VAL A 81 -0.01 4.45 -3.23
CA VAL A 81 0.16 3.28 -4.08
C VAL A 81 -1.17 2.57 -4.31
N ARG A 82 -1.25 1.80 -5.39
CA ARG A 82 -2.45 1.03 -5.69
C ARG A 82 -2.09 -0.28 -6.39
N ARG A 83 -2.82 -1.34 -6.06
CA ARG A 83 -2.70 -2.61 -6.77
C ARG A 83 -3.67 -2.65 -7.95
N LYS A 84 -3.21 -3.20 -9.07
CA LYS A 84 -4.04 -3.32 -10.26
C LYS A 84 -5.34 -4.04 -9.92
N GLU A 85 -6.45 -3.49 -10.40
CA GLU A 85 -7.77 -4.09 -10.17
C GLU A 85 -7.85 -5.48 -10.80
N THR A 86 -8.32 -6.44 -10.02
CA THR A 86 -8.49 -7.80 -10.51
C THR A 86 -9.91 -8.30 -10.31
N TRP A 87 -10.17 -8.92 -9.17
CA TRP A 87 -11.48 -9.48 -8.89
C TRP A 87 -12.50 -8.37 -8.64
N SER A 88 -12.18 -7.48 -7.71
CA SER A 88 -13.07 -6.38 -7.37
C SER A 88 -12.36 -5.33 -6.52
N PRO A 89 -12.69 -4.06 -6.74
CA PRO A 89 -12.20 -2.96 -5.91
C PRO A 89 -12.82 -2.97 -4.51
N TRP A 90 -12.00 -2.70 -3.50
CA TRP A 90 -12.47 -2.67 -2.12
C TRP A 90 -12.55 -1.24 -1.60
N ILE A 91 -13.50 -0.48 -2.12
CA ILE A 91 -13.64 0.92 -1.74
C ILE A 91 -14.94 1.14 -0.96
N LEU A 92 -14.83 1.79 0.19
CA LEU A 92 -15.98 2.07 1.04
C LEU A 92 -16.49 3.49 0.81
N PRO A 93 -17.83 3.64 0.73
CA PRO A 93 -18.47 4.96 0.63
C PRO A 93 -18.08 5.88 1.78
N SER A 94 -17.93 7.17 1.47
CA SER A 94 -17.56 8.15 2.48
C SER A 94 -18.52 8.10 3.67
N GLU A 95 -19.80 7.93 3.37
CA GLU A 95 -20.83 7.93 4.41
C GLU A 95 -20.74 6.69 5.27
N SER A 96 -20.10 5.64 4.74
CA SER A 96 -20.00 4.37 5.44
C SER A 96 -18.74 4.30 6.28
N ARG A 97 -17.75 5.13 5.92
CA ARG A 97 -16.47 5.14 6.61
C ARG A 97 -16.55 5.96 7.89
N LEU A 98 -16.00 5.41 8.98
CA LEU A 98 -15.97 6.12 10.26
C LEU A 98 -14.89 5.55 11.17
N MET A 1 15.96 -14.29 1.08
CA MET A 1 15.34 -13.19 0.33
C MET A 1 16.07 -11.87 0.61
N ASP A 2 16.09 -11.00 -0.40
CA ASP A 2 16.67 -9.67 -0.23
C ASP A 2 15.68 -8.72 0.47
N VAL A 3 16.19 -7.61 0.96
CA VAL A 3 15.37 -6.61 1.63
C VAL A 3 14.27 -6.10 0.71
N GLN A 4 14.65 -5.77 -0.53
CA GLN A 4 13.69 -5.31 -1.52
C GLN A 4 12.66 -6.38 -1.82
N ALA A 5 13.12 -7.63 -1.98
CA ALA A 5 12.23 -8.73 -2.33
C ALA A 5 11.17 -8.94 -1.25
N PHE A 6 11.60 -8.90 0.01
CA PHE A 6 10.69 -9.10 1.13
C PHE A 6 9.65 -7.98 1.21
N LEU A 7 10.12 -6.75 1.12
CA LEU A 7 9.24 -5.59 1.22
C LEU A 7 8.24 -5.56 0.06
N THR A 8 8.70 -5.93 -1.12
CA THR A 8 7.83 -6.01 -2.29
C THR A 8 6.77 -7.09 -2.13
N SER A 9 7.19 -8.24 -1.62
CA SER A 9 6.28 -9.36 -1.41
C SER A 9 5.18 -8.99 -0.42
N GLN A 10 5.55 -8.27 0.62
CA GLN A 10 4.59 -7.83 1.63
C GLN A 10 3.59 -6.84 1.04
N LEU A 11 4.10 -5.91 0.24
CA LEU A 11 3.25 -4.89 -0.38
C LEU A 11 2.25 -5.54 -1.34
N GLU A 12 2.74 -6.45 -2.18
CA GLU A 12 1.90 -7.15 -3.13
C GLU A 12 0.83 -7.97 -2.41
N TYR A 13 1.23 -8.60 -1.32
CA TYR A 13 0.32 -9.46 -0.56
C TYR A 13 -0.80 -8.63 0.09
N TYR A 14 -0.43 -7.47 0.60
CA TYR A 14 -1.36 -6.63 1.34
C TYR A 14 -2.52 -6.16 0.45
N PHE A 15 -2.25 -6.09 -0.85
CA PHE A 15 -3.24 -5.60 -1.80
C PHE A 15 -4.00 -6.75 -2.44
N SER A 16 -3.79 -7.96 -1.92
CA SER A 16 -4.50 -9.13 -2.40
C SER A 16 -5.96 -9.11 -1.95
N ILE A 17 -6.82 -9.77 -2.73
CA ILE A 17 -8.24 -9.82 -2.41
C ILE A 17 -8.49 -10.43 -1.05
N GLU A 18 -7.75 -11.48 -0.73
CA GLU A 18 -7.90 -12.18 0.55
C GLU A 18 -7.54 -11.26 1.71
N ASN A 19 -6.44 -10.53 1.56
CA ASN A 19 -5.97 -9.63 2.60
C ASN A 19 -6.94 -8.48 2.80
N LEU A 20 -7.43 -7.91 1.71
CA LEU A 20 -8.33 -6.77 1.76
C LEU A 20 -9.64 -7.14 2.43
N SER A 21 -10.11 -8.36 2.16
CA SER A 21 -11.38 -8.83 2.72
C SER A 21 -11.27 -8.98 4.24
N LYS A 22 -10.05 -9.18 4.72
CA LYS A 22 -9.83 -9.43 6.15
C LYS A 22 -9.33 -8.17 6.84
N ASP A 23 -8.72 -7.28 6.07
CA ASP A 23 -8.05 -6.11 6.65
C ASP A 23 -8.90 -4.86 6.46
N MET A 24 -9.68 -4.51 7.48
CA MET A 24 -10.59 -3.38 7.40
C MET A 24 -9.81 -2.07 7.33
N PHE A 25 -8.63 -2.04 7.93
CA PHE A 25 -7.84 -0.82 8.01
C PHE A 25 -7.45 -0.33 6.62
N LEU A 26 -7.07 -1.26 5.76
CA LEU A 26 -6.73 -0.92 4.38
C LEU A 26 -7.95 -0.34 3.65
N ARG A 27 -9.10 -0.95 3.86
CA ARG A 27 -10.32 -0.51 3.19
C ARG A 27 -10.71 0.90 3.64
N LYS A 28 -10.63 1.14 4.94
CA LYS A 28 -11.07 2.41 5.52
C LYS A 28 -10.21 3.57 5.00
N HIS A 29 -8.93 3.28 4.77
CA HIS A 29 -7.98 4.32 4.40
C HIS A 29 -7.67 4.26 2.90
N MET A 30 -8.54 3.59 2.15
CA MET A 30 -8.40 3.52 0.70
C MET A 30 -8.99 4.75 0.03
N ASP A 31 -8.32 5.23 -1.02
CA ASP A 31 -8.78 6.41 -1.74
C ASP A 31 -9.90 6.06 -2.72
N ASP A 32 -10.57 7.07 -3.23
CA ASP A 32 -11.65 6.87 -4.18
C ASP A 32 -11.13 6.25 -5.49
N GLU A 33 -9.83 6.39 -5.73
CA GLU A 33 -9.21 5.86 -6.93
C GLU A 33 -8.57 4.51 -6.66
N GLY A 34 -8.82 3.97 -5.47
CA GLY A 34 -8.28 2.67 -5.12
C GLY A 34 -6.80 2.73 -4.77
N TYR A 35 -6.36 3.87 -4.26
CA TYR A 35 -4.97 4.04 -3.86
C TYR A 35 -4.83 4.01 -2.34
N VAL A 36 -3.68 3.52 -1.87
CA VAL A 36 -3.35 3.59 -0.45
C VAL A 36 -2.01 4.27 -0.22
N PRO A 37 -2.00 5.29 0.64
CA PRO A 37 -0.80 6.08 0.92
C PRO A 37 0.37 5.22 1.41
N LEU A 38 1.55 5.47 0.85
CA LEU A 38 2.75 4.75 1.26
C LEU A 38 2.97 4.87 2.76
N ALA A 39 2.75 6.06 3.30
CA ALA A 39 3.00 6.33 4.71
C ALA A 39 2.13 5.46 5.60
N PHE A 40 0.94 5.11 5.10
CA PHE A 40 0.02 4.25 5.84
C PHE A 40 0.49 2.79 5.80
N LEU A 41 1.02 2.38 4.66
CA LEU A 41 1.59 1.04 4.51
C LEU A 41 2.83 0.88 5.40
N ALA A 42 3.61 1.95 5.49
CA ALA A 42 4.82 1.94 6.32
C ALA A 42 4.47 1.84 7.80
N SER A 43 3.22 2.15 8.13
CA SER A 43 2.79 2.20 9.52
C SER A 43 2.42 0.81 10.03
N PHE A 44 2.54 -0.17 9.16
CA PHE A 44 2.25 -1.56 9.53
C PHE A 44 3.40 -2.16 10.33
N ASN A 45 3.11 -2.62 11.54
CA ASN A 45 4.14 -3.11 12.45
C ASN A 45 4.89 -4.28 11.83
N ARG A 46 4.21 -5.04 10.99
CA ARG A 46 4.82 -6.18 10.32
C ARG A 46 5.99 -5.74 9.44
N ILE A 47 5.82 -4.60 8.78
CA ILE A 47 6.84 -4.06 7.90
C ILE A 47 7.91 -3.32 8.70
N LYS A 48 7.48 -2.58 9.72
CA LYS A 48 8.39 -1.78 10.53
C LYS A 48 9.37 -2.68 11.28
N SER A 49 8.93 -3.88 11.63
CA SER A 49 9.80 -4.83 12.32
C SER A 49 10.96 -5.26 11.43
N PHE A 50 10.74 -5.19 10.11
CA PHE A 50 11.77 -5.57 9.15
C PHE A 50 12.55 -4.35 8.68
N SER A 51 11.85 -3.26 8.43
CA SER A 51 12.49 -2.03 7.97
C SER A 51 11.57 -0.84 8.17
N THR A 52 12.11 0.24 8.73
CA THR A 52 11.34 1.46 8.96
C THR A 52 11.66 2.53 7.94
N ASP A 53 12.47 2.16 6.94
CA ASP A 53 12.96 3.13 5.97
C ASP A 53 11.95 3.31 4.83
N LEU A 54 11.30 4.47 4.80
CA LEU A 54 10.28 4.74 3.79
C LEU A 54 10.87 4.65 2.38
N ASN A 55 12.14 5.00 2.25
CA ASN A 55 12.80 5.01 0.95
C ASN A 55 12.90 3.60 0.38
N LEU A 56 13.23 2.65 1.23
CA LEU A 56 13.34 1.25 0.82
C LEU A 56 11.97 0.68 0.48
N LEU A 57 10.95 1.07 1.25
CA LEU A 57 9.58 0.66 0.98
C LEU A 57 9.10 1.21 -0.35
N HIS A 58 9.44 2.47 -0.62
CA HIS A 58 9.08 3.11 -1.89
C HIS A 58 9.73 2.38 -3.06
N ALA A 59 11.02 2.08 -2.92
CA ALA A 59 11.75 1.35 -3.94
C ALA A 59 11.13 -0.03 -4.17
N ALA A 60 10.69 -0.66 -3.08
CA ALA A 60 10.08 -1.99 -3.18
C ALA A 60 8.78 -1.94 -3.96
N ALA A 61 8.00 -0.87 -3.75
CA ALA A 61 6.76 -0.67 -4.50
C ALA A 61 7.05 -0.45 -5.98
N LYS A 62 8.10 0.31 -6.26
CA LYS A 62 8.46 0.64 -7.64
C LYS A 62 9.02 -0.59 -8.36
N ALA A 63 9.55 -1.53 -7.59
CA ALA A 63 10.24 -2.68 -8.15
C ALA A 63 9.25 -3.73 -8.64
N SER A 64 7.98 -3.54 -8.33
CA SER A 64 6.93 -4.47 -8.73
C SER A 64 6.33 -4.06 -10.09
N ASP A 65 6.01 -5.05 -10.90
CA ASP A 65 5.44 -4.80 -12.22
C ASP A 65 3.91 -4.73 -12.15
N ILE A 66 3.37 -5.04 -10.98
CA ILE A 66 1.93 -5.08 -10.80
C ILE A 66 1.46 -4.01 -9.81
N ILE A 67 2.36 -3.08 -9.49
CA ILE A 67 2.01 -1.96 -8.62
C ILE A 67 2.21 -0.63 -9.34
N ASP A 68 1.27 0.29 -9.14
CA ASP A 68 1.37 1.61 -9.73
C ASP A 68 1.60 2.68 -8.65
N VAL A 69 2.54 3.58 -8.91
CA VAL A 69 2.94 4.57 -7.93
C VAL A 69 2.56 5.97 -8.36
N ALA A 70 1.82 6.68 -7.53
CA ALA A 70 1.46 8.07 -7.79
C ALA A 70 2.14 9.01 -6.80
N GLU A 71 2.84 10.01 -7.32
CA GLU A 71 3.63 10.90 -6.49
C GLU A 71 3.11 12.33 -6.55
N ASP A 72 3.19 13.03 -5.43
CA ASP A 72 2.94 14.47 -5.41
C ASP A 72 4.24 15.25 -5.19
N LEU A 73 4.65 15.99 -6.21
CA LEU A 73 5.96 16.65 -6.21
C LEU A 73 6.06 17.64 -5.06
N GLN A 74 4.91 18.13 -4.61
CA GLN A 74 4.88 19.18 -3.58
C GLN A 74 4.79 18.56 -2.19
N SER A 75 4.50 17.27 -2.14
CA SER A 75 4.30 16.59 -0.86
C SER A 75 4.78 15.14 -0.93
N PRO A 76 6.06 14.92 -0.57
CA PRO A 76 6.68 13.60 -0.63
C PRO A 76 5.96 12.57 0.24
N MET A 77 5.24 13.06 1.24
CA MET A 77 4.55 12.18 2.19
C MET A 77 3.19 11.76 1.65
N SER A 78 2.79 12.35 0.52
CA SER A 78 1.48 12.10 -0.05
C SER A 78 1.56 11.05 -1.17
N ILE A 79 2.71 10.37 -1.24
CA ILE A 79 2.91 9.34 -2.25
C ILE A 79 2.07 8.10 -1.95
N LYS A 80 1.23 7.71 -2.92
CA LYS A 80 0.33 6.59 -2.73
C LYS A 80 0.50 5.55 -3.84
N VAL A 81 0.12 4.32 -3.55
CA VAL A 81 0.29 3.22 -4.51
C VAL A 81 -0.98 2.39 -4.61
N ARG A 82 -1.10 1.65 -5.71
CA ARG A 82 -2.19 0.69 -5.86
C ARG A 82 -1.72 -0.54 -6.65
N ARG A 83 -2.43 -1.65 -6.46
CA ARG A 83 -2.19 -2.84 -7.28
C ARG A 83 -2.90 -2.73 -8.62
N LYS A 84 -2.24 -3.21 -9.67
CA LYS A 84 -2.82 -3.18 -11.01
C LYS A 84 -3.52 -4.49 -11.33
N GLU A 85 -4.09 -4.58 -12.52
CA GLU A 85 -4.76 -5.80 -12.97
C GLU A 85 -5.96 -6.12 -12.08
N THR A 86 -6.66 -5.08 -11.65
CA THR A 86 -7.90 -5.25 -10.90
C THR A 86 -8.84 -4.06 -11.12
N TRP A 87 -10.13 -4.35 -11.25
CA TRP A 87 -11.14 -3.30 -11.43
C TRP A 87 -12.18 -3.35 -10.32
N SER A 88 -11.83 -4.00 -9.21
CA SER A 88 -12.76 -4.17 -8.10
C SER A 88 -12.09 -3.85 -6.77
N PRO A 89 -11.78 -2.56 -6.57
CA PRO A 89 -11.21 -2.09 -5.30
C PRO A 89 -12.22 -2.14 -4.16
N TRP A 90 -11.71 -2.36 -2.94
CA TRP A 90 -12.57 -2.46 -1.77
C TRP A 90 -12.66 -1.13 -1.03
N ILE A 91 -13.52 -0.25 -1.55
CA ILE A 91 -13.63 1.11 -1.01
C ILE A 91 -14.86 1.25 -0.12
N LEU A 92 -14.67 1.80 1.07
CA LEU A 92 -15.77 2.00 2.00
C LEU A 92 -16.30 3.43 1.91
N PRO A 93 -17.62 3.59 2.11
CA PRO A 93 -18.26 4.91 2.18
C PRO A 93 -17.63 5.81 3.23
N SER A 94 -17.58 7.11 2.93
CA SER A 94 -16.94 8.07 3.82
C SER A 94 -17.44 7.90 5.25
N GLU A 95 -18.74 7.66 5.39
CA GLU A 95 -19.35 7.56 6.71
C GLU A 95 -18.90 6.29 7.42
N SER A 96 -18.44 5.31 6.65
CA SER A 96 -18.02 4.03 7.20
C SER A 96 -16.53 4.03 7.50
N ARG A 97 -15.80 4.94 6.85
CA ARG A 97 -14.35 5.02 7.02
C ARG A 97 -13.99 5.46 8.43
N LEU A 98 -14.81 6.35 9.00
CA LEU A 98 -14.56 6.88 10.33
C LEU A 98 -13.14 7.43 10.44
N MET A 1 17.47 -13.43 -0.76
CA MET A 1 16.34 -12.52 -0.66
C MET A 1 16.82 -11.13 -0.22
N ASP A 2 16.71 -10.16 -1.12
CA ASP A 2 17.14 -8.80 -0.83
C ASP A 2 16.09 -8.06 0.00
N VAL A 3 16.49 -6.93 0.58
CA VAL A 3 15.57 -6.11 1.36
C VAL A 3 14.39 -5.65 0.51
N GLN A 4 14.68 -5.23 -0.72
CA GLN A 4 13.64 -4.83 -1.65
C GLN A 4 12.68 -5.96 -1.93
N ALA A 5 13.22 -7.15 -2.16
CA ALA A 5 12.42 -8.32 -2.49
C ALA A 5 11.43 -8.63 -1.37
N PHE A 6 11.91 -8.59 -0.13
CA PHE A 6 11.07 -8.87 1.02
C PHE A 6 9.97 -7.83 1.18
N LEU A 7 10.34 -6.55 1.08
CA LEU A 7 9.40 -5.46 1.24
C LEU A 7 8.33 -5.50 0.16
N THR A 8 8.75 -5.81 -1.06
CA THR A 8 7.83 -5.93 -2.19
C THR A 8 6.84 -7.07 -1.98
N SER A 9 7.36 -8.21 -1.53
CA SER A 9 6.53 -9.40 -1.32
C SER A 9 5.47 -9.12 -0.27
N GLN A 10 5.86 -8.43 0.80
CA GLN A 10 4.93 -8.10 1.88
C GLN A 10 3.85 -7.13 1.39
N LEU A 11 4.26 -6.14 0.61
CA LEU A 11 3.34 -5.17 0.06
C LEU A 11 2.32 -5.84 -0.88
N GLU A 12 2.82 -6.73 -1.73
CA GLU A 12 1.94 -7.48 -2.63
C GLU A 12 0.96 -8.33 -1.84
N TYR A 13 1.43 -8.91 -0.75
CA TYR A 13 0.57 -9.73 0.11
C TYR A 13 -0.49 -8.87 0.78
N TYR A 14 -0.11 -7.69 1.22
CA TYR A 14 -1.03 -6.78 1.91
C TYR A 14 -2.12 -6.30 0.96
N PHE A 15 -1.78 -6.18 -0.32
CA PHE A 15 -2.72 -5.72 -1.32
C PHE A 15 -3.36 -6.90 -2.06
N SER A 16 -3.20 -8.09 -1.51
CA SER A 16 -3.82 -9.28 -2.07
C SER A 16 -5.32 -9.29 -1.83
N ILE A 17 -6.06 -9.97 -2.70
CA ILE A 17 -7.51 -10.04 -2.58
C ILE A 17 -7.92 -10.66 -1.25
N GLU A 18 -7.22 -11.72 -0.84
CA GLU A 18 -7.54 -12.41 0.39
C GLU A 18 -7.36 -11.50 1.61
N ASN A 19 -6.25 -10.76 1.62
CA ASN A 19 -5.95 -9.86 2.72
C ASN A 19 -6.94 -8.71 2.78
N LEU A 20 -7.26 -8.16 1.61
CA LEU A 20 -8.14 -6.99 1.53
C LEU A 20 -9.54 -7.34 2.02
N SER A 21 -9.98 -8.56 1.72
CA SER A 21 -11.30 -9.03 2.14
C SER A 21 -11.38 -9.12 3.66
N LYS A 22 -10.22 -9.28 4.29
CA LYS A 22 -10.16 -9.47 5.74
C LYS A 22 -9.74 -8.19 6.44
N ASP A 23 -9.04 -7.33 5.72
CA ASP A 23 -8.45 -6.14 6.32
C ASP A 23 -9.32 -4.91 6.07
N MET A 24 -10.21 -4.61 7.01
CA MET A 24 -11.15 -3.52 6.85
C MET A 24 -10.44 -2.18 6.87
N PHE A 25 -9.33 -2.11 7.61
CA PHE A 25 -8.61 -0.85 7.78
C PHE A 25 -8.11 -0.32 6.45
N LEU A 26 -7.57 -1.21 5.62
CA LEU A 26 -7.12 -0.84 4.28
C LEU A 26 -8.27 -0.30 3.45
N ARG A 27 -9.40 -0.99 3.50
CA ARG A 27 -10.57 -0.63 2.70
C ARG A 27 -11.08 0.76 3.09
N LYS A 28 -11.12 1.02 4.38
CA LYS A 28 -11.61 2.30 4.89
C LYS A 28 -10.66 3.44 4.50
N HIS A 29 -9.37 3.15 4.49
CA HIS A 29 -8.36 4.17 4.22
C HIS A 29 -8.30 4.50 2.73
N MET A 30 -8.67 3.53 1.90
CA MET A 30 -8.64 3.71 0.46
C MET A 30 -9.55 4.87 0.04
N ASP A 31 -9.06 5.70 -0.88
CA ASP A 31 -9.87 6.77 -1.45
C ASP A 31 -10.58 6.30 -2.71
N ASP A 32 -11.13 7.25 -3.46
CA ASP A 32 -11.96 6.93 -4.62
C ASP A 32 -11.16 6.22 -5.70
N GLU A 33 -9.84 6.40 -5.65
CA GLU A 33 -8.95 5.78 -6.62
C GLU A 33 -8.29 4.53 -6.05
N GLY A 34 -8.66 4.19 -4.82
CA GLY A 34 -8.11 3.00 -4.18
C GLY A 34 -6.67 3.22 -3.73
N TYR A 35 -6.29 4.47 -3.55
CA TYR A 35 -4.92 4.81 -3.15
C TYR A 35 -4.74 4.68 -1.64
N VAL A 36 -3.60 4.17 -1.23
CA VAL A 36 -3.24 4.11 0.19
C VAL A 36 -1.89 4.77 0.44
N PRO A 37 -1.87 5.73 1.38
CA PRO A 37 -0.66 6.50 1.70
C PRO A 37 0.50 5.61 2.11
N LEU A 38 1.69 5.93 1.61
CA LEU A 38 2.90 5.20 1.98
C LEU A 38 3.08 5.17 3.50
N ALA A 39 2.75 6.30 4.14
CA ALA A 39 2.94 6.43 5.57
C ALA A 39 2.14 5.37 6.35
N PHE A 40 1.04 4.94 5.75
CA PHE A 40 0.18 3.93 6.39
C PHE A 40 0.80 2.55 6.28
N LEU A 41 1.47 2.29 5.17
CA LEU A 41 2.10 1.00 4.94
C LEU A 41 3.21 0.75 5.96
N ALA A 42 3.91 1.82 6.34
CA ALA A 42 5.00 1.72 7.31
C ALA A 42 4.49 1.30 8.68
N SER A 43 3.18 1.45 8.89
CA SER A 43 2.58 1.16 10.18
C SER A 43 2.39 -0.34 10.38
N PHE A 44 2.64 -1.10 9.33
CA PHE A 44 2.54 -2.56 9.41
C PHE A 44 3.74 -3.14 10.14
N ASN A 45 3.47 -3.92 11.17
CA ASN A 45 4.52 -4.40 12.07
C ASN A 45 5.56 -5.21 11.30
N ARG A 46 5.10 -5.94 10.28
CA ARG A 46 5.99 -6.74 9.46
C ARG A 46 7.01 -5.87 8.74
N ILE A 47 6.56 -4.72 8.24
CA ILE A 47 7.42 -3.79 7.54
C ILE A 47 8.26 -2.96 8.50
N LYS A 48 7.62 -2.51 9.58
CA LYS A 48 8.26 -1.64 10.55
C LYS A 48 9.43 -2.34 11.23
N SER A 49 9.27 -3.64 11.48
CA SER A 49 10.29 -4.42 12.16
C SER A 49 11.47 -4.69 11.22
N PHE A 50 11.19 -4.74 9.92
CA PHE A 50 12.19 -5.10 8.93
C PHE A 50 12.93 -3.87 8.43
N SER A 51 12.18 -2.81 8.14
CA SER A 51 12.77 -1.58 7.65
C SER A 51 11.79 -0.42 7.78
N THR A 52 12.24 0.67 8.40
CA THR A 52 11.40 1.85 8.60
C THR A 52 11.71 2.93 7.57
N ASP A 53 12.54 2.58 6.60
CA ASP A 53 12.97 3.54 5.59
C ASP A 53 11.94 3.67 4.47
N LEU A 54 11.27 4.81 4.42
CA LEU A 54 10.21 5.04 3.44
C LEU A 54 10.74 4.91 2.02
N ASN A 55 12.00 5.29 1.83
CA ASN A 55 12.62 5.28 0.50
C ASN A 55 12.72 3.86 -0.03
N LEU A 56 13.12 2.93 0.83
CA LEU A 56 13.22 1.52 0.46
C LEU A 56 11.84 0.92 0.24
N LEU A 57 10.90 1.30 1.10
CA LEU A 57 9.52 0.84 0.97
C LEU A 57 8.89 1.34 -0.33
N HIS A 58 9.15 2.60 -0.65
CA HIS A 58 8.64 3.19 -1.89
C HIS A 58 9.21 2.47 -3.10
N ALA A 59 10.52 2.24 -3.10
CA ALA A 59 11.18 1.52 -4.19
C ALA A 59 10.60 0.12 -4.33
N ALA A 60 10.31 -0.53 -3.21
CA ALA A 60 9.74 -1.87 -3.21
C ALA A 60 8.35 -1.87 -3.83
N ALA A 61 7.57 -0.85 -3.52
CA ALA A 61 6.22 -0.72 -4.07
C ALA A 61 6.26 -0.54 -5.57
N LYS A 62 7.22 0.23 -6.06
CA LYS A 62 7.35 0.50 -7.48
C LYS A 62 7.84 -0.74 -8.23
N ALA A 63 8.45 -1.66 -7.50
CA ALA A 63 9.08 -2.82 -8.10
C ALA A 63 8.06 -3.91 -8.41
N SER A 64 6.83 -3.70 -7.95
CA SER A 64 5.75 -4.67 -8.17
C SER A 64 5.03 -4.38 -9.48
N ASP A 65 4.60 -5.43 -10.15
CA ASP A 65 3.91 -5.30 -11.43
C ASP A 65 2.41 -5.19 -11.23
N ILE A 66 1.96 -5.37 -10.00
CA ILE A 66 0.54 -5.36 -9.69
C ILE A 66 0.18 -4.20 -8.78
N ILE A 67 1.12 -3.27 -8.61
CA ILE A 67 0.88 -2.07 -7.82
C ILE A 67 1.11 -0.81 -8.65
N ASP A 68 0.21 0.15 -8.50
CA ASP A 68 0.35 1.45 -9.16
C ASP A 68 0.71 2.53 -8.14
N VAL A 69 1.75 3.30 -8.46
CA VAL A 69 2.31 4.27 -7.52
C VAL A 69 2.11 5.69 -8.01
N ALA A 70 1.54 6.54 -7.15
CA ALA A 70 1.39 7.95 -7.46
C ALA A 70 2.33 8.80 -6.61
N GLU A 71 3.16 9.62 -7.28
CA GLU A 71 4.18 10.39 -6.59
C GLU A 71 3.78 11.86 -6.51
N ASP A 72 4.12 12.50 -5.40
CA ASP A 72 3.92 13.94 -5.25
C ASP A 72 5.24 14.67 -5.04
N LEU A 73 5.66 15.45 -6.04
CA LEU A 73 6.96 16.10 -6.00
C LEU A 73 7.03 17.09 -4.85
N GLN A 74 5.88 17.51 -4.34
CA GLN A 74 5.82 18.55 -3.34
C GLN A 74 6.09 18.00 -1.95
N SER A 75 5.91 16.69 -1.79
CA SER A 75 6.11 16.03 -0.51
C SER A 75 6.17 14.51 -0.67
N PRO A 76 7.19 13.90 -0.06
CA PRO A 76 7.34 12.44 -0.04
C PRO A 76 6.23 11.76 0.76
N MET A 77 5.61 12.51 1.67
CA MET A 77 4.60 11.96 2.57
C MET A 77 3.26 11.83 1.88
N SER A 78 3.16 12.40 0.68
CA SER A 78 1.91 12.39 -0.08
C SER A 78 1.94 11.30 -1.15
N ILE A 79 2.94 10.44 -1.09
CA ILE A 79 3.07 9.34 -2.03
C ILE A 79 2.11 8.21 -1.68
N LYS A 80 1.27 7.82 -2.64
CA LYS A 80 0.26 6.79 -2.42
C LYS A 80 0.42 5.65 -3.42
N VAL A 81 -0.04 4.46 -3.02
CA VAL A 81 -0.03 3.31 -3.90
C VAL A 81 -1.38 2.61 -3.90
N ARG A 82 -1.66 1.86 -4.97
CA ARG A 82 -2.90 1.11 -5.07
C ARG A 82 -2.67 -0.24 -5.75
N ARG A 83 -3.55 -1.19 -5.49
CA ARG A 83 -3.56 -2.45 -6.21
C ARG A 83 -4.04 -2.24 -7.66
N LYS A 84 -3.47 -3.01 -8.58
CA LYS A 84 -3.92 -3.00 -9.96
C LYS A 84 -5.43 -3.19 -10.05
N GLU A 85 -6.04 -2.55 -11.04
CA GLU A 85 -7.49 -2.61 -11.20
C GLU A 85 -7.90 -3.84 -12.00
N THR A 86 -7.06 -4.87 -11.96
CA THR A 86 -7.36 -6.14 -12.62
C THR A 86 -8.65 -6.74 -12.06
N TRP A 87 -8.86 -6.57 -10.77
CA TRP A 87 -10.02 -7.15 -10.10
C TRP A 87 -10.93 -6.07 -9.52
N SER A 88 -12.14 -6.45 -9.17
CA SER A 88 -13.10 -5.52 -8.58
C SER A 88 -12.49 -4.80 -7.38
N PRO A 89 -12.84 -3.51 -7.22
CA PRO A 89 -12.33 -2.68 -6.12
C PRO A 89 -12.95 -3.08 -4.78
N TRP A 90 -12.21 -2.82 -3.70
CA TRP A 90 -12.73 -3.03 -2.36
C TRP A 90 -12.96 -1.69 -1.65
N ILE A 91 -13.17 -0.64 -2.42
CA ILE A 91 -13.28 0.71 -1.87
C ILE A 91 -14.61 0.90 -1.15
N LEU A 92 -14.55 1.45 0.06
CA LEU A 92 -15.74 1.71 0.85
C LEU A 92 -16.22 3.15 0.67
N PRO A 93 -17.50 3.39 0.97
CA PRO A 93 -18.09 4.74 0.88
C PRO A 93 -17.32 5.76 1.70
N SER A 94 -17.31 7.00 1.24
CA SER A 94 -16.56 8.06 1.89
C SER A 94 -16.89 8.14 3.37
N GLU A 95 -18.14 7.85 3.71
CA GLU A 95 -18.62 7.98 5.08
C GLU A 95 -17.95 6.95 5.99
N SER A 96 -17.39 5.90 5.39
CA SER A 96 -16.79 4.81 6.15
C SER A 96 -15.33 5.09 6.44
N ARG A 97 -14.81 6.17 5.85
CA ARG A 97 -13.40 6.52 5.99
C ARG A 97 -13.08 6.91 7.43
N LEU A 98 -11.86 6.62 7.86
CA LEU A 98 -11.39 7.01 9.20
C LEU A 98 -10.52 8.25 9.13
#